data_5TXE
#
_entry.id   5TXE
#
_cell.length_a   151.253
_cell.length_b   202.854
_cell.length_c   110.399
_cell.angle_alpha   90.00
_cell.angle_beta   90.00
_cell.angle_gamma   90.00
#
_symmetry.space_group_name_H-M   'C 2 2 2'
#
loop_
_entity.id
_entity.type
_entity.pdbx_description
1 polymer AtxE2
2 polymer Astexin3-dC4
3 water water
#
loop_
_entity_poly.entity_id
_entity_poly.type
_entity_poly.pdbx_seq_one_letter_code
_entity_poly.pdbx_strand_id
1 'polypeptide(L)'
;MRSSKIRCPGAIRVGTLVTAFGCLPHVAFAAAREAPPVTPEVLVRLADIGTMSASETTPLLSLSPDGRYVAFQVRQADPV
TNLNVFRMVVKATDGATDAIDVDVGGEYLFWTIPSWGYARNAPSGANLTIQPRWSPSGTHLAYLRQDQGRVRVWRASVKG
EGASPVIEDAYDIEDVQWLDDNTLIYSGRPGFVEAEAEIEREGRRGWVYDERFHPLTGARPRVLEPISIVYQVLDLKTGT
RRAATPTEVARLREKPDPLRAMVGRTTFSVSRTDPQNINAPTTLVARRGEGEPVRCDEEACQNITRMWGDETANVLYFLR
REGWASNEMALYRMPADALKPVRIWHATGLLQGCERQAKRLICAQESALQPRRLVTLNLTSGQMSPLYDPNPDLSRYRLP
KVERLTLRNRNGIEVFSDLVLPPDYQLGTRLPLVIVQYSSRGFLRGGTGDENPILPLATAGFAVLSFHSPRSEASYQRFT
SPIAQSKAEYSNWRNRWNILHTLEDLIDDLDRRGVIDPARVGLTGLADGATTVHFGLINSHRFAAAVTSSCCTDSFTASV
MNGPRISGALKAYGIETDQADDGPFWAATSFVVNASRLDTPLLIQSADEEYLGALPGFTALQQARKPVELIIYPNEHHVK
WQPAHRLAVYNRTIDWFRFWLMDQSDPAPDKAAQYDRWRALRALRQKSPSPTPAPGSRSHHHHHH
;
A,B
2 'polypeptide(L)' GPTPMVGLDSVSGQYWDQHAPLAD C,D
#
# COMPACT_ATOMS: atom_id res chain seq x y z
N ALA A 35 -40.95 3.63 -24.87
CA ALA A 35 -39.49 3.45 -25.22
C ALA A 35 -38.61 3.47 -23.96
N PRO A 36 -37.79 2.43 -23.78
CA PRO A 36 -37.11 2.31 -22.51
C PRO A 36 -36.06 3.43 -22.24
N PRO A 37 -35.81 3.69 -20.97
CA PRO A 37 -34.94 4.73 -20.56
C PRO A 37 -33.45 4.27 -20.68
N VAL A 38 -32.52 5.22 -20.81
CA VAL A 38 -31.10 4.91 -20.72
C VAL A 38 -30.70 4.89 -19.26
N THR A 39 -30.39 3.68 -18.79
CA THR A 39 -30.04 3.44 -17.40
C THR A 39 -28.53 3.23 -17.25
N PRO A 40 -28.05 3.20 -16.00
CA PRO A 40 -26.61 2.89 -15.85
C PRO A 40 -26.20 1.54 -16.47
N GLU A 41 -27.09 0.56 -16.40
CA GLU A 41 -26.88 -0.79 -17.02
C GLU A 41 -26.73 -0.70 -18.54
N VAL A 42 -27.49 0.20 -19.17
CA VAL A 42 -27.38 0.40 -20.60
C VAL A 42 -26.07 1.14 -20.92
N LEU A 43 -25.79 2.20 -20.18
CA LEU A 43 -24.63 3.05 -20.47
C LEU A 43 -23.32 2.30 -20.34
N VAL A 44 -23.16 1.54 -19.27
CA VAL A 44 -21.90 0.86 -19.07
C VAL A 44 -21.64 -0.18 -20.16
N ARG A 45 -22.70 -0.70 -20.78
CA ARG A 45 -22.52 -1.67 -21.85
C ARG A 45 -22.37 -1.09 -23.26
N LEU A 46 -22.46 0.22 -23.42
CA LEU A 46 -22.27 0.83 -24.80
C LEU A 46 -20.83 0.65 -25.23
N ALA A 47 -20.64 -0.05 -26.35
CA ALA A 47 -19.33 -0.39 -26.83
C ALA A 47 -18.57 0.85 -27.29
N ASP A 48 -17.26 0.70 -27.42
CA ASP A 48 -16.38 1.79 -27.80
C ASP A 48 -15.29 1.27 -28.77
N ILE A 49 -14.63 2.21 -29.42
CA ILE A 49 -13.55 1.94 -30.34
C ILE A 49 -12.38 2.84 -30.00
N GLY A 50 -11.25 2.24 -29.65
CA GLY A 50 -10.05 3.02 -29.25
C GLY A 50 -10.08 3.52 -27.81
N THR A 51 -9.06 4.29 -27.43
CA THR A 51 -8.94 4.75 -26.05
C THR A 51 -10.09 5.65 -25.68
N MET A 52 -10.28 5.77 -24.40
CA MET A 52 -11.41 6.47 -23.85
C MET A 52 -11.59 7.85 -24.42
N SER A 53 -10.53 8.63 -24.40
CA SER A 53 -10.60 9.99 -24.83
C SER A 53 -9.84 10.12 -26.12
N ALA A 54 -10.55 10.19 -27.23
CA ALA A 54 -9.93 10.14 -28.52
C ALA A 54 -10.10 11.46 -29.23
N SER A 55 -9.11 11.81 -30.04
CA SER A 55 -9.20 13.03 -30.82
C SER A 55 -8.76 12.78 -32.27
N GLU A 56 -8.47 13.86 -32.99
CA GLU A 56 -8.18 13.77 -34.42
C GLU A 56 -7.09 12.83 -34.84
N THR A 57 -6.04 12.75 -34.06
CA THR A 57 -4.91 11.91 -34.40
C THR A 57 -4.87 10.59 -33.68
N THR A 58 -5.94 10.22 -33.00
CA THR A 58 -5.95 8.93 -32.30
C THR A 58 -5.94 7.82 -33.35
N PRO A 59 -4.93 6.97 -33.35
CA PRO A 59 -4.82 6.00 -34.47
C PRO A 59 -5.68 4.74 -34.34
N LEU A 60 -6.98 4.93 -34.26
CA LEU A 60 -7.89 3.86 -33.82
C LEU A 60 -8.41 2.95 -34.96
N LEU A 61 -8.04 3.27 -36.19
CA LEU A 61 -8.42 2.45 -37.33
C LEU A 61 -7.31 2.42 -38.34
N SER A 62 -7.33 1.40 -39.20
CA SER A 62 -6.38 1.29 -40.25
C SER A 62 -7.01 0.80 -41.53
N LEU A 63 -6.77 1.50 -42.63
CA LEU A 63 -7.31 1.07 -43.95
C LEU A 63 -6.38 0.08 -44.58
N SER A 64 -6.96 -0.90 -45.25
CA SER A 64 -6.14 -1.82 -46.03
C SER A 64 -5.31 -1.05 -47.12
N PRO A 65 -4.18 -1.60 -47.57
CA PRO A 65 -3.39 -1.04 -48.68
C PRO A 65 -4.22 -0.64 -49.90
N ASP A 66 -5.18 -1.45 -50.33
CA ASP A 66 -6.03 -1.04 -51.46
C ASP A 66 -7.19 -0.14 -51.07
N GLY A 67 -7.31 0.18 -49.78
CA GLY A 67 -8.41 1.06 -49.34
C GLY A 67 -9.80 0.46 -49.21
N ARG A 68 -9.96 -0.80 -49.51
CA ARG A 68 -11.31 -1.38 -49.55
C ARG A 68 -11.84 -1.89 -48.21
N TYR A 69 -10.95 -2.03 -47.22
CA TYR A 69 -11.35 -2.52 -45.89
C TYR A 69 -10.81 -1.61 -44.78
N VAL A 70 -11.54 -1.55 -43.68
CA VAL A 70 -11.06 -0.85 -42.50
C VAL A 70 -11.03 -1.85 -41.34
N ALA A 71 -9.94 -1.85 -40.59
CA ALA A 71 -9.75 -2.69 -39.43
C ALA A 71 -9.64 -1.83 -38.17
N PHE A 72 -10.24 -2.31 -37.09
CA PHE A 72 -10.32 -1.57 -35.85
C PHE A 72 -10.77 -2.51 -34.73
N GLN A 73 -10.49 -2.14 -33.47
CA GLN A 73 -10.89 -2.87 -32.28
C GLN A 73 -12.08 -2.31 -31.60
N VAL A 74 -12.99 -3.20 -31.24
CA VAL A 74 -14.22 -2.87 -30.48
C VAL A 74 -14.10 -3.44 -29.09
N ARG A 75 -14.49 -2.64 -28.12
CA ARG A 75 -14.43 -3.03 -26.73
C ARG A 75 -15.83 -2.90 -26.20
N GLN A 76 -16.25 -3.93 -25.50
CA GLN A 76 -17.53 -3.88 -24.85
C GLN A 76 -17.50 -4.45 -23.44
N ALA A 77 -18.03 -3.67 -22.52
CA ALA A 77 -17.89 -3.96 -21.09
C ALA A 77 -19.06 -4.78 -20.59
N ASP A 78 -18.76 -5.72 -19.71
CA ASP A 78 -19.79 -6.57 -19.12
C ASP A 78 -19.62 -6.53 -17.63
N PRO A 79 -20.55 -5.88 -16.93
CA PRO A 79 -20.42 -5.66 -15.49
C PRO A 79 -20.79 -6.87 -14.64
N VAL A 80 -21.41 -7.89 -15.25
CA VAL A 80 -21.75 -9.10 -14.52
C VAL A 80 -20.54 -9.98 -14.43
N THR A 81 -19.84 -10.18 -15.55
CA THR A 81 -18.61 -10.96 -15.52
C THR A 81 -17.47 -10.09 -15.12
N ASN A 82 -17.68 -8.77 -15.11
CA ASN A 82 -16.63 -7.81 -14.72
C ASN A 82 -15.42 -7.88 -15.62
N LEU A 83 -15.69 -7.94 -16.91
CA LEU A 83 -14.69 -8.06 -17.95
C LEU A 83 -15.09 -7.29 -19.18
N ASN A 84 -14.13 -6.58 -19.74
CA ASN A 84 -14.22 -6.12 -21.10
C ASN A 84 -13.99 -7.25 -22.08
N VAL A 85 -14.74 -7.23 -23.16
CA VAL A 85 -14.58 -8.15 -24.26
C VAL A 85 -14.07 -7.34 -25.47
N PHE A 86 -12.93 -7.74 -26.00
CA PHE A 86 -12.35 -7.08 -27.15
C PHE A 86 -12.51 -7.91 -28.43
N ARG A 87 -12.75 -7.24 -29.56
CA ARG A 87 -12.88 -7.90 -30.90
C ARG A 87 -12.08 -7.06 -31.90
N MET A 88 -11.28 -7.72 -32.72
CA MET A 88 -10.68 -7.08 -33.87
C MET A 88 -11.63 -7.27 -35.07
N VAL A 89 -12.07 -6.16 -35.64
CA VAL A 89 -13.10 -6.12 -36.66
C VAL A 89 -12.61 -5.61 -38.04
N VAL A 90 -13.08 -6.22 -39.13
CA VAL A 90 -12.76 -5.81 -40.48
C VAL A 90 -14.08 -5.53 -41.18
N LYS A 91 -14.19 -4.39 -41.84
CA LYS A 91 -15.43 -3.96 -42.48
C LYS A 91 -15.10 -3.36 -43.86
N ALA A 92 -15.83 -3.77 -44.89
CA ALA A 92 -15.59 -3.22 -46.25
C ALA A 92 -16.00 -1.78 -46.26
N THR A 93 -15.15 -0.93 -46.81
CA THR A 93 -15.45 0.49 -46.83
C THR A 93 -16.59 0.85 -47.76
N ASP A 94 -17.00 -0.03 -48.66
CA ASP A 94 -18.18 0.28 -49.53
C ASP A 94 -19.54 0.10 -48.86
N GLY A 95 -19.57 -0.43 -47.65
CA GLY A 95 -20.84 -0.54 -46.96
C GLY A 95 -21.72 -1.70 -47.32
N ALA A 96 -21.30 -2.54 -48.28
CA ALA A 96 -22.19 -3.56 -48.84
C ALA A 96 -22.23 -4.89 -48.07
N THR A 97 -21.19 -5.19 -47.29
CA THR A 97 -21.11 -6.44 -46.53
C THR A 97 -21.02 -6.16 -45.01
N ASP A 98 -21.52 -7.10 -44.23
CA ASP A 98 -21.39 -7.00 -42.78
C ASP A 98 -19.92 -7.02 -42.35
N ALA A 99 -19.64 -6.35 -41.23
CA ALA A 99 -18.37 -6.49 -40.55
C ALA A 99 -18.17 -7.93 -40.10
N ILE A 100 -16.92 -8.32 -40.00
CA ILE A 100 -16.49 -9.63 -39.62
C ILE A 100 -15.59 -9.47 -38.38
N ASP A 101 -15.77 -10.30 -37.36
CA ASP A 101 -14.81 -10.38 -36.25
C ASP A 101 -13.68 -11.27 -36.68
N VAL A 102 -12.45 -10.77 -36.73
CA VAL A 102 -11.34 -11.62 -37.12
C VAL A 102 -10.50 -12.11 -35.93
N ASP A 103 -10.79 -11.60 -34.74
CA ASP A 103 -10.23 -12.11 -33.48
C ASP A 103 -11.16 -11.65 -32.39
N VAL A 104 -11.29 -12.45 -31.33
CA VAL A 104 -12.06 -12.10 -30.18
C VAL A 104 -11.19 -12.48 -29.01
N GLY A 105 -11.08 -11.59 -28.02
CA GLY A 105 -10.31 -11.92 -26.80
C GLY A 105 -9.20 -10.94 -26.45
N GLY A 106 -8.58 -11.20 -25.32
CA GLY A 106 -7.54 -10.37 -24.79
C GLY A 106 -7.98 -9.65 -23.52
N GLU A 107 -6.96 -9.22 -22.76
CA GLU A 107 -7.11 -8.47 -21.55
C GLU A 107 -7.03 -6.96 -21.82
N TYR A 108 -7.53 -6.16 -20.88
CA TYR A 108 -7.49 -4.72 -20.96
C TYR A 108 -6.05 -4.32 -20.86
N LEU A 109 -5.54 -3.74 -21.95
CA LEU A 109 -4.14 -3.38 -22.10
C LEU A 109 -3.95 -1.89 -21.78
N PHE A 110 -3.26 -1.60 -20.69
CA PHE A 110 -3.16 -0.23 -20.25
C PHE A 110 -2.25 0.61 -21.16
N TRP A 111 -2.62 1.84 -21.39
CA TRP A 111 -1.73 2.80 -22.03
C TRP A 111 -0.73 3.26 -21.00
N THR A 112 0.55 2.98 -21.21
CA THR A 112 1.57 3.43 -20.27
C THR A 112 2.64 4.15 -21.04
N ILE A 113 3.29 5.08 -20.38
CA ILE A 113 4.42 5.83 -20.97
C ILE A 113 5.48 6.14 -19.90
N PRO A 114 6.70 6.50 -20.34
CA PRO A 114 7.67 7.08 -19.43
C PRO A 114 7.17 8.47 -19.03
N SER A 115 7.41 8.87 -17.80
CA SER A 115 7.12 10.22 -17.29
C SER A 115 7.99 10.46 -16.06
N TRP A 116 8.37 11.74 -15.91
CA TRP A 116 9.09 12.25 -14.75
C TRP A 116 10.44 11.66 -14.53
N GLY A 117 10.98 11.03 -15.57
CA GLY A 117 12.21 10.29 -15.41
C GLY A 117 12.05 8.84 -15.01
N TYR A 118 10.81 8.38 -14.87
CA TYR A 118 10.53 6.97 -14.73
C TYR A 118 10.34 6.33 -16.10
N ALA A 119 10.81 5.10 -16.23
CA ALA A 119 10.63 4.35 -17.48
C ALA A 119 9.17 3.95 -17.74
N ARG A 120 8.39 3.84 -16.69
CA ARG A 120 6.98 3.55 -16.83
C ARG A 120 6.18 4.17 -15.69
N ASN A 121 5.43 5.22 -15.94
CA ASN A 121 4.68 5.88 -14.89
C ASN A 121 3.52 4.96 -14.48
N ALA A 122 2.86 5.22 -13.37
CA ALA A 122 1.65 4.49 -13.09
C ALA A 122 0.63 4.68 -14.26
N PRO A 123 -0.09 3.63 -14.63
CA PRO A 123 -1.10 3.74 -15.67
C PRO A 123 -2.21 4.73 -15.29
N SER A 124 -2.64 5.56 -16.24
CA SER A 124 -3.74 6.45 -16.00
C SER A 124 -4.98 5.57 -15.76
N GLY A 125 -4.98 4.39 -16.39
CA GLY A 125 -6.14 3.49 -16.41
C GLY A 125 -6.83 3.40 -17.75
N ALA A 126 -6.49 4.31 -18.65
CA ALA A 126 -7.05 4.29 -19.98
C ALA A 126 -6.43 3.11 -20.76
N ASN A 127 -7.21 2.53 -21.65
CA ASN A 127 -6.72 1.53 -22.59
C ASN A 127 -5.90 2.06 -23.75
N LEU A 128 -4.92 1.29 -24.12
CA LEU A 128 -4.10 1.60 -25.31
C LEU A 128 -4.93 1.43 -26.54
N THR A 129 -4.89 2.41 -27.42
CA THR A 129 -5.51 2.31 -28.72
C THR A 129 -4.75 1.27 -29.55
N ILE A 130 -5.47 0.29 -30.09
CA ILE A 130 -4.80 -0.79 -30.82
C ILE A 130 -5.00 -0.48 -32.32
N GLN A 131 -3.89 -0.20 -32.96
CA GLN A 131 -3.88 0.00 -34.40
C GLN A 131 -3.41 -1.24 -35.13
N PRO A 132 -4.29 -1.83 -35.90
CA PRO A 132 -3.92 -3.01 -36.66
C PRO A 132 -3.05 -2.68 -37.85
N ARG A 133 -2.02 -3.49 -38.08
CA ARG A 133 -1.11 -3.34 -39.20
C ARG A 133 -1.48 -4.31 -40.28
N TRP A 134 -1.86 -3.80 -41.42
CA TRP A 134 -2.14 -4.69 -42.55
C TRP A 134 -0.85 -5.19 -43.21
N SER A 135 -0.81 -6.46 -43.56
CA SER A 135 0.29 -6.99 -44.39
C SER A 135 0.16 -6.32 -45.79
N PRO A 136 1.26 -6.19 -46.55
CA PRO A 136 1.25 -5.54 -47.89
C PRO A 136 0.27 -6.21 -48.84
N SER A 137 0.12 -7.52 -48.73
CA SER A 137 -0.90 -8.22 -49.54
C SER A 137 -2.34 -7.93 -49.14
N GLY A 138 -2.56 -7.33 -47.98
CA GLY A 138 -3.92 -7.09 -47.54
C GLY A 138 -4.63 -8.29 -46.94
N THR A 139 -3.90 -9.36 -46.64
CA THR A 139 -4.56 -10.60 -46.18
C THR A 139 -4.46 -10.86 -44.66
N HIS A 140 -3.53 -10.23 -43.96
CA HIS A 140 -3.40 -10.47 -42.53
C HIS A 140 -3.22 -9.16 -41.78
N LEU A 141 -3.57 -9.19 -40.50
CA LEU A 141 -3.36 -8.13 -39.60
C LEU A 141 -2.35 -8.58 -38.58
N ALA A 142 -1.53 -7.66 -38.13
CA ALA A 142 -0.70 -7.83 -36.92
C ALA A 142 -1.04 -6.68 -35.95
N TYR A 143 -1.05 -7.00 -34.65
CA TYR A 143 -1.51 -6.04 -33.64
C TYR A 143 -1.09 -6.57 -32.30
N LEU A 144 -1.01 -5.67 -31.33
CA LEU A 144 -0.72 -6.05 -29.95
C LEU A 144 -1.98 -6.55 -29.21
N ARG A 145 -1.77 -7.51 -28.32
CA ARG A 145 -2.85 -8.07 -27.51
C ARG A 145 -2.27 -8.73 -26.32
N GLN A 146 -2.91 -8.48 -25.17
CA GLN A 146 -2.43 -8.97 -23.89
C GLN A 146 -3.22 -10.21 -23.38
N ASP A 147 -2.51 -11.23 -22.91
CA ASP A 147 -3.13 -12.38 -22.25
C ASP A 147 -2.20 -12.82 -21.15
N GLN A 148 -2.77 -13.16 -19.99
CA GLN A 148 -1.96 -13.52 -18.81
C GLN A 148 -0.89 -12.47 -18.49
N GLY A 149 -1.27 -11.22 -18.57
CA GLY A 149 -0.37 -10.18 -18.12
C GLY A 149 0.72 -9.87 -19.13
N ARG A 150 0.73 -10.48 -20.31
CA ARG A 150 1.87 -10.30 -21.24
C ARG A 150 1.34 -9.82 -22.58
N VAL A 151 1.96 -8.76 -23.11
CA VAL A 151 1.61 -8.26 -24.44
C VAL A 151 2.42 -8.96 -25.55
N ARG A 152 1.69 -9.57 -26.45
CA ARG A 152 2.29 -10.30 -27.58
C ARG A 152 1.81 -9.66 -28.89
N VAL A 153 2.45 -10.03 -29.99
CA VAL A 153 1.92 -9.72 -31.31
C VAL A 153 1.08 -10.90 -31.79
N TRP A 154 -0.13 -10.59 -32.23
CA TRP A 154 -0.98 -11.56 -32.79
C TRP A 154 -1.10 -11.27 -34.30
N ARG A 155 -1.41 -12.33 -35.03
CA ARG A 155 -1.64 -12.29 -36.46
C ARG A 155 -2.99 -12.86 -36.77
N ALA A 156 -3.81 -12.15 -37.50
CA ALA A 156 -5.15 -12.59 -37.80
C ALA A 156 -5.39 -12.65 -39.33
N SER A 157 -6.14 -13.64 -39.79
CA SER A 157 -6.60 -13.69 -41.19
C SER A 157 -7.79 -12.80 -41.38
N VAL A 158 -7.82 -12.03 -42.47
CA VAL A 158 -8.85 -10.99 -42.60
C VAL A 158 -10.22 -11.42 -43.09
N LYS A 159 -10.41 -12.65 -43.55
CA LYS A 159 -11.82 -13.05 -43.83
C LYS A 159 -12.44 -13.80 -42.62
N GLY A 160 -11.69 -13.93 -41.51
CA GLY A 160 -12.24 -14.44 -40.25
C GLY A 160 -11.77 -15.75 -39.73
N GLU A 161 -10.78 -16.33 -40.40
CA GLU A 161 -10.50 -17.75 -40.21
C GLU A 161 -9.72 -18.02 -38.96
N GLY A 162 -9.19 -16.98 -38.32
CA GLY A 162 -8.58 -17.15 -37.01
C GLY A 162 -7.34 -16.32 -36.79
N ALA A 163 -6.90 -16.33 -35.54
CA ALA A 163 -5.84 -15.47 -35.10
C ALA A 163 -4.99 -16.23 -34.09
N SER A 164 -3.69 -16.00 -34.04
CA SER A 164 -2.89 -16.61 -32.97
C SER A 164 -1.70 -15.75 -32.70
N PRO A 165 -1.09 -15.91 -31.54
CA PRO A 165 0.08 -15.13 -31.20
C PRO A 165 1.27 -15.59 -32.00
N VAL A 166 2.05 -14.66 -32.55
CA VAL A 166 3.26 -15.00 -33.31
C VAL A 166 4.53 -14.46 -32.73
N ILE A 167 4.45 -13.49 -31.82
CA ILE A 167 5.65 -13.05 -31.17
C ILE A 167 5.39 -12.93 -29.68
N GLU A 168 6.28 -13.50 -28.89
CA GLU A 168 6.27 -13.32 -27.46
C GLU A 168 7.69 -13.15 -27.00
N ASP A 169 7.93 -12.35 -25.99
CA ASP A 169 9.25 -12.35 -25.39
C ASP A 169 9.18 -12.20 -23.86
N ALA A 170 10.32 -12.17 -23.19
CA ALA A 170 10.37 -11.84 -21.75
C ALA A 170 9.83 -10.45 -21.39
N TYR A 171 9.66 -9.59 -22.38
CA TYR A 171 9.16 -8.24 -22.17
C TYR A 171 7.91 -8.07 -22.98
N ASP A 172 7.09 -7.10 -22.57
CA ASP A 172 5.94 -6.75 -23.38
C ASP A 172 6.38 -6.16 -24.74
N ILE A 173 5.71 -6.58 -25.81
CA ILE A 173 6.01 -5.99 -27.10
C ILE A 173 5.31 -4.63 -27.11
N GLU A 174 5.99 -3.61 -27.61
CA GLU A 174 5.46 -2.22 -27.61
C GLU A 174 4.97 -1.74 -28.95
N ASP A 175 5.43 -2.37 -30.04
CA ASP A 175 5.00 -1.98 -31.38
C ASP A 175 5.46 -3.04 -32.38
N VAL A 176 4.85 -2.97 -33.55
CA VAL A 176 5.10 -3.93 -34.61
C VAL A 176 4.70 -3.32 -35.98
N GLN A 177 5.43 -3.68 -37.03
CA GLN A 177 5.07 -3.40 -38.43
C GLN A 177 5.49 -4.58 -39.30
N TRP A 178 4.85 -4.71 -40.47
CA TRP A 178 5.26 -5.63 -41.50
C TRP A 178 6.41 -5.05 -42.30
N LEU A 179 7.49 -5.81 -42.47
CA LEU A 179 8.53 -5.47 -43.44
C LEU A 179 8.19 -6.04 -44.85
N ASP A 180 7.55 -7.20 -44.91
CA ASP A 180 6.96 -7.75 -46.11
C ASP A 180 5.90 -8.74 -45.65
N ASP A 181 5.27 -9.49 -46.55
CA ASP A 181 4.20 -10.40 -46.15
C ASP A 181 4.55 -11.50 -45.12
N ASN A 182 5.81 -11.79 -44.92
CA ASN A 182 6.26 -12.86 -44.04
C ASN A 182 7.25 -12.40 -42.99
N THR A 183 7.39 -11.09 -42.81
CA THR A 183 8.44 -10.62 -41.92
C THR A 183 7.93 -9.46 -41.08
N LEU A 184 8.19 -9.50 -39.77
CA LEU A 184 7.68 -8.49 -38.83
C LEU A 184 8.85 -7.93 -38.09
N ILE A 185 8.80 -6.63 -37.89
CA ILE A 185 9.74 -5.99 -36.97
C ILE A 185 8.98 -5.53 -35.72
N TYR A 186 9.61 -5.65 -34.58
CA TYR A 186 8.96 -5.35 -33.33
C TYR A 186 9.94 -4.83 -32.32
N SER A 187 9.39 -4.09 -31.35
CA SER A 187 10.18 -3.37 -30.36
C SER A 187 9.74 -3.66 -28.95
N GLY A 188 10.63 -3.37 -28.00
CA GLY A 188 10.27 -3.39 -26.57
C GLY A 188 11.50 -3.18 -25.70
N ARG A 189 11.41 -3.46 -24.39
CA ARG A 189 12.43 -3.06 -23.46
C ARG A 189 12.87 -4.14 -22.50
N PRO A 190 13.72 -5.06 -22.97
CA PRO A 190 14.21 -6.07 -22.05
C PRO A 190 14.96 -5.42 -20.93
N GLY A 191 15.55 -4.25 -21.16
CA GLY A 191 16.28 -3.57 -20.05
C GLY A 191 15.36 -3.26 -18.85
N PHE A 192 14.08 -3.08 -19.11
CA PHE A 192 13.13 -2.71 -18.08
C PHE A 192 12.97 -3.93 -17.19
N VAL A 193 12.85 -5.09 -17.80
CA VAL A 193 12.81 -6.35 -17.08
C VAL A 193 14.05 -6.62 -16.23
N GLU A 194 15.23 -6.41 -16.80
CA GLU A 194 16.45 -6.57 -16.06
C GLU A 194 16.54 -5.57 -14.86
N ALA A 195 16.09 -4.34 -15.07
CA ALA A 195 16.20 -3.33 -14.05
C ALA A 195 15.29 -3.75 -12.88
N GLU A 196 14.13 -4.34 -13.19
CA GLU A 196 13.24 -4.85 -12.18
C GLU A 196 13.89 -5.93 -11.39
N ALA A 197 14.67 -6.78 -12.04
CA ALA A 197 15.30 -7.87 -11.30
C ALA A 197 16.40 -7.32 -10.42
N GLU A 198 17.07 -6.28 -10.89
CA GLU A 198 18.08 -5.66 -10.05
C GLU A 198 17.44 -5.02 -8.79
N ILE A 199 16.32 -4.33 -8.95
CA ILE A 199 15.61 -3.81 -7.82
C ILE A 199 15.26 -4.89 -6.81
N GLU A 200 14.82 -6.04 -7.28
CA GLU A 200 14.46 -7.17 -6.45
C GLU A 200 15.65 -7.70 -5.66
N ARG A 201 16.82 -7.75 -6.28
CA ARG A 201 18.06 -8.17 -5.58
C ARG A 201 18.47 -7.18 -4.54
N GLU A 202 18.50 -5.93 -4.90
CA GLU A 202 18.84 -4.87 -3.98
C GLU A 202 17.95 -4.85 -2.73
N GLY A 203 16.70 -5.20 -2.86
CA GLY A 203 15.77 -5.17 -1.75
C GLY A 203 16.13 -6.07 -0.59
N ARG A 204 16.93 -7.09 -0.87
CA ARG A 204 17.52 -7.92 0.17
C ARG A 204 18.34 -7.17 1.15
N ARG A 205 18.83 -5.99 0.78
CA ARG A 205 19.59 -5.16 1.69
C ARG A 205 18.83 -3.93 2.18
N GLY A 206 17.59 -3.81 1.74
CA GLY A 206 16.76 -2.64 2.02
C GLY A 206 17.02 -1.60 0.95
N TRP A 207 16.01 -0.77 0.61
CA TRP A 207 16.18 0.24 -0.37
C TRP A 207 16.18 1.59 0.29
N VAL A 208 17.08 2.46 -0.13
CA VAL A 208 17.07 3.84 0.36
C VAL A 208 15.85 4.57 -0.24
N TYR A 209 15.06 5.20 0.61
CA TYR A 209 13.93 5.99 0.13
C TYR A 209 14.45 7.28 -0.50
N ASP A 210 14.23 7.43 -1.79
CA ASP A 210 14.81 8.50 -2.59
C ASP A 210 13.89 8.68 -3.84
N GLU A 211 14.48 9.20 -4.89
CA GLU A 211 13.81 9.62 -6.11
C GLU A 211 13.16 8.45 -6.85
N ARG A 212 13.42 7.22 -6.45
CA ARG A 212 12.78 6.09 -7.13
C ARG A 212 11.34 5.79 -6.66
N PHE A 213 10.89 6.41 -5.57
CA PHE A 213 9.63 6.06 -4.98
C PHE A 213 8.49 6.98 -5.27
N HIS A 214 7.30 6.39 -5.37
CA HIS A 214 6.04 7.10 -5.52
C HIS A 214 5.04 6.40 -4.61
N PRO A 215 5.00 6.77 -3.35
CA PRO A 215 4.30 6.03 -2.31
C PRO A 215 2.81 5.86 -2.54
N LEU A 216 2.21 6.85 -3.17
CA LEU A 216 0.80 6.77 -3.44
C LEU A 216 0.43 5.48 -4.11
N THR A 217 1.27 5.08 -5.05
CA THR A 217 0.99 3.92 -5.84
C THR A 217 1.72 2.64 -5.44
N GLY A 218 2.68 2.69 -4.53
CA GLY A 218 3.32 1.44 -4.11
C GLY A 218 4.62 1.71 -3.37
N ALA A 219 5.08 0.66 -2.72
CA ALA A 219 6.17 0.74 -1.78
C ALA A 219 7.46 0.13 -2.30
N ARG A 220 7.65 0.17 -3.61
CA ARG A 220 8.84 -0.34 -4.27
C ARG A 220 9.46 0.76 -5.11
N PRO A 221 10.79 0.71 -5.29
CA PRO A 221 11.42 1.67 -6.16
C PRO A 221 10.93 1.39 -7.59
N ARG A 222 10.78 2.43 -8.39
CA ARG A 222 10.48 2.32 -9.82
C ARG A 222 11.79 2.31 -10.61
N VAL A 223 11.71 1.81 -11.82
CA VAL A 223 12.80 1.81 -12.73
C VAL A 223 12.93 3.22 -13.30
N LEU A 224 14.13 3.76 -13.25
CA LEU A 224 14.46 5.08 -13.84
C LEU A 224 14.88 4.95 -15.30
N GLU A 225 14.52 5.94 -16.10
CA GLU A 225 15.21 6.16 -17.38
C GLU A 225 16.71 6.35 -17.14
N PRO A 226 17.61 6.06 -18.10
CA PRO A 226 17.27 5.71 -19.47
C PRO A 226 17.14 4.21 -19.58
N ILE A 227 16.14 3.76 -20.31
CA ILE A 227 16.04 2.36 -20.64
C ILE A 227 15.84 2.32 -22.15
N SER A 228 16.67 1.59 -22.87
CA SER A 228 16.60 1.59 -24.32
C SER A 228 15.57 0.65 -24.89
N ILE A 229 15.15 1.00 -26.10
CA ILE A 229 14.29 0.18 -26.88
C ILE A 229 15.13 -0.69 -27.81
N VAL A 230 14.77 -1.98 -27.91
CA VAL A 230 15.49 -3.00 -28.69
C VAL A 230 14.56 -3.42 -29.81
N TYR A 231 15.14 -3.60 -31.01
CA TYR A 231 14.36 -3.92 -32.23
C TYR A 231 14.79 -5.28 -32.69
N GLN A 232 13.85 -6.11 -33.11
CA GLN A 232 14.15 -7.44 -33.62
C GLN A 232 13.24 -7.73 -34.78
N VAL A 233 13.65 -8.66 -35.63
CA VAL A 233 12.87 -9.04 -36.79
C VAL A 233 12.61 -10.52 -36.75
N LEU A 234 11.36 -10.89 -37.03
CA LEU A 234 10.97 -12.24 -37.07
C LEU A 234 10.52 -12.61 -38.46
N ASP A 235 11.10 -13.68 -39.00
CA ASP A 235 10.62 -14.28 -40.27
C ASP A 235 9.58 -15.33 -39.94
N LEU A 236 8.34 -15.07 -40.29
CA LEU A 236 7.25 -15.96 -39.92
C LEU A 236 7.32 -17.32 -40.61
N LYS A 237 8.03 -17.42 -41.72
CA LYS A 237 8.14 -18.71 -42.38
C LYS A 237 9.21 -19.61 -41.80
N THR A 238 10.21 -19.07 -41.13
CA THR A 238 11.21 -19.92 -40.55
C THR A 238 11.22 -19.89 -39.04
N GLY A 239 10.48 -18.95 -38.43
CA GLY A 239 10.54 -18.77 -36.98
C GLY A 239 11.85 -18.20 -36.50
N THR A 240 12.73 -17.71 -37.39
CA THR A 240 14.00 -17.16 -36.93
C THR A 240 13.89 -15.65 -36.75
N ARG A 241 14.72 -15.17 -35.85
CA ARG A 241 14.83 -13.81 -35.45
C ARG A 241 16.23 -13.32 -35.73
N ARG A 242 16.34 -12.05 -36.08
CA ARG A 242 17.63 -11.42 -36.31
C ARG A 242 17.58 -9.96 -35.90
N ALA A 243 18.73 -9.31 -35.79
CA ALA A 243 18.74 -7.90 -35.46
C ALA A 243 18.14 -7.14 -36.63
N ALA A 244 17.52 -5.99 -36.34
CA ALA A 244 17.00 -5.12 -37.40
C ALA A 244 18.13 -4.31 -38.03
N THR A 245 18.01 -3.92 -39.29
CA THR A 245 18.92 -2.92 -39.87
C THR A 245 18.41 -1.53 -39.58
N PRO A 246 19.30 -0.51 -39.56
CA PRO A 246 18.88 0.89 -39.29
C PRO A 246 17.75 1.40 -40.14
N THR A 247 17.70 0.89 -41.35
CA THR A 247 16.66 1.20 -42.29
C THR A 247 15.30 0.64 -41.87
N GLU A 248 15.32 -0.65 -41.55
CA GLU A 248 14.16 -1.33 -40.97
C GLU A 248 13.66 -0.68 -39.67
N VAL A 249 14.61 -0.35 -38.79
CA VAL A 249 14.32 0.33 -37.58
C VAL A 249 13.60 1.65 -37.81
N ALA A 250 14.15 2.50 -38.67
CA ALA A 250 13.44 3.74 -38.97
C ALA A 250 12.01 3.48 -39.52
N ARG A 251 11.79 2.41 -40.30
CA ARG A 251 10.39 2.10 -40.74
C ARG A 251 9.41 1.84 -39.56
N LEU A 252 9.97 1.51 -38.39
CA LEU A 252 9.15 1.37 -37.21
C LEU A 252 9.17 2.65 -36.36
N ARG A 253 10.34 3.26 -36.21
CA ARG A 253 10.55 4.43 -35.32
C ARG A 253 9.87 5.72 -35.82
N GLU A 254 10.04 6.03 -37.11
CA GLU A 254 9.46 7.24 -37.68
C GLU A 254 7.93 7.13 -37.73
N LYS A 255 7.24 8.16 -37.29
CA LYS A 255 5.79 8.27 -37.49
C LYS A 255 5.45 9.35 -38.54
N PRO A 256 4.44 9.11 -39.38
CA PRO A 256 3.99 10.27 -40.18
C PRO A 256 3.53 11.47 -39.31
N ASP A 257 3.84 12.68 -39.75
CA ASP A 257 3.37 13.91 -39.13
C ASP A 257 1.98 14.17 -39.70
N PRO A 258 0.96 14.16 -38.84
CA PRO A 258 -0.37 14.47 -39.39
C PRO A 258 -0.55 15.96 -39.75
N LEU A 259 0.43 16.79 -39.39
CA LEU A 259 0.42 18.22 -39.72
C LEU A 259 1.36 18.60 -40.90
N ARG A 260 1.68 17.59 -41.73
CA ARG A 260 2.54 17.74 -42.91
C ARG A 260 1.93 16.89 -44.04
N ALA A 261 1.90 17.41 -45.25
CA ALA A 261 1.48 16.66 -46.41
C ALA A 261 2.24 17.12 -47.68
N MET A 262 2.29 16.24 -48.67
CA MET A 262 2.86 16.60 -49.96
C MET A 262 1.78 16.47 -51.03
N VAL A 263 1.73 17.43 -51.95
CA VAL A 263 0.96 17.31 -53.18
C VAL A 263 1.88 17.78 -54.34
N GLY A 264 2.33 16.86 -55.19
CA GLY A 264 3.30 17.21 -56.23
C GLY A 264 4.63 17.58 -55.58
N ARG A 265 5.17 18.74 -55.99
CA ARG A 265 6.41 19.29 -55.44
C ARG A 265 6.18 20.15 -54.18
N THR A 266 4.90 20.40 -53.85
CA THR A 266 4.52 21.29 -52.75
C THR A 266 4.39 20.55 -51.40
N THR A 267 5.12 21.05 -50.40
CA THR A 267 5.06 20.55 -49.06
C THR A 267 4.22 21.54 -48.23
N PHE A 268 3.18 20.99 -47.65
CA PHE A 268 2.33 21.74 -46.74
C PHE A 268 2.69 21.45 -45.31
N SER A 269 2.77 22.49 -44.50
CA SER A 269 3.02 22.34 -43.11
C SER A 269 2.35 23.50 -42.37
N VAL A 270 2.63 23.64 -41.08
CA VAL A 270 1.96 24.59 -40.26
C VAL A 270 3.01 25.24 -39.41
N SER A 271 2.96 26.54 -39.21
CA SER A 271 3.91 27.13 -38.25
C SER A 271 3.37 28.43 -37.70
N ARG A 272 4.05 28.97 -36.68
CA ARG A 272 3.68 30.25 -36.08
C ARG A 272 4.61 31.39 -36.57
N THR A 273 4.13 32.63 -36.60
CA THR A 273 5.00 33.80 -36.86
C THR A 273 6.06 33.95 -35.78
N ASP A 274 5.76 33.46 -34.58
CA ASP A 274 6.67 33.49 -33.46
C ASP A 274 6.83 32.04 -32.94
N PRO A 275 7.79 31.27 -33.47
CA PRO A 275 7.73 29.82 -33.17
C PRO A 275 7.83 29.48 -31.69
N GLN A 276 8.45 30.35 -30.89
CA GLN A 276 8.59 30.13 -29.44
C GLN A 276 7.27 30.22 -28.70
N ASN A 277 6.45 31.24 -29.04
CA ASN A 277 5.16 31.48 -28.38
C ASN A 277 4.16 30.38 -28.67
N ILE A 278 3.95 29.50 -27.71
CA ILE A 278 3.04 28.35 -27.90
C ILE A 278 1.56 28.75 -28.07
N ASN A 279 1.19 29.96 -27.75
CA ASN A 279 -0.22 30.34 -27.87
C ASN A 279 -0.52 31.14 -29.09
N ALA A 280 0.51 31.46 -29.85
CA ALA A 280 0.32 32.05 -31.15
C ALA A 280 -0.31 31.00 -32.05
N PRO A 281 -1.29 31.43 -32.81
CA PRO A 281 -1.95 30.54 -33.76
C PRO A 281 -1.00 30.05 -34.85
N THR A 282 -1.21 28.83 -35.32
CA THR A 282 -0.44 28.30 -36.41
C THR A 282 -1.19 28.63 -37.65
N THR A 283 -0.44 28.65 -38.75
CA THR A 283 -0.94 28.97 -40.06
C THR A 283 -0.37 27.92 -41.03
N LEU A 284 -1.20 27.48 -41.95
CA LEU A 284 -0.78 26.69 -43.08
C LEU A 284 0.27 27.41 -43.96
N VAL A 285 1.35 26.70 -44.26
CA VAL A 285 2.40 27.20 -45.19
C VAL A 285 2.67 26.19 -46.31
N ALA A 286 3.00 26.73 -47.48
CA ALA A 286 3.32 25.95 -48.66
C ALA A 286 4.73 26.28 -49.19
N ARG A 287 5.53 25.24 -49.42
CA ARG A 287 6.85 25.35 -50.03
C ARG A 287 6.88 24.53 -51.32
N ARG A 288 7.19 25.15 -52.47
CA ARG A 288 7.42 24.37 -53.70
C ARG A 288 8.90 23.95 -53.70
N GLY A 289 9.18 22.66 -53.59
CA GLY A 289 10.53 22.13 -53.50
C GLY A 289 11.31 22.85 -52.40
N GLU A 290 12.42 23.48 -52.79
CA GLU A 290 13.31 24.18 -51.85
C GLU A 290 13.02 25.66 -51.80
N GLY A 291 11.93 26.09 -52.43
CA GLY A 291 11.57 27.51 -52.45
C GLY A 291 11.15 28.14 -51.11
N GLU A 292 10.88 29.43 -51.14
CA GLU A 292 10.39 30.16 -49.98
C GLU A 292 9.04 29.68 -49.50
N PRO A 293 8.85 29.58 -48.18
CA PRO A 293 7.49 29.30 -47.72
C PRO A 293 6.50 30.43 -48.07
N VAL A 294 5.33 30.09 -48.55
CA VAL A 294 4.27 31.05 -48.64
C VAL A 294 3.20 30.76 -47.54
N ARG A 295 2.94 31.74 -46.67
CA ARG A 295 1.91 31.67 -45.62
C ARG A 295 0.54 31.97 -46.16
N CYS A 296 -0.42 31.08 -45.91
CA CYS A 296 -1.84 31.34 -46.19
C CYS A 296 -2.35 32.39 -45.23
N ASP A 297 -3.09 33.37 -45.72
CA ASP A 297 -3.56 34.49 -44.87
CA ASP A 297 -3.51 34.43 -44.81
C ASP A 297 -4.93 34.19 -44.27
N GLU A 298 -5.75 33.40 -44.97
CA GLU A 298 -7.13 33.17 -44.60
C GLU A 298 -7.26 32.68 -43.16
N GLU A 299 -8.37 33.03 -42.55
CA GLU A 299 -8.64 32.67 -41.18
C GLU A 299 -8.81 31.14 -41.07
N ALA A 300 -9.40 30.55 -42.09
CA ALA A 300 -9.61 29.12 -42.13
C ALA A 300 -8.36 28.26 -41.98
N CYS A 301 -7.18 28.82 -42.21
CA CYS A 301 -5.91 28.08 -42.28
C CYS A 301 -5.30 28.06 -40.91
N GLN A 302 -5.98 28.64 -39.92
CA GLN A 302 -5.41 28.72 -38.55
C GLN A 302 -5.76 27.54 -37.68
N ASN A 303 -4.75 27.08 -36.97
CA ASN A 303 -4.86 26.04 -35.96
C ASN A 303 -5.42 24.71 -36.48
N ILE A 304 -4.88 24.31 -37.62
CA ILE A 304 -5.22 23.05 -38.23
C ILE A 304 -4.83 21.93 -37.28
N THR A 305 -5.65 20.90 -37.21
CA THR A 305 -5.33 19.71 -36.38
C THR A 305 -4.97 18.45 -37.18
N ARG A 306 -5.25 18.45 -38.46
CA ARG A 306 -4.98 17.29 -39.28
C ARG A 306 -5.06 17.71 -40.72
N MET A 307 -4.11 17.27 -41.54
CA MET A 307 -4.23 17.48 -43.01
C MET A 307 -3.91 16.23 -43.86
N TRP A 308 -4.43 16.18 -45.08
CA TRP A 308 -4.20 15.07 -46.02
C TRP A 308 -4.03 15.57 -47.43
N GLY A 309 -2.93 15.16 -48.07
CA GLY A 309 -2.64 15.54 -49.46
C GLY A 309 -3.19 14.52 -50.45
N ASP A 310 -3.73 14.96 -51.56
CA ASP A 310 -4.26 14.06 -52.60
C ASP A 310 -3.69 14.48 -53.95
N GLU A 311 -2.71 13.73 -54.46
CA GLU A 311 -2.03 14.05 -55.75
C GLU A 311 -2.96 13.99 -56.96
N THR A 312 -3.79 12.95 -57.00
CA THR A 312 -4.73 12.76 -58.09
C THR A 312 -5.68 13.95 -58.25
N ALA A 313 -6.29 14.38 -57.17
CA ALA A 313 -7.25 15.49 -57.25
C ALA A 313 -6.50 16.81 -57.18
N ASN A 314 -5.23 16.75 -56.80
CA ASN A 314 -4.41 17.93 -56.60
C ASN A 314 -5.06 18.86 -55.58
N VAL A 315 -5.35 18.33 -54.38
CA VAL A 315 -5.96 19.13 -53.31
C VAL A 315 -5.40 18.74 -51.97
N LEU A 316 -5.49 19.68 -51.03
CA LEU A 316 -5.21 19.43 -49.65
C LEU A 316 -6.54 19.47 -48.90
N TYR A 317 -6.74 18.49 -47.99
CA TYR A 317 -7.88 18.52 -47.07
C TYR A 317 -7.37 18.71 -45.66
N PHE A 318 -8.12 19.45 -44.85
CA PHE A 318 -7.75 19.59 -43.46
C PHE A 318 -8.89 19.77 -42.48
N LEU A 319 -8.59 19.42 -41.24
CA LEU A 319 -9.53 19.55 -40.13
C LEU A 319 -9.11 20.63 -39.19
N ARG A 320 -10.08 21.20 -38.51
CA ARG A 320 -9.77 22.10 -37.42
C ARG A 320 -10.99 22.31 -36.54
N ARG A 321 -10.74 22.95 -35.40
CA ARG A 321 -11.83 23.36 -34.52
C ARG A 321 -12.16 24.79 -34.75
N GLU A 322 -13.44 25.13 -34.64
CA GLU A 322 -13.87 26.50 -34.87
C GLU A 322 -15.26 26.77 -34.24
N GLY A 323 -15.78 27.97 -34.44
CA GLY A 323 -17.03 28.42 -33.88
C GLY A 323 -16.81 28.99 -32.48
N TRP A 324 -17.90 29.38 -31.82
CA TRP A 324 -17.81 29.93 -30.46
C TRP A 324 -17.05 28.94 -29.51
N ALA A 325 -16.04 29.44 -28.84
CA ALA A 325 -15.27 28.62 -27.90
C ALA A 325 -14.79 27.35 -28.58
N SER A 326 -14.53 27.40 -29.89
CA SER A 326 -14.06 26.24 -30.64
C SER A 326 -14.97 25.03 -30.54
N ASN A 327 -16.26 25.24 -30.36
CA ASN A 327 -17.13 24.08 -30.10
C ASN A 327 -17.36 23.09 -31.29
N GLU A 328 -17.05 23.52 -32.52
CA GLU A 328 -17.30 22.67 -33.68
C GLU A 328 -16.05 22.19 -34.34
N MET A 329 -16.17 21.12 -35.11
CA MET A 329 -15.12 20.65 -35.97
C MET A 329 -15.52 21.04 -37.37
N ALA A 330 -14.54 21.23 -38.24
CA ALA A 330 -14.78 21.53 -39.65
C ALA A 330 -13.72 20.91 -40.52
N LEU A 331 -14.12 20.53 -41.71
CA LEU A 331 -13.27 19.96 -42.70
C LEU A 331 -13.25 20.87 -43.91
N TYR A 332 -12.03 21.17 -44.37
CA TYR A 332 -11.77 22.07 -45.52
C TYR A 332 -11.15 21.33 -46.71
N ARG A 333 -11.50 21.81 -47.92
CA ARG A 333 -10.88 21.36 -49.18
C ARG A 333 -10.22 22.56 -49.88
N MET A 334 -8.97 22.39 -50.24
CA MET A 334 -8.19 23.46 -50.76
C MET A 334 -7.43 22.99 -52.01
N PRO A 335 -7.82 23.47 -53.23
CA PRO A 335 -7.05 23.22 -54.50
C PRO A 335 -5.61 23.56 -54.29
N ALA A 336 -4.71 22.63 -54.60
CA ALA A 336 -3.33 22.75 -54.14
C ALA A 336 -2.50 23.81 -54.91
N ASP A 337 -3.01 24.27 -56.05
CA ASP A 337 -2.43 25.39 -56.80
C ASP A 337 -2.34 26.69 -56.00
N ALA A 338 -3.34 26.94 -55.17
CA ALA A 338 -3.51 28.22 -54.50
C ALA A 338 -3.70 28.01 -52.98
N LEU A 339 -4.08 29.09 -52.30
CA LEU A 339 -4.35 29.08 -50.86
C LEU A 339 -5.73 29.63 -50.54
N LYS A 340 -6.74 28.97 -51.10
CA LYS A 340 -8.15 29.32 -50.97
C LYS A 340 -8.97 28.13 -50.44
N PRO A 341 -8.89 27.83 -49.14
CA PRO A 341 -9.68 26.70 -48.61
C PRO A 341 -11.15 26.98 -48.57
N VAL A 342 -11.94 25.96 -48.88
CA VAL A 342 -13.38 26.01 -48.82
C VAL A 342 -13.92 24.97 -47.82
N ARG A 343 -14.81 25.41 -46.93
CA ARG A 343 -15.42 24.52 -45.93
C ARG A 343 -16.40 23.61 -46.58
N ILE A 344 -16.28 22.31 -46.38
CA ILE A 344 -17.26 21.40 -46.93
C ILE A 344 -18.11 20.66 -45.89
N TRP A 345 -17.67 20.65 -44.62
CA TRP A 345 -18.43 20.01 -43.54
C TRP A 345 -18.09 20.70 -42.23
N HIS A 346 -19.08 20.81 -41.36
CA HIS A 346 -18.84 21.22 -39.98
C HIS A 346 -19.98 20.70 -39.10
N ALA A 347 -19.68 20.40 -37.83
CA ALA A 347 -20.69 19.87 -36.90
C ALA A 347 -20.13 19.97 -35.49
N THR A 348 -21.02 19.92 -34.52
CA THR A 348 -20.61 19.63 -33.14
C THR A 348 -20.17 18.12 -33.17
N GLY A 349 -19.31 17.69 -32.28
CA GLY A 349 -18.83 16.33 -32.33
C GLY A 349 -17.35 16.29 -32.63
N LEU A 350 -16.90 15.08 -32.91
CA LEU A 350 -15.52 14.81 -33.16
C LEU A 350 -15.40 13.85 -34.32
N LEU A 351 -14.33 14.02 -35.09
CA LEU A 351 -13.90 13.03 -36.07
C LEU A 351 -12.52 12.61 -35.65
N GLN A 352 -12.34 11.30 -35.52
CA GLN A 352 -11.15 10.76 -34.90
C GLN A 352 -10.51 9.72 -35.81
N GLY A 353 -9.20 9.73 -35.90
CA GLY A 353 -8.48 8.65 -36.57
C GLY A 353 -8.65 8.56 -38.09
N CYS A 354 -9.18 9.62 -38.67
CA CYS A 354 -9.56 9.61 -40.08
C CYS A 354 -8.40 9.24 -40.99
N GLU A 355 -8.68 8.43 -41.98
CA GLU A 355 -7.74 8.08 -43.05
C GLU A 355 -8.44 8.14 -44.42
N ARG A 356 -7.68 8.51 -45.46
CA ARG A 356 -8.29 8.76 -46.78
C ARG A 356 -8.20 7.56 -47.70
N GLN A 357 -9.31 7.26 -48.36
CA GLN A 357 -9.37 6.37 -49.52
C GLN A 357 -9.99 7.17 -50.70
N ALA A 358 -9.17 7.43 -51.71
CA ALA A 358 -9.55 8.22 -52.86
C ALA A 358 -10.22 9.53 -52.43
N LYS A 359 -11.52 9.68 -52.70
CA LYS A 359 -12.27 10.88 -52.33
C LYS A 359 -13.26 10.69 -51.16
N ARG A 360 -12.97 9.69 -50.32
CA ARG A 360 -13.61 9.60 -49.01
C ARG A 360 -12.59 9.60 -47.85
N LEU A 361 -13.06 10.12 -46.74
CA LEU A 361 -12.41 9.99 -45.47
C LEU A 361 -13.21 8.90 -44.72
N ILE A 362 -12.49 7.95 -44.14
CA ILE A 362 -13.10 7.04 -43.18
C ILE A 362 -12.66 7.44 -41.79
N CYS A 363 -13.63 7.69 -40.94
CA CYS A 363 -13.41 8.26 -39.60
C CYS A 363 -14.17 7.53 -38.48
N ALA A 364 -13.66 7.60 -37.26
CA ALA A 364 -14.54 7.41 -36.13
C ALA A 364 -15.21 8.75 -35.88
N GLN A 365 -16.42 8.73 -35.32
CA GLN A 365 -17.16 9.96 -35.09
C GLN A 365 -18.06 9.78 -33.89
N GLU A 366 -18.29 10.87 -33.16
CA GLU A 366 -19.23 10.87 -32.04
C GLU A 366 -19.79 12.25 -31.81
N SER A 367 -20.95 12.29 -31.17
CA SER A 367 -21.54 13.53 -30.80
C SER A 367 -22.45 13.26 -29.61
N ALA A 368 -23.15 14.29 -29.16
CA ALA A 368 -23.76 14.28 -27.84
C ALA A 368 -24.55 13.03 -27.61
N LEU A 369 -25.36 12.65 -28.60
CA LEU A 369 -26.24 11.49 -28.47
C LEU A 369 -25.85 10.37 -29.40
N GLN A 370 -24.62 10.39 -29.88
CA GLN A 370 -24.09 9.35 -30.76
C GLN A 370 -22.78 8.84 -30.22
N PRO A 371 -22.75 7.63 -29.68
CA PRO A 371 -21.48 7.05 -29.25
C PRO A 371 -20.59 6.77 -30.44
N ARG A 372 -19.34 6.51 -30.15
CA ARG A 372 -18.40 6.37 -31.18
C ARG A 372 -18.76 5.27 -32.21
N ARG A 373 -18.69 5.66 -33.47
CA ARG A 373 -18.94 4.79 -34.58
C ARG A 373 -18.05 5.18 -35.74
N LEU A 374 -18.05 4.34 -36.75
CA LEU A 374 -17.35 4.66 -37.99
C LEU A 374 -18.32 5.25 -39.03
N VAL A 375 -17.80 6.16 -39.82
CA VAL A 375 -18.53 7.03 -40.69
C VAL A 375 -17.65 7.26 -41.91
N THR A 376 -18.27 7.50 -43.07
CA THR A 376 -17.51 7.99 -44.26
C THR A 376 -17.90 9.40 -44.59
N LEU A 377 -16.93 10.19 -44.92
CA LEU A 377 -17.18 11.57 -45.25
C LEU A 377 -16.81 11.76 -46.74
N ASN A 378 -17.77 12.19 -47.54
CA ASN A 378 -17.51 12.49 -48.96
C ASN A 378 -16.70 13.78 -49.12
N LEU A 379 -15.51 13.67 -49.71
CA LEU A 379 -14.61 14.82 -49.79
C LEU A 379 -14.92 15.83 -50.92
N THR A 380 -16.02 15.64 -51.64
CA THR A 380 -16.47 16.54 -52.67
C THR A 380 -17.66 17.31 -52.14
N SER A 381 -18.70 16.56 -51.76
CA SER A 381 -19.93 17.15 -51.22
C SER A 381 -19.88 17.47 -49.72
N GLY A 382 -19.00 16.79 -48.98
CA GLY A 382 -18.96 16.97 -47.51
C GLY A 382 -20.05 16.20 -46.77
N GLN A 383 -20.70 15.26 -47.43
CA GLN A 383 -21.71 14.43 -46.80
C GLN A 383 -21.14 13.28 -45.96
N MET A 384 -21.73 13.11 -44.78
CA MET A 384 -21.30 12.09 -43.81
C MET A 384 -22.33 11.00 -43.80
N SER A 385 -21.87 9.76 -43.94
CA SER A 385 -22.75 8.62 -43.89
C SER A 385 -22.20 7.57 -42.92
N PRO A 386 -23.10 6.84 -42.23
CA PRO A 386 -22.78 5.71 -41.35
C PRO A 386 -22.06 4.66 -42.10
N LEU A 387 -21.01 4.09 -41.53
CA LEU A 387 -20.36 2.91 -42.07
C LEU A 387 -20.54 1.71 -41.12
N TYR A 388 -20.23 1.90 -39.83
CA TYR A 388 -20.34 0.82 -38.82
C TYR A 388 -20.61 1.38 -37.41
N ASP A 389 -21.70 0.95 -36.79
CA ASP A 389 -22.03 1.39 -35.44
C ASP A 389 -22.08 0.16 -34.55
N PRO A 390 -21.13 0.03 -33.59
CA PRO A 390 -21.11 -1.15 -32.76
C PRO A 390 -22.24 -1.11 -31.76
N ASN A 391 -22.97 -0.01 -31.64
CA ASN A 391 -24.15 -0.02 -30.79
C ASN A 391 -25.49 -0.03 -31.60
N PRO A 392 -26.63 -0.48 -30.99
CA PRO A 392 -27.86 -0.23 -31.76
C PRO A 392 -28.04 1.25 -31.78
N ASP A 393 -28.99 1.67 -32.61
CA ASP A 393 -29.48 3.06 -32.66
C ASP A 393 -30.13 3.47 -31.30
N LEU A 394 -29.63 4.53 -30.72
CA LEU A 394 -30.14 4.95 -29.44
C LEU A 394 -31.50 5.64 -29.49
N SER A 395 -32.01 5.96 -30.68
CA SER A 395 -33.42 6.41 -30.76
C SER A 395 -34.41 5.27 -30.38
N ARG A 396 -33.96 4.01 -30.34
CA ARG A 396 -34.65 2.94 -29.54
C ARG A 396 -34.95 3.27 -28.05
N TYR A 397 -34.22 4.22 -27.48
CA TYR A 397 -34.35 4.54 -26.09
C TYR A 397 -35.01 5.90 -26.03
N ARG A 398 -35.64 6.25 -24.92
CA ARG A 398 -36.16 7.60 -24.75
C ARG A 398 -35.02 8.47 -24.27
N LEU A 399 -34.46 9.22 -25.21
CA LEU A 399 -33.32 10.02 -24.98
C LEU A 399 -33.68 11.35 -24.34
N PRO A 400 -32.85 11.80 -23.38
CA PRO A 400 -32.91 13.16 -22.87
C PRO A 400 -32.75 14.16 -23.99
N LYS A 401 -33.19 15.37 -23.71
CA LYS A 401 -33.08 16.47 -24.64
C LYS A 401 -31.72 17.16 -24.34
N VAL A 402 -30.95 17.47 -25.39
CA VAL A 402 -29.69 18.17 -25.27
C VAL A 402 -29.72 19.54 -25.96
N GLU A 403 -29.13 20.54 -25.32
CA GLU A 403 -29.07 21.85 -25.91
C GLU A 403 -27.70 22.44 -25.59
N ARG A 404 -26.98 22.91 -26.60
CA ARG A 404 -25.69 23.52 -26.36
C ARG A 404 -25.80 24.95 -25.89
N LEU A 405 -25.18 25.28 -24.75
CA LEU A 405 -25.20 26.58 -24.12
C LEU A 405 -23.94 27.32 -24.51
N THR A 406 -24.07 28.64 -24.61
CA THR A 406 -22.96 29.50 -24.88
C THR A 406 -23.05 30.78 -24.12
N LEU A 407 -21.91 31.22 -23.64
CA LEU A 407 -21.85 32.47 -23.00
C LEU A 407 -20.39 32.97 -22.98
N ARG A 408 -20.24 34.23 -22.60
CA ARG A 408 -18.94 34.80 -22.45
C ARG A 408 -18.89 34.96 -20.98
N ASN A 409 -17.79 34.55 -20.37
CA ASN A 409 -17.71 34.60 -18.93
C ASN A 409 -17.25 35.97 -18.48
N ARG A 410 -17.24 36.16 -17.17
CA ARG A 410 -16.88 37.45 -16.59
C ARG A 410 -15.43 37.87 -16.89
N ASN A 411 -14.59 36.96 -17.32
CA ASN A 411 -13.27 37.35 -17.76
C ASN A 411 -13.19 37.52 -19.25
N GLY A 412 -14.34 37.60 -19.93
CA GLY A 412 -14.36 37.84 -21.39
C GLY A 412 -14.13 36.61 -22.27
N ILE A 413 -14.18 35.42 -21.71
CA ILE A 413 -13.75 34.22 -22.45
C ILE A 413 -14.97 33.50 -22.91
N GLU A 414 -14.92 33.04 -24.15
CA GLU A 414 -16.02 32.28 -24.73
C GLU A 414 -16.11 30.91 -24.09
N VAL A 415 -17.32 30.51 -23.73
CA VAL A 415 -17.54 29.25 -23.07
C VAL A 415 -18.64 28.48 -23.80
N PHE A 416 -18.47 27.18 -23.99
CA PHE A 416 -19.65 26.36 -24.27
C PHE A 416 -19.81 25.26 -23.21
N SER A 417 -21.02 24.73 -23.12
CA SER A 417 -21.31 23.55 -22.36
C SER A 417 -22.60 22.97 -22.85
N ASP A 418 -22.95 21.75 -22.43
CA ASP A 418 -24.19 21.11 -22.85
C ASP A 418 -25.14 20.95 -21.69
N LEU A 419 -26.40 21.33 -21.90
CA LEU A 419 -27.46 21.16 -20.96
C LEU A 419 -28.22 19.91 -21.38
N VAL A 420 -28.46 19.01 -20.43
CA VAL A 420 -29.20 17.81 -20.70
C VAL A 420 -30.40 17.80 -19.82
N LEU A 421 -31.59 17.57 -20.37
CA LEU A 421 -32.81 17.59 -19.57
C LEU A 421 -33.50 16.27 -19.58
N PRO A 422 -34.26 15.96 -18.54
CA PRO A 422 -34.96 14.70 -18.54
C PRO A 422 -35.88 14.57 -19.72
N PRO A 423 -36.06 13.34 -20.25
CA PRO A 423 -36.99 13.12 -21.38
C PRO A 423 -38.42 13.76 -21.26
N ASP A 424 -39.03 13.75 -20.08
CA ASP A 424 -40.40 14.27 -19.87
C ASP A 424 -40.39 15.72 -19.40
N TYR A 425 -39.32 16.45 -19.69
CA TYR A 425 -39.19 17.80 -19.15
C TYR A 425 -40.28 18.71 -19.65
N GLN A 426 -41.09 19.23 -18.75
CA GLN A 426 -42.07 20.28 -19.11
C GLN A 426 -41.48 21.61 -18.69
N LEU A 427 -41.41 22.58 -19.59
CA LEU A 427 -40.96 23.95 -19.21
C LEU A 427 -41.82 24.50 -18.08
N GLY A 428 -41.20 25.20 -17.12
CA GLY A 428 -41.87 25.71 -15.93
C GLY A 428 -41.42 25.01 -14.66
N THR A 429 -40.77 23.86 -14.88
CA THR A 429 -40.36 22.97 -13.81
C THR A 429 -38.95 23.39 -13.40
N ARG A 430 -38.74 23.74 -12.12
CA ARG A 430 -37.37 24.01 -11.63
C ARG A 430 -36.69 22.75 -11.11
N LEU A 431 -35.63 22.30 -11.79
CA LEU A 431 -34.97 21.00 -11.46
C LEU A 431 -33.71 21.12 -10.56
N PRO A 432 -33.40 20.06 -9.81
CA PRO A 432 -32.04 20.00 -9.24
C PRO A 432 -31.04 19.77 -10.39
N LEU A 433 -29.85 20.28 -10.20
CA LEU A 433 -28.83 20.24 -11.19
C LEU A 433 -27.63 19.45 -10.73
N VAL A 434 -27.06 18.67 -11.64
CA VAL A 434 -25.77 18.02 -11.39
C VAL A 434 -24.79 18.43 -12.48
N ILE A 435 -23.61 18.82 -12.07
CA ILE A 435 -22.55 19.26 -13.00
C ILE A 435 -21.52 18.14 -13.17
N VAL A 436 -21.29 17.77 -14.43
CA VAL A 436 -20.32 16.78 -14.85
C VAL A 436 -19.24 17.52 -15.65
N GLN A 437 -17.96 17.24 -15.37
CA GLN A 437 -16.85 17.90 -16.01
C GLN A 437 -15.90 16.91 -16.74
N TYR A 438 -14.94 17.37 -17.55
CA TYR A 438 -14.73 18.77 -17.92
C TYR A 438 -14.54 18.93 -19.41
N SER A 439 -14.96 17.93 -20.18
CA SER A 439 -15.05 18.04 -21.61
C SER A 439 -16.38 17.50 -22.12
N SER A 440 -16.91 18.23 -23.10
CA SER A 440 -18.22 17.97 -23.63
C SER A 440 -18.25 18.00 -25.15
N ARG A 441 -17.20 17.53 -25.82
CA ARG A 441 -17.20 17.61 -27.28
C ARG A 441 -17.94 16.49 -27.94
N GLY A 442 -17.99 15.34 -27.27
CA GLY A 442 -18.33 14.08 -27.94
C GLY A 442 -19.56 13.53 -27.27
N PHE A 443 -19.62 12.20 -27.21
CA PHE A 443 -20.78 11.52 -26.69
C PHE A 443 -20.91 11.79 -25.19
N LEU A 444 -22.11 12.11 -24.74
CA LEU A 444 -22.37 12.34 -23.31
C LEU A 444 -22.42 11.01 -22.59
N ARG A 445 -21.28 10.57 -22.07
CA ARG A 445 -21.15 9.25 -21.46
C ARG A 445 -20.98 9.49 -19.95
N GLY A 446 -19.75 9.66 -19.47
CA GLY A 446 -19.53 9.82 -18.01
C GLY A 446 -18.66 11.01 -17.66
N GLY A 447 -18.49 11.93 -18.61
CA GLY A 447 -17.60 13.07 -18.41
C GLY A 447 -16.18 12.57 -18.37
N THR A 448 -15.25 13.37 -17.90
CA THR A 448 -13.86 12.96 -17.97
C THR A 448 -13.65 11.77 -17.10
N GLY A 449 -13.01 10.76 -17.66
CA GLY A 449 -12.77 9.50 -16.93
C GLY A 449 -13.93 8.55 -16.85
N ASP A 450 -15.03 8.92 -17.47
CA ASP A 450 -16.23 8.09 -17.48
C ASP A 450 -16.69 7.64 -16.08
N GLU A 451 -17.00 8.62 -15.24
CA GLU A 451 -17.31 8.38 -13.83
C GLU A 451 -18.72 8.83 -13.46
N ASN A 452 -19.27 9.79 -14.19
CA ASN A 452 -20.51 10.42 -13.76
C ASN A 452 -21.52 10.37 -14.87
N PRO A 453 -22.55 9.54 -14.73
CA PRO A 453 -23.35 9.08 -15.88
C PRO A 453 -24.45 10.08 -16.35
N ILE A 454 -24.21 10.72 -17.48
CA ILE A 454 -24.92 11.94 -17.78
C ILE A 454 -26.36 11.63 -18.16
N LEU A 455 -26.55 10.72 -19.09
CA LEU A 455 -27.90 10.45 -19.54
C LEU A 455 -28.70 9.77 -18.44
N PRO A 456 -28.14 8.75 -17.74
CA PRO A 456 -28.86 8.22 -16.61
C PRO A 456 -29.22 9.24 -15.54
N LEU A 457 -28.36 10.24 -15.28
CA LEU A 457 -28.74 11.28 -14.33
C LEU A 457 -29.99 12.07 -14.82
N ALA A 458 -29.98 12.43 -16.10
CA ALA A 458 -31.15 13.09 -16.65
C ALA A 458 -32.39 12.17 -16.58
N THR A 459 -32.24 10.91 -16.91
CA THR A 459 -33.31 9.97 -16.79
C THR A 459 -33.86 9.95 -15.37
N ALA A 460 -33.03 10.18 -14.39
CA ALA A 460 -33.50 10.17 -13.01
C ALA A 460 -34.12 11.46 -12.55
N GLY A 461 -34.26 12.47 -13.43
CA GLY A 461 -34.95 13.69 -13.06
C GLY A 461 -34.08 14.90 -12.79
N PHE A 462 -32.78 14.80 -13.06
CA PHE A 462 -31.88 15.94 -12.90
C PHE A 462 -31.68 16.67 -14.20
N ALA A 463 -31.48 17.99 -14.11
CA ALA A 463 -30.82 18.73 -15.18
C ALA A 463 -29.35 18.42 -14.99
N VAL A 464 -28.67 18.21 -16.10
CA VAL A 464 -27.24 17.91 -16.06
C VAL A 464 -26.52 18.92 -16.95
N LEU A 465 -25.52 19.55 -16.37
CA LEU A 465 -24.66 20.41 -17.09
C LEU A 465 -23.39 19.65 -17.36
N SER A 466 -23.17 19.35 -18.62
CA SER A 466 -21.95 18.78 -19.12
C SER A 466 -21.02 19.93 -19.47
N PHE A 467 -20.15 20.23 -18.54
CA PHE A 467 -19.25 21.38 -18.56
C PHE A 467 -18.03 21.17 -19.37
N HIS A 468 -17.76 22.12 -20.26
CA HIS A 468 -16.56 22.08 -21.02
C HIS A 468 -15.69 23.18 -20.51
N SER A 469 -14.68 22.80 -19.79
CA SER A 469 -13.86 23.77 -19.15
C SER A 469 -13.31 24.81 -20.15
N PRO A 470 -13.32 26.10 -19.79
CA PRO A 470 -12.87 27.05 -20.77
C PRO A 470 -11.36 27.26 -20.79
N ARG A 471 -10.93 27.95 -21.84
CA ARG A 471 -9.57 28.47 -21.94
C ARG A 471 -9.18 29.38 -20.77
N SER A 472 -7.90 29.29 -20.39
CA SER A 472 -7.42 30.15 -19.32
C SER A 472 -7.00 31.51 -19.92
N GLU A 473 -6.97 32.54 -19.08
CA GLU A 473 -6.41 33.85 -19.47
C GLU A 473 -4.96 33.70 -19.96
N ALA A 474 -4.18 32.89 -19.25
CA ALA A 474 -2.77 32.67 -19.58
C ALA A 474 -2.61 32.09 -20.97
N SER A 475 -3.57 31.30 -21.43
CA SER A 475 -3.46 30.73 -22.77
C SER A 475 -3.57 31.81 -23.87
N TYR A 476 -4.05 33.00 -23.51
CA TYR A 476 -4.09 34.17 -24.41
C TYR A 476 -2.83 35.07 -24.37
N GLN A 477 -1.80 34.68 -23.62
CA GLN A 477 -0.61 35.50 -23.42
C GLN A 477 0.61 34.75 -23.94
N ARG A 478 1.75 35.44 -24.03
CA ARG A 478 2.99 34.85 -24.54
C ARG A 478 3.62 33.91 -23.52
N PHE A 479 3.91 32.68 -23.92
CA PHE A 479 4.64 31.72 -23.09
C PHE A 479 5.49 30.82 -23.95
N THR A 480 6.69 30.49 -23.49
CA THR A 480 7.61 29.67 -24.27
C THR A 480 7.53 28.20 -23.89
N SER A 481 6.77 27.91 -22.82
CA SER A 481 6.66 26.54 -22.32
C SER A 481 5.29 26.29 -21.70
N PRO A 482 4.71 25.09 -21.92
CA PRO A 482 3.41 24.81 -21.25
C PRO A 482 3.56 24.71 -19.71
N ILE A 483 4.80 24.43 -19.26
CA ILE A 483 5.14 24.37 -17.84
C ILE A 483 5.13 25.81 -17.26
N ALA A 484 5.73 26.77 -17.96
CA ALA A 484 5.64 28.16 -17.51
C ALA A 484 4.21 28.74 -17.53
N GLN A 485 3.39 28.27 -18.46
CA GLN A 485 2.03 28.76 -18.55
C GLN A 485 1.28 28.29 -17.32
N SER A 486 1.47 26.99 -17.01
CA SER A 486 0.88 26.36 -15.85
C SER A 486 1.22 27.15 -14.60
N LYS A 487 2.46 27.59 -14.50
CA LYS A 487 2.90 28.34 -13.35
C LYS A 487 2.12 29.63 -13.21
N ALA A 488 1.90 30.32 -14.32
CA ALA A 488 1.01 31.49 -14.28
C ALA A 488 -0.46 31.16 -13.90
N GLU A 489 -0.99 30.06 -14.42
CA GLU A 489 -2.39 29.65 -14.09
C GLU A 489 -2.62 29.30 -12.59
N TYR A 490 -1.60 28.74 -11.94
CA TYR A 490 -1.70 28.36 -10.54
C TYR A 490 -1.35 29.46 -9.62
N SER A 491 -0.71 30.51 -10.14
CA SER A 491 -0.34 31.61 -9.28
C SER A 491 -1.58 32.17 -8.66
N ASN A 492 -1.66 32.07 -7.35
CA ASN A 492 -2.84 32.57 -6.62
C ASN A 492 -4.14 31.90 -7.04
N TRP A 493 -4.00 30.69 -7.60
CA TRP A 493 -5.11 29.96 -8.10
C TRP A 493 -5.97 30.76 -9.11
N ARG A 494 -5.34 31.59 -9.90
CA ARG A 494 -6.08 32.50 -10.80
C ARG A 494 -6.96 31.71 -11.75
N ASN A 495 -6.44 30.65 -12.40
CA ASN A 495 -7.29 29.92 -13.31
C ASN A 495 -8.39 29.11 -12.60
N ARG A 496 -8.14 28.64 -11.39
CA ARG A 496 -9.16 27.92 -10.72
C ARG A 496 -10.30 28.81 -10.43
N TRP A 497 -10.01 30.07 -10.07
CA TRP A 497 -11.11 31.06 -9.92
C TRP A 497 -11.87 31.31 -11.23
N ASN A 498 -11.16 31.38 -12.34
CA ASN A 498 -11.85 31.56 -13.65
C ASN A 498 -12.79 30.39 -13.92
N ILE A 499 -12.31 29.18 -13.59
CA ILE A 499 -13.18 28.02 -13.72
C ILE A 499 -14.41 28.10 -12.81
N LEU A 500 -14.19 28.41 -11.56
CA LEU A 500 -15.30 28.44 -10.62
C LEU A 500 -16.32 29.52 -11.00
N HIS A 501 -15.79 30.68 -11.39
CA HIS A 501 -16.67 31.79 -11.80
C HIS A 501 -17.42 31.42 -13.04
N THR A 502 -16.83 30.65 -13.92
CA THR A 502 -17.56 30.19 -15.11
C THR A 502 -18.68 29.27 -14.74
N LEU A 503 -18.46 28.37 -13.80
CA LEU A 503 -19.55 27.53 -13.35
C LEU A 503 -20.68 28.33 -12.71
N GLU A 504 -20.32 29.32 -11.90
CA GLU A 504 -21.29 30.21 -11.29
C GLU A 504 -22.07 31.00 -12.39
N ASP A 505 -21.41 31.42 -13.46
CA ASP A 505 -22.10 32.06 -14.60
C ASP A 505 -23.11 31.12 -15.23
N LEU A 506 -22.71 29.87 -15.47
CA LEU A 506 -23.62 28.92 -16.07
C LEU A 506 -24.81 28.64 -15.18
N ILE A 507 -24.55 28.51 -13.91
CA ILE A 507 -25.62 28.21 -12.98
C ILE A 507 -26.58 29.39 -12.98
N ASP A 508 -26.03 30.61 -12.86
CA ASP A 508 -26.87 31.81 -12.86
C ASP A 508 -27.71 31.91 -14.12
N ASP A 509 -27.14 31.56 -15.26
CA ASP A 509 -27.91 31.55 -16.48
C ASP A 509 -29.10 30.61 -16.39
N LEU A 510 -28.85 29.38 -15.98
CA LEU A 510 -29.90 28.38 -15.97
C LEU A 510 -30.91 28.74 -14.89
N ASP A 511 -30.46 29.41 -13.86
CA ASP A 511 -31.35 29.97 -12.82
C ASP A 511 -32.31 31.05 -13.39
N ARG A 512 -31.79 32.00 -14.14
CA ARG A 512 -32.61 33.02 -14.80
C ARG A 512 -33.59 32.41 -15.77
N ARG A 513 -33.21 31.35 -16.49
CA ARG A 513 -34.14 30.69 -17.37
C ARG A 513 -35.23 29.90 -16.61
N GLY A 514 -35.16 29.82 -15.29
CA GLY A 514 -36.16 29.05 -14.58
C GLY A 514 -35.99 27.56 -14.77
N VAL A 515 -34.83 27.10 -15.20
CA VAL A 515 -34.60 25.67 -15.42
C VAL A 515 -34.16 24.91 -14.13
N ILE A 516 -33.47 25.57 -13.23
CA ILE A 516 -32.90 24.87 -12.06
C ILE A 516 -33.16 25.60 -10.77
N ASP A 517 -33.09 24.85 -9.68
CA ASP A 517 -33.16 25.44 -8.35
C ASP A 517 -31.74 25.60 -7.85
N PRO A 518 -31.29 26.84 -7.65
CA PRO A 518 -29.88 27.06 -7.36
C PRO A 518 -29.44 26.62 -5.96
N ALA A 519 -30.41 26.37 -5.10
CA ALA A 519 -30.10 25.79 -3.79
C ALA A 519 -29.88 24.27 -3.91
N ARG A 520 -30.09 23.66 -5.09
CA ARG A 520 -29.97 22.19 -5.25
C ARG A 520 -29.03 21.78 -6.38
N VAL A 521 -27.80 22.26 -6.27
CA VAL A 521 -26.77 22.01 -7.26
C VAL A 521 -25.67 21.07 -6.75
N GLY A 522 -25.48 20.01 -7.50
CA GLY A 522 -24.46 19.02 -7.24
C GLY A 522 -23.30 19.19 -8.17
N LEU A 523 -22.11 18.86 -7.68
CA LEU A 523 -20.92 18.97 -8.47
C LEU A 523 -20.11 17.66 -8.43
N THR A 524 -19.61 17.21 -9.59
CA THR A 524 -18.80 16.03 -9.70
C THR A 524 -17.46 16.42 -10.32
N GLY A 525 -16.43 15.64 -10.05
CA GLY A 525 -15.16 15.83 -10.72
C GLY A 525 -14.20 14.65 -10.60
N LEU A 526 -13.41 14.46 -11.65
CA LEU A 526 -12.31 13.54 -11.71
C LEU A 526 -11.15 14.28 -12.37
N ALA A 527 -9.94 14.00 -11.89
CA ALA A 527 -8.71 14.60 -12.41
C ALA A 527 -8.76 16.14 -12.20
N ASP A 528 -8.69 16.92 -13.27
CA ASP A 528 -8.66 18.36 -13.10
C ASP A 528 -9.98 18.83 -12.52
N GLY A 529 -11.05 18.11 -12.80
CA GLY A 529 -12.34 18.39 -12.22
C GLY A 529 -12.40 18.10 -10.76
N ALA A 530 -11.59 17.16 -10.26
CA ALA A 530 -11.54 16.93 -8.84
C ALA A 530 -10.98 18.15 -8.14
N THR A 531 -9.94 18.72 -8.70
CA THR A 531 -9.32 19.92 -8.12
C THR A 531 -10.39 21.03 -8.03
N THR A 532 -11.21 21.12 -9.06
CA THR A 532 -12.26 22.13 -9.09
C THR A 532 -13.26 21.84 -8.02
N VAL A 533 -13.57 20.59 -7.78
CA VAL A 533 -14.48 20.28 -6.71
C VAL A 533 -13.94 20.73 -5.38
N HIS A 534 -12.66 20.51 -5.15
CA HIS A 534 -12.08 20.79 -3.82
C HIS A 534 -12.09 22.30 -3.63
N PHE A 535 -11.60 22.98 -4.64
CA PHE A 535 -11.61 24.46 -4.68
C PHE A 535 -13.00 25.03 -4.52
N GLY A 536 -13.94 24.42 -5.19
CA GLY A 536 -15.32 24.91 -5.20
C GLY A 536 -16.00 24.80 -3.88
N LEU A 537 -15.71 23.73 -3.13
CA LEU A 537 -16.44 23.51 -1.87
C LEU A 537 -15.89 24.42 -0.79
N ILE A 538 -14.67 24.88 -0.98
CA ILE A 538 -14.07 25.75 0.01
C ILE A 538 -14.33 27.21 -0.31
N ASN A 539 -14.33 27.58 -1.58
CA ASN A 539 -14.39 28.98 -1.95
C ASN A 539 -15.75 29.45 -2.49
N SER A 540 -16.79 28.63 -2.28
CA SER A 540 -18.14 29.03 -2.53
C SER A 540 -19.08 28.22 -1.66
N HIS A 541 -20.30 28.67 -1.54
CA HIS A 541 -21.38 27.91 -0.93
C HIS A 541 -22.47 27.69 -1.94
N ARG A 542 -22.08 27.56 -3.18
CA ARG A 542 -23.06 27.31 -4.24
C ARG A 542 -23.44 25.88 -4.43
N PHE A 543 -22.75 24.92 -3.77
CA PHE A 543 -23.01 23.49 -4.02
C PHE A 543 -23.66 22.77 -2.86
N ALA A 544 -24.75 22.07 -3.10
CA ALA A 544 -25.40 21.40 -2.02
C ALA A 544 -24.95 19.92 -1.83
N ALA A 545 -24.21 19.39 -2.79
CA ALA A 545 -23.66 18.00 -2.70
C ALA A 545 -22.57 17.81 -3.74
N ALA A 546 -21.62 16.93 -3.45
CA ALA A 546 -20.54 16.70 -4.36
C ALA A 546 -20.07 15.26 -4.36
N VAL A 547 -19.48 14.85 -5.49
CA VAL A 547 -18.83 13.60 -5.67
C VAL A 547 -17.51 13.87 -6.34
N THR A 548 -16.44 13.21 -5.87
CA THR A 548 -15.12 13.29 -6.51
C THR A 548 -14.52 11.88 -6.61
N SER A 549 -13.66 11.63 -7.56
CA SER A 549 -13.01 10.34 -7.69
C SER A 549 -11.69 10.29 -6.92
N SER A 550 -11.19 11.42 -6.50
CA SER A 550 -9.98 11.47 -5.72
C SER A 550 -9.94 12.66 -4.76
N CYS A 551 -9.03 12.55 -3.80
CA CYS A 551 -8.75 13.57 -2.84
C CYS A 551 -7.29 13.30 -2.39
N CYS A 552 -6.49 14.31 -2.06
CA CYS A 552 -6.93 15.72 -1.93
C CYS A 552 -5.99 16.65 -2.64
N THR A 553 -6.40 17.90 -2.75
CA THR A 553 -5.48 18.91 -3.28
C THR A 553 -4.80 19.59 -2.13
N ASP A 554 -3.71 18.98 -1.67
CA ASP A 554 -3.05 19.38 -0.40
C ASP A 554 -1.62 18.98 -0.43
N SER A 555 -0.82 19.47 0.52
CA SER A 555 0.61 19.14 0.53
C SER A 555 0.83 17.67 0.74
N PHE A 556 -0.02 17.04 1.54
CA PHE A 556 0.19 15.64 1.82
C PHE A 556 0.17 14.85 0.51
N THR A 557 -0.87 15.10 -0.27
CA THR A 557 -0.99 14.38 -1.54
C THR A 557 0.09 14.80 -2.54
N ALA A 558 0.35 16.10 -2.65
CA ALA A 558 1.21 16.60 -3.72
C ALA A 558 2.70 16.50 -3.42
N SER A 559 3.06 16.59 -2.14
CA SER A 559 4.47 16.57 -1.74
C SER A 559 4.75 15.16 -1.18
N VAL A 560 4.09 14.81 -0.08
CA VAL A 560 4.47 13.58 0.64
C VAL A 560 4.23 12.30 -0.22
N MET A 561 3.02 12.12 -0.73
CA MET A 561 2.64 10.91 -1.37
C MET A 561 3.17 10.74 -2.77
N ASN A 562 3.60 11.82 -3.38
CA ASN A 562 4.24 11.76 -4.66
C ASN A 562 5.70 11.31 -4.56
N GLY A 563 6.32 11.43 -3.39
CA GLY A 563 7.76 11.18 -3.28
C GLY A 563 8.58 12.33 -3.82
N PRO A 564 9.89 12.27 -3.60
CA PRO A 564 10.65 13.53 -3.80
C PRO A 564 10.86 13.94 -5.23
N ARG A 565 10.84 12.98 -6.14
CA ARG A 565 11.04 13.27 -7.55
C ARG A 565 9.87 14.05 -8.18
N ILE A 566 8.67 13.49 -8.10
CA ILE A 566 7.52 14.17 -8.64
C ILE A 566 7.20 15.44 -7.84
N SER A 567 7.32 15.36 -6.51
CA SER A 567 7.09 16.52 -5.69
C SER A 567 7.95 17.73 -6.15
N GLY A 568 9.23 17.47 -6.32
CA GLY A 568 10.18 18.48 -6.81
C GLY A 568 9.83 19.00 -8.22
N ALA A 569 9.43 18.11 -9.11
CA ALA A 569 9.12 18.50 -10.50
C ALA A 569 7.86 19.34 -10.60
N LEU A 570 6.94 19.20 -9.64
CA LEU A 570 5.66 19.92 -9.74
C LEU A 570 5.77 21.41 -9.44
N LYS A 571 6.77 21.76 -8.68
CA LYS A 571 7.05 23.12 -8.30
C LYS A 571 7.17 24.03 -9.55
N ALA A 572 7.77 23.55 -10.63
CA ALA A 572 7.88 24.38 -11.84
C ALA A 572 6.53 24.60 -12.50
N TYR A 573 5.55 23.76 -12.18
CA TYR A 573 4.21 23.89 -12.76
C TYR A 573 3.34 24.87 -11.94
N GLY A 574 3.92 25.40 -10.87
CA GLY A 574 3.23 26.29 -9.95
C GLY A 574 2.58 25.57 -8.77
N ILE A 575 2.86 24.27 -8.58
CA ILE A 575 2.30 23.59 -7.41
C ILE A 575 3.33 23.74 -6.28
N GLU A 576 2.96 24.40 -5.18
CA GLU A 576 3.95 24.73 -4.16
C GLU A 576 4.23 23.58 -3.17
N THR A 577 4.91 22.56 -3.65
CA THR A 577 5.20 21.37 -2.86
C THR A 577 6.30 21.59 -1.80
N ASP A 578 6.97 22.72 -1.85
CA ASP A 578 7.87 23.11 -0.77
C ASP A 578 7.15 23.82 0.42
N GLN A 579 5.86 24.13 0.27
CA GLN A 579 5.07 24.59 1.43
C GLN A 579 4.37 23.38 2.10
N ALA A 580 4.45 23.36 3.41
CA ALA A 580 3.66 22.50 4.25
C ALA A 580 2.17 22.88 4.13
N ASP A 581 1.31 22.07 4.74
CA ASP A 581 -0.09 22.22 4.47
C ASP A 581 -0.73 23.48 5.02
N ASP A 582 -0.08 24.09 6.01
CA ASP A 582 -0.57 25.36 6.61
C ASP A 582 0.03 26.59 5.87
N GLY A 583 0.68 26.34 4.73
CA GLY A 583 1.23 27.42 3.94
C GLY A 583 0.13 28.10 3.11
N PRO A 584 0.44 29.29 2.60
CA PRO A 584 -0.60 30.10 1.95
C PRO A 584 -1.22 29.45 0.69
N PHE A 585 -0.42 28.74 -0.11
CA PHE A 585 -0.91 28.17 -1.37
C PHE A 585 -2.00 27.14 -1.09
N TRP A 586 -1.84 26.31 -0.08
CA TRP A 586 -2.77 25.22 0.21
C TRP A 586 -4.05 25.63 0.92
N ALA A 587 -4.11 26.83 1.49
CA ALA A 587 -5.31 27.27 2.22
C ALA A 587 -6.56 27.33 1.38
N ALA A 588 -6.38 27.51 0.08
CA ALA A 588 -7.54 27.57 -0.81
C ALA A 588 -8.14 26.23 -1.15
N THR A 589 -7.39 25.14 -0.90
CA THR A 589 -7.85 23.80 -1.32
C THR A 589 -7.73 22.63 -0.31
N SER A 590 -6.92 22.76 0.73
CA SER A 590 -6.67 21.66 1.65
C SER A 590 -7.89 21.40 2.51
N PHE A 591 -8.35 20.15 2.48
CA PHE A 591 -9.42 19.75 3.39
C PHE A 591 -8.97 19.59 4.84
N VAL A 592 -7.69 19.37 5.07
CA VAL A 592 -7.21 19.34 6.45
C VAL A 592 -7.33 20.77 7.06
N VAL A 593 -6.80 21.78 6.37
CA VAL A 593 -6.92 23.18 6.80
C VAL A 593 -8.38 23.61 6.98
N ASN A 594 -9.25 23.26 6.03
CA ASN A 594 -10.61 23.78 6.00
C ASN A 594 -11.69 22.83 6.43
N ALA A 595 -11.33 21.70 7.02
CA ALA A 595 -12.33 20.70 7.41
C ALA A 595 -13.51 21.26 8.18
N SER A 596 -13.24 22.11 9.15
CA SER A 596 -14.32 22.55 10.04
C SER A 596 -15.33 23.48 9.36
N ARG A 597 -15.03 24.02 8.18
CA ARG A 597 -16.07 24.82 7.46
C ARG A 597 -16.59 24.16 6.18
N LEU A 598 -16.42 22.88 6.05
CA LEU A 598 -16.77 22.23 4.84
C LEU A 598 -18.07 21.47 5.09
N ASP A 599 -19.18 22.17 4.88
CA ASP A 599 -20.44 21.57 5.23
C ASP A 599 -21.17 20.83 4.11
N THR A 600 -20.70 20.94 2.88
CA THR A 600 -21.30 20.22 1.77
C THR A 600 -21.03 18.71 1.85
N PRO A 601 -22.06 17.88 1.74
CA PRO A 601 -21.89 16.43 1.62
C PRO A 601 -20.98 16.07 0.49
N LEU A 602 -19.98 15.24 0.78
CA LEU A 602 -19.01 14.83 -0.22
C LEU A 602 -18.82 13.32 -0.19
N LEU A 603 -19.00 12.72 -1.35
CA LEU A 603 -18.71 11.35 -1.59
C LEU A 603 -17.44 11.20 -2.40
N ILE A 604 -16.48 10.40 -1.91
CA ILE A 604 -15.24 10.14 -2.66
C ILE A 604 -15.21 8.66 -3.10
N GLN A 605 -15.09 8.43 -4.40
CA GLN A 605 -15.14 7.07 -4.92
C GLN A 605 -13.78 6.83 -5.50
N SER A 606 -12.86 6.37 -4.66
CA SER A 606 -11.45 6.34 -5.02
C SER A 606 -10.94 4.97 -5.43
N ALA A 607 -10.01 4.95 -6.36
CA ALA A 607 -9.15 3.79 -6.57
C ALA A 607 -8.27 3.57 -5.37
N ASP A 608 -7.99 2.30 -5.03
CA ASP A 608 -7.03 2.02 -4.01
C ASP A 608 -5.71 2.68 -4.29
N GLU A 609 -5.37 2.78 -5.54
CA GLU A 609 -4.10 3.39 -5.91
C GLU A 609 -4.05 4.91 -5.65
N GLU A 610 -5.17 5.54 -5.26
CA GLU A 610 -5.13 6.96 -4.90
C GLU A 610 -5.67 7.24 -3.53
N TYR A 611 -6.22 6.25 -2.84
CA TYR A 611 -6.90 6.57 -1.60
C TYR A 611 -6.05 7.10 -0.49
N LEU A 612 -4.76 6.76 -0.44
CA LEU A 612 -3.94 7.14 0.65
C LEU A 612 -3.90 8.66 0.80
N GLY A 613 -3.87 9.33 -0.34
CA GLY A 613 -3.95 10.78 -0.44
C GLY A 613 -5.16 11.41 0.19
N ALA A 614 -6.23 10.64 0.31
CA ALA A 614 -7.44 11.18 0.82
C ALA A 614 -7.49 11.13 2.32
N LEU A 615 -6.61 10.35 2.93
CA LEU A 615 -6.82 10.03 4.31
C LEU A 615 -6.68 11.17 5.29
N PRO A 616 -5.64 11.99 5.22
CA PRO A 616 -5.64 13.08 6.24
C PRO A 616 -6.88 13.98 6.14
N GLY A 617 -7.21 14.38 4.94
CA GLY A 617 -8.41 15.14 4.68
C GLY A 617 -9.65 14.46 5.18
N PHE A 618 -9.80 13.20 4.82
CA PHE A 618 -10.98 12.47 5.27
C PHE A 618 -11.07 12.46 6.80
N THR A 619 -9.95 12.23 7.45
CA THR A 619 -9.95 12.06 8.91
C THR A 619 -10.28 13.39 9.58
N ALA A 620 -9.79 14.50 9.03
CA ALA A 620 -10.10 15.83 9.61
C ALA A 620 -11.58 16.13 9.45
N LEU A 621 -12.14 15.78 8.30
CA LEU A 621 -13.55 15.95 8.09
C LEU A 621 -14.40 15.12 9.00
N GLN A 622 -14.05 13.83 9.20
CA GLN A 622 -14.81 13.00 10.14
C GLN A 622 -14.71 13.55 11.54
N GLN A 623 -13.52 13.88 11.94
CA GLN A 623 -13.31 14.45 13.26
C GLN A 623 -14.13 15.74 13.45
N ALA A 624 -14.29 16.54 12.41
CA ALA A 624 -15.09 17.75 12.51
C ALA A 624 -16.55 17.44 12.26
N ARG A 625 -16.93 16.16 12.19
CA ARG A 625 -18.32 15.76 12.03
C ARG A 625 -19.01 16.31 10.74
N LYS A 626 -18.31 16.24 9.64
CA LYS A 626 -18.86 16.61 8.38
C LYS A 626 -19.41 15.42 7.64
N PRO A 627 -20.37 15.65 6.74
CA PRO A 627 -20.97 14.55 5.96
C PRO A 627 -20.15 14.10 4.75
N VAL A 628 -19.11 13.31 5.01
CA VAL A 628 -18.18 12.82 4.04
C VAL A 628 -18.22 11.27 4.07
N GLU A 629 -18.01 10.64 2.92
CA GLU A 629 -17.92 9.17 2.84
C GLU A 629 -16.90 8.88 1.75
N LEU A 630 -16.11 7.85 2.02
CA LEU A 630 -15.04 7.41 1.12
C LEU A 630 -15.25 5.95 0.79
N ILE A 631 -15.19 5.65 -0.50
CA ILE A 631 -15.36 4.33 -0.99
C ILE A 631 -14.07 3.95 -1.63
N ILE A 632 -13.61 2.72 -1.43
CA ILE A 632 -12.36 2.28 -2.03
C ILE A 632 -12.60 1.14 -2.98
N TYR A 633 -11.99 1.19 -4.18
CA TYR A 633 -12.09 0.08 -5.14
C TYR A 633 -10.75 -0.60 -5.35
N PRO A 634 -10.71 -1.93 -5.28
CA PRO A 634 -9.44 -2.63 -5.40
C PRO A 634 -8.89 -2.76 -6.80
N ASN A 635 -7.57 -2.76 -6.91
CA ASN A 635 -6.87 -2.91 -8.17
C ASN A 635 -7.43 -1.94 -9.27
N GLU A 636 -7.49 -0.65 -8.94
CA GLU A 636 -8.00 0.33 -9.83
C GLU A 636 -6.98 1.43 -10.02
N HIS A 637 -7.27 2.34 -10.95
CA HIS A 637 -6.35 3.38 -11.33
C HIS A 637 -7.12 4.71 -11.35
N HIS A 638 -6.36 5.75 -11.56
CA HIS A 638 -6.80 7.14 -11.67
C HIS A 638 -8.05 7.26 -12.49
N VAL A 639 -8.11 6.58 -13.62
CA VAL A 639 -9.35 6.30 -14.35
C VAL A 639 -9.69 4.80 -14.19
N LYS A 640 -10.95 4.47 -13.90
CA LYS A 640 -11.30 3.11 -13.52
C LYS A 640 -11.52 2.27 -14.76
N TRP A 641 -11.18 0.99 -14.69
CA TRP A 641 -11.17 0.13 -15.86
C TRP A 641 -12.12 -1.06 -15.72
N GLN A 642 -12.50 -1.44 -14.48
CA GLN A 642 -13.28 -2.66 -14.29
C GLN A 642 -14.77 -2.36 -14.39
N PRO A 643 -15.46 -3.03 -15.33
CA PRO A 643 -16.85 -2.68 -15.59
C PRO A 643 -17.77 -2.75 -14.38
N ALA A 644 -17.59 -3.73 -13.49
CA ALA A 644 -18.45 -3.81 -12.31
C ALA A 644 -18.24 -2.59 -11.43
N HIS A 645 -17.00 -2.17 -11.38
CA HIS A 645 -16.71 -0.98 -10.58
C HIS A 645 -17.39 0.25 -11.14
N ARG A 646 -17.28 0.42 -12.45
CA ARG A 646 -17.88 1.61 -13.10
C ARG A 646 -19.34 1.63 -12.87
N LEU A 647 -20.01 0.48 -13.02
CA LEU A 647 -21.42 0.45 -12.80
C LEU A 647 -21.80 0.81 -11.39
N ALA A 648 -21.01 0.35 -10.42
CA ALA A 648 -21.26 0.61 -9.02
C ALA A 648 -21.01 2.08 -8.71
N VAL A 649 -20.02 2.68 -9.34
CA VAL A 649 -19.80 4.11 -9.22
C VAL A 649 -21.00 4.93 -9.77
N TYR A 650 -21.43 4.60 -11.00
CA TYR A 650 -22.62 5.20 -11.60
C TYR A 650 -23.79 5.15 -10.64
N ASN A 651 -24.07 3.97 -10.10
CA ASN A 651 -25.27 3.81 -9.28
C ASN A 651 -25.20 4.50 -7.94
N ARG A 652 -24.04 4.49 -7.31
CA ARG A 652 -23.93 5.16 -6.06
C ARG A 652 -23.97 6.69 -6.25
N THR A 653 -23.40 7.17 -7.33
CA THR A 653 -23.41 8.57 -7.54
C THR A 653 -24.83 9.09 -7.83
N ILE A 654 -25.64 8.32 -8.57
CA ILE A 654 -27.05 8.65 -8.75
C ILE A 654 -27.78 8.59 -7.42
N ASP A 655 -27.54 7.55 -6.63
CA ASP A 655 -28.23 7.44 -5.37
C ASP A 655 -27.87 8.64 -4.49
N TRP A 656 -26.61 9.02 -4.52
CA TRP A 656 -26.15 10.07 -3.64
C TRP A 656 -26.88 11.37 -3.96
N PHE A 657 -26.87 11.75 -5.23
CA PHE A 657 -27.58 12.97 -5.62
C PHE A 657 -29.11 12.91 -5.43
N ARG A 658 -29.72 11.76 -5.65
CA ARG A 658 -31.14 11.61 -5.33
C ARG A 658 -31.40 11.80 -3.85
N PHE A 659 -30.50 11.31 -3.01
CA PHE A 659 -30.66 11.40 -1.58
C PHE A 659 -30.55 12.87 -1.13
N TRP A 660 -29.48 13.56 -1.51
CA TRP A 660 -29.24 14.86 -0.98
C TRP A 660 -29.96 15.93 -1.71
N LEU A 661 -30.19 15.78 -3.01
CA LEU A 661 -30.85 16.84 -3.78
C LEU A 661 -32.31 16.62 -4.04
N MET A 662 -32.83 15.38 -3.93
CA MET A 662 -34.25 15.10 -4.06
C MET A 662 -34.89 14.52 -2.79
N ASP A 663 -34.11 14.25 -1.73
CA ASP A 663 -34.61 13.60 -0.52
CA ASP A 663 -34.62 13.57 -0.50
C ASP A 663 -35.30 12.27 -0.86
N GLN A 664 -34.78 11.56 -1.84
CA GLN A 664 -35.34 10.28 -2.23
C GLN A 664 -34.35 9.16 -2.05
N SER A 665 -34.86 8.00 -1.71
CA SER A 665 -34.04 6.80 -1.56
CA SER A 665 -34.07 6.78 -1.54
C SER A 665 -34.73 5.65 -2.27
N ASP A 666 -33.93 4.79 -2.85
CA ASP A 666 -34.41 3.58 -3.49
C ASP A 666 -34.59 2.51 -2.38
N PRO A 667 -35.81 1.93 -2.25
CA PRO A 667 -36.09 0.99 -1.15
C PRO A 667 -35.53 -0.44 -1.32
N ALA A 668 -34.84 -0.75 -2.43
CA ALA A 668 -34.23 -2.05 -2.59
C ALA A 668 -33.48 -2.50 -1.31
N PRO A 669 -33.71 -3.76 -0.87
CA PRO A 669 -33.16 -4.11 0.45
C PRO A 669 -31.63 -4.15 0.51
N ASP A 670 -30.96 -4.41 -0.61
CA ASP A 670 -29.49 -4.37 -0.66
C ASP A 670 -28.88 -2.95 -0.61
N LYS A 671 -29.72 -1.90 -0.56
CA LYS A 671 -29.24 -0.54 -0.34
C LYS A 671 -29.54 0.01 1.02
N ALA A 672 -30.20 -0.76 1.86
CA ALA A 672 -30.67 -0.31 3.15
C ALA A 672 -29.55 0.15 4.05
N ALA A 673 -28.46 -0.58 4.05
CA ALA A 673 -27.30 -0.19 4.88
C ALA A 673 -26.68 1.13 4.40
N GLN A 674 -26.67 1.33 3.08
CA GLN A 674 -26.13 2.57 2.53
C GLN A 674 -26.96 3.75 2.99
N TYR A 675 -28.27 3.65 2.89
CA TYR A 675 -29.13 4.74 3.40
C TYR A 675 -29.12 4.93 4.93
N ASP A 676 -28.93 3.86 5.69
CA ASP A 676 -28.64 4.05 7.15
C ASP A 676 -27.45 4.98 7.35
N ARG A 677 -26.35 4.70 6.65
CA ARG A 677 -25.17 5.48 6.79
C ARG A 677 -25.42 6.94 6.38
N TRP A 678 -26.11 7.14 5.26
CA TRP A 678 -26.29 8.47 4.76
C TRP A 678 -27.30 9.27 5.62
N ARG A 679 -28.27 8.58 6.20
CA ARG A 679 -29.16 9.26 7.20
C ARG A 679 -28.36 9.71 8.40
N ALA A 680 -27.42 8.88 8.83
CA ALA A 680 -26.55 9.30 9.92
C ALA A 680 -25.69 10.49 9.50
N LEU A 681 -25.23 10.54 8.25
CA LEU A 681 -24.42 11.68 7.83
C LEU A 681 -25.26 12.98 7.90
N ARG A 682 -26.48 12.86 7.44
CA ARG A 682 -27.43 13.93 7.43
C ARG A 682 -27.72 14.47 8.82
N ALA A 683 -27.83 13.59 9.79
CA ALA A 683 -28.14 13.97 11.17
C ALA A 683 -26.99 14.68 11.85
N LEU A 684 -25.75 14.51 11.35
CA LEU A 684 -24.58 15.24 11.88
C LEU A 684 -24.72 16.73 11.70
N ARG A 685 -25.43 17.12 10.66
CA ARG A 685 -25.53 18.53 10.30
C ARG A 685 -26.37 19.37 11.28
N GLN A 686 -26.95 18.72 12.27
CA GLN A 686 -27.65 19.36 13.36
C GLN A 686 -27.48 18.61 14.68
N GLY B 1 -6.01 12.97 -16.22
CA GLY B 1 -7.01 12.54 -17.17
C GLY B 1 -6.57 11.19 -17.77
N PRO B 2 -7.44 10.63 -18.62
CA PRO B 2 -7.14 9.36 -19.29
C PRO B 2 -5.98 9.42 -20.27
N THR B 3 -5.84 10.55 -20.95
CA THR B 3 -4.87 10.68 -22.04
C THR B 3 -3.57 11.35 -21.54
N PRO B 4 -2.41 10.61 -21.57
CA PRO B 4 -1.15 11.14 -21.01
C PRO B 4 -0.33 12.04 -21.97
N MET B 5 -0.67 13.32 -22.08
CA MET B 5 0.09 14.28 -22.93
C MET B 5 0.55 15.53 -22.15
N VAL B 6 -0.14 16.66 -22.34
CA VAL B 6 0.27 17.97 -21.84
C VAL B 6 -0.61 18.51 -20.67
N GLY B 7 0.05 19.08 -19.67
CA GLY B 7 -0.62 19.61 -18.49
C GLY B 7 -0.77 18.57 -17.37
N LEU B 8 -1.28 19.02 -16.22
CA LEU B 8 -1.54 18.16 -15.06
C LEU B 8 -3.01 17.68 -14.98
N ASP B 9 -3.16 16.35 -14.86
CA ASP B 9 -4.40 15.68 -14.41
C ASP B 9 -4.37 15.54 -12.89
N SER B 10 -4.83 16.56 -12.17
CA SER B 10 -4.67 16.58 -10.70
C SER B 10 -3.18 16.70 -10.31
N VAL B 11 -2.87 16.45 -9.05
CA VAL B 11 -1.52 16.74 -8.48
C VAL B 11 -0.74 15.48 -8.06
N SER B 12 -1.05 14.33 -8.66
CA SER B 12 -0.52 13.02 -8.21
C SER B 12 0.38 12.30 -9.26
N GLY B 13 0.77 13.04 -10.29
CA GLY B 13 1.71 12.56 -11.27
C GLY B 13 1.13 12.15 -12.60
N GLN B 14 -0.17 12.31 -12.81
CA GLN B 14 -0.77 12.02 -14.14
C GLN B 14 -0.81 13.30 -14.97
N TYR B 15 -0.76 13.12 -16.28
CA TYR B 15 -0.77 14.21 -17.27
C TYR B 15 -2.16 14.35 -17.94
N TRP B 16 -2.47 15.51 -18.52
CA TRP B 16 -3.74 15.73 -19.30
C TRP B 16 -3.25 15.70 -20.82
N ASP B 17 -3.97 15.73 -21.97
CA ASP B 17 -4.85 16.73 -22.60
C ASP B 17 -5.78 16.12 -23.72
N ALA C 35 41.23 -16.50 18.41
CA ALA C 35 39.77 -16.89 18.54
C ALA C 35 38.90 -15.87 17.80
N PRO C 36 38.06 -16.37 16.88
CA PRO C 36 37.34 -15.42 16.02
C PRO C 36 36.29 -14.56 16.76
N PRO C 37 36.03 -13.40 16.23
CA PRO C 37 35.16 -12.44 16.82
C PRO C 37 33.69 -12.81 16.48
N VAL C 38 32.73 -12.33 17.30
CA VAL C 38 31.31 -12.47 16.95
C VAL C 38 30.90 -11.32 16.07
N THR C 39 30.67 -11.63 14.81
CA THR C 39 30.30 -10.65 13.81
C THR C 39 28.80 -10.72 13.49
N PRO C 40 28.30 -9.79 12.68
CA PRO C 40 26.87 -9.90 12.32
C PRO C 40 26.55 -11.22 11.62
N GLU C 41 27.48 -11.72 10.81
CA GLU C 41 27.32 -12.99 10.06
C GLU C 41 27.17 -14.16 11.05
N VAL C 42 27.89 -14.12 12.15
CA VAL C 42 27.75 -15.13 13.17
C VAL C 42 26.44 -14.98 13.90
N LEU C 43 26.10 -13.76 14.28
CA LEU C 43 24.96 -13.53 15.12
C LEU C 43 23.67 -13.95 14.39
N VAL C 44 23.52 -13.55 13.15
CA VAL C 44 22.28 -13.83 12.44
C VAL C 44 22.05 -15.35 12.24
N ARG C 45 23.12 -16.12 12.21
CA ARG C 45 23.01 -17.56 12.07
C ARG C 45 22.94 -18.34 13.37
N LEU C 46 23.02 -17.69 14.51
CA LEU C 46 22.81 -18.44 15.80
C LEU C 46 21.34 -18.96 15.88
N ALA C 47 21.21 -20.26 16.01
CA ALA C 47 19.94 -20.89 16.01
C ALA C 47 19.14 -20.54 17.23
N ASP C 48 17.83 -20.78 17.16
CA ASP C 48 16.89 -20.50 18.25
C ASP C 48 15.85 -21.65 18.39
N ILE C 49 15.16 -21.65 19.50
CA ILE C 49 14.11 -22.58 19.82
C ILE C 49 12.86 -21.80 20.27
N GLY C 50 11.75 -21.92 19.54
CA GLY C 50 10.49 -21.30 19.96
C GLY C 50 10.46 -19.83 19.55
N THR C 51 9.43 -19.12 19.95
CA THR C 51 9.25 -17.75 19.49
C THR C 51 10.38 -16.84 20.04
N MET C 52 10.55 -15.71 19.40
CA MET C 52 11.66 -14.83 19.67
C MET C 52 11.78 -14.49 21.13
N SER C 53 10.68 -14.07 21.72
CA SER C 53 10.70 -13.63 23.09
C SER C 53 9.90 -14.61 23.94
N ALA C 54 10.60 -15.47 24.67
CA ALA C 54 10.01 -16.57 25.35
C ALA C 54 10.11 -16.40 26.81
N SER C 55 9.19 -16.97 27.53
CA SER C 55 9.20 -16.91 28.98
C SER C 55 8.77 -18.22 29.59
N GLU C 56 8.43 -18.19 30.87
CA GLU C 56 8.21 -19.40 31.61
C GLU C 56 7.19 -20.30 31.00
N THR C 57 6.13 -19.75 30.48
CA THR C 57 5.05 -20.62 30.03
C THR C 57 5.09 -20.81 28.50
N THR C 58 6.14 -20.35 27.83
CA THR C 58 6.23 -20.58 26.40
C THR C 58 6.32 -22.10 26.11
N PRO C 59 5.36 -22.65 25.34
CA PRO C 59 5.29 -24.13 25.22
C PRO C 59 6.21 -24.64 24.14
N LEU C 60 7.51 -24.43 24.30
CA LEU C 60 8.48 -24.68 23.20
C LEU C 60 9.07 -26.08 23.14
N LEU C 61 8.71 -26.94 24.08
CA LEU C 61 9.14 -28.33 24.07
C LEU C 61 8.04 -29.24 24.58
N SER C 62 8.12 -30.54 24.27
CA SER C 62 7.19 -31.47 24.84
CA SER C 62 7.19 -31.49 24.83
C SER C 62 7.88 -32.78 25.17
N LEU C 63 7.63 -33.29 26.38
CA LEU C 63 8.17 -34.59 26.78
C LEU C 63 7.30 -35.71 26.27
N SER C 64 7.93 -36.82 25.90
CA SER C 64 7.18 -38.01 25.53
C SER C 64 6.36 -38.52 26.74
N PRO C 65 5.30 -39.34 26.48
CA PRO C 65 4.44 -39.89 27.53
C PRO C 65 5.25 -40.58 28.63
N ASP C 66 6.29 -41.33 28.29
CA ASP C 66 7.13 -41.99 29.29
C ASP C 66 8.27 -41.11 29.85
N GLY C 67 8.38 -39.86 29.41
CA GLY C 67 9.41 -38.95 29.91
C GLY C 67 10.83 -39.20 29.40
N ARG C 68 11.04 -40.15 28.50
CA ARG C 68 12.36 -40.46 28.02
C ARG C 68 12.87 -39.64 26.86
N TYR C 69 12.02 -38.89 26.19
CA TYR C 69 12.42 -38.09 25.06
C TYR C 69 11.78 -36.69 25.16
N VAL C 70 12.46 -35.69 24.61
CA VAL C 70 11.92 -34.35 24.50
C VAL C 70 11.92 -34.00 23.01
N ALA C 71 10.86 -33.37 22.54
CA ALA C 71 10.73 -32.94 21.17
C ALA C 71 10.54 -31.44 21.15
N PHE C 72 11.12 -30.79 20.14
CA PHE C 72 11.13 -29.32 20.04
C PHE C 72 11.63 -28.93 18.66
N GLN C 73 11.30 -27.71 18.23
CA GLN C 73 11.72 -27.16 16.97
C GLN C 73 12.92 -26.24 17.07
N VAL C 74 13.91 -26.45 16.20
CA VAL C 74 15.07 -25.57 16.06
C VAL C 74 14.88 -24.73 14.79
N ARG C 75 15.15 -23.45 14.88
CA ARG C 75 15.13 -22.56 13.74
C ARG C 75 16.52 -22.01 13.52
N GLN C 76 16.93 -22.01 12.27
CA GLN C 76 18.23 -21.41 11.94
C GLN C 76 18.19 -20.60 10.67
N ALA C 77 18.56 -19.35 10.82
CA ALA C 77 18.48 -18.38 9.75
C ALA C 77 19.66 -18.44 8.81
N ASP C 78 19.37 -18.39 7.52
CA ASP C 78 20.41 -18.42 6.47
C ASP C 78 20.26 -17.18 5.62
N PRO C 79 21.17 -16.22 5.78
CA PRO C 79 21.00 -14.94 5.06
C PRO C 79 21.38 -15.01 3.60
N VAL C 80 22.03 -16.06 3.16
CA VAL C 80 22.36 -16.21 1.75
C VAL C 80 21.15 -16.69 0.95
N THR C 81 20.48 -17.72 1.41
CA THR C 81 19.24 -18.12 0.75
C THR C 81 18.09 -17.20 1.16
N ASN C 82 18.27 -16.41 2.22
CA ASN C 82 17.20 -15.55 2.79
C ASN C 82 16.00 -16.38 3.24
N LEU C 83 16.31 -17.44 3.96
CA LEU C 83 15.33 -18.36 4.47
C LEU C 83 15.76 -18.88 5.82
N ASN C 84 14.82 -18.90 6.78
CA ASN C 84 14.93 -19.77 7.93
C ASN C 84 14.79 -21.24 7.54
N VAL C 85 15.56 -22.07 8.21
CA VAL C 85 15.47 -23.51 8.11
C VAL C 85 14.98 -24.01 9.43
N PHE C 86 13.85 -24.71 9.41
CA PHE C 86 13.29 -25.30 10.61
C PHE C 86 13.51 -26.81 10.66
N ARG C 87 13.71 -27.33 11.87
CA ARG C 87 13.89 -28.78 12.08
C ARG C 87 13.07 -29.12 13.31
N MET C 88 12.35 -30.21 13.22
CA MET C 88 11.77 -30.83 14.37
C MET C 88 12.76 -31.88 14.92
N VAL C 89 13.11 -31.72 16.19
CA VAL C 89 14.16 -32.49 16.81
C VAL C 89 13.67 -33.35 18.00
N VAL C 90 14.21 -34.56 18.09
CA VAL C 90 13.90 -35.42 19.24
C VAL C 90 15.20 -35.75 19.91
N LYS C 91 15.22 -35.68 21.24
CA LYS C 91 16.42 -35.91 22.02
C LYS C 91 16.10 -36.71 23.29
N ALA C 92 16.87 -37.75 23.56
CA ALA C 92 16.67 -38.56 24.79
C ALA C 92 17.02 -37.74 25.99
N THR C 93 16.15 -37.73 26.97
CA THR C 93 16.38 -36.91 28.11
C THR C 93 17.51 -37.43 29.00
N ASP C 94 17.95 -38.66 28.83
CA ASP C 94 19.10 -39.14 29.62
C ASP C 94 20.47 -38.67 29.10
N GLY C 95 20.52 -37.99 27.95
CA GLY C 95 21.79 -37.46 27.49
C GLY C 95 22.70 -38.43 26.76
N ALA C 96 22.31 -39.69 26.62
CA ALA C 96 23.21 -40.71 26.12
C ALA C 96 23.26 -40.84 24.57
N THR C 97 22.24 -40.38 23.86
CA THR C 97 22.22 -40.43 22.38
C THR C 97 22.10 -39.02 21.75
N ASP C 98 22.61 -38.87 20.54
CA ASP C 98 22.51 -37.65 19.81
C ASP C 98 21.05 -37.36 19.49
N ALA C 99 20.74 -36.08 19.37
CA ALA C 99 19.48 -35.65 18.90
C ALA C 99 19.34 -36.12 17.45
N ILE C 100 18.10 -36.33 17.03
CA ILE C 100 17.77 -36.77 15.65
C ILE C 100 16.83 -35.73 15.08
N ASP C 101 17.02 -35.34 13.84
CA ASP C 101 16.08 -34.49 13.09
C ASP C 101 14.96 -35.37 12.50
N VAL C 102 13.73 -35.20 12.97
CA VAL C 102 12.63 -36.08 12.51
C VAL C 102 11.90 -35.46 11.35
N ASP C 103 12.14 -34.15 11.09
CA ASP C 103 11.60 -33.45 9.93
C ASP C 103 12.51 -32.24 9.72
N VAL C 104 12.66 -31.81 8.48
CA VAL C 104 13.36 -30.60 8.14
C VAL C 104 12.46 -29.92 7.12
N GLY C 105 12.23 -28.63 7.30
CA GLY C 105 11.48 -27.88 6.32
C GLY C 105 10.33 -27.05 6.92
N GLY C 106 9.73 -26.27 6.05
CA GLY C 106 8.60 -25.46 6.41
C GLY C 106 8.96 -24.00 6.28
N GLU C 107 7.90 -23.21 6.16
CA GLU C 107 7.98 -21.77 6.04
C GLU C 107 7.81 -21.12 7.37
N TYR C 108 8.30 -19.89 7.49
CA TYR C 108 8.18 -19.15 8.76
C TYR C 108 6.72 -18.87 9.03
N LEU C 109 6.21 -19.42 10.14
CA LEU C 109 4.82 -19.37 10.49
C LEU C 109 4.57 -18.26 11.50
N PHE C 110 3.85 -17.22 11.09
CA PHE C 110 3.67 -16.06 11.96
C PHE C 110 2.73 -16.39 13.10
N TRP C 111 3.04 -15.89 14.27
CA TRP C 111 2.13 -15.89 15.38
C TRP C 111 1.12 -14.78 15.10
N THR C 112 -0.16 -15.14 14.97
CA THR C 112 -1.22 -14.16 14.82
C THR C 112 -2.30 -14.32 15.87
N ILE C 113 -2.95 -13.23 16.22
CA ILE C 113 -4.07 -13.27 17.14
C ILE C 113 -5.13 -12.26 16.77
N PRO C 114 -6.34 -12.48 17.25
CA PRO C 114 -7.33 -11.43 17.19
C PRO C 114 -6.93 -10.22 18.08
N SER C 115 -7.20 -9.01 17.61
CA SER C 115 -6.99 -7.77 18.37
C SER C 115 -7.87 -6.70 17.78
N TRP C 116 -8.36 -5.83 18.68
CA TRP C 116 -9.07 -4.63 18.38
C TRP C 116 -10.40 -4.90 17.73
N GLY C 117 -10.91 -6.13 17.88
CA GLY C 117 -12.11 -6.50 17.17
C GLY C 117 -11.86 -7.11 15.80
N TYR C 118 -10.61 -7.17 15.36
CA TYR C 118 -10.25 -7.89 14.12
C TYR C 118 -10.00 -9.37 14.41
N ALA C 119 -10.44 -10.23 13.50
CA ALA C 119 -10.21 -11.68 13.70
C ALA C 119 -8.76 -12.09 13.60
N ARG C 120 -8.01 -11.27 12.89
CA ARG C 120 -6.59 -11.49 12.79
C ARG C 120 -5.82 -10.20 12.63
N ASN C 121 -5.10 -9.76 13.64
CA ASN C 121 -4.43 -8.44 13.56
C ASN C 121 -3.26 -8.60 12.61
N ALA C 122 -2.65 -7.51 12.15
CA ALA C 122 -1.41 -7.67 11.38
C ALA C 122 -0.39 -8.45 12.23
N PRO C 123 0.39 -9.31 11.62
CA PRO C 123 1.38 -10.06 12.40
C PRO C 123 2.43 -9.15 12.99
N SER C 124 2.85 -9.41 14.22
CA SER C 124 3.95 -8.67 14.82
C SER C 124 5.22 -9.01 14.03
N GLY C 125 5.27 -10.20 13.45
CA GLY C 125 6.48 -10.67 12.73
C GLY C 125 7.17 -11.77 13.48
N ALA C 126 6.77 -11.98 14.73
CA ALA C 126 7.33 -13.08 15.50
C ALA C 126 6.80 -14.44 15.02
N ASN C 127 7.61 -15.46 15.10
CA ASN C 127 7.18 -16.82 14.82
C ASN C 127 6.36 -17.53 15.89
N LEU C 128 5.43 -18.35 15.45
CA LEU C 128 4.62 -19.15 16.38
C LEU C 128 5.49 -20.20 17.00
N THR C 129 5.42 -20.33 18.31
CA THR C 129 6.04 -21.49 18.98
C THR C 129 5.31 -22.80 18.51
N ILE C 130 6.07 -23.80 18.06
CA ILE C 130 5.52 -25.03 17.57
C ILE C 130 5.72 -26.11 18.62
N GLN C 131 4.61 -26.52 19.21
CA GLN C 131 4.66 -27.53 20.24
C GLN C 131 4.26 -28.85 19.67
N PRO C 132 5.17 -29.82 19.69
CA PRO C 132 4.89 -31.14 19.13
C PRO C 132 4.04 -31.94 20.04
N ARG C 133 3.11 -32.68 19.44
CA ARG C 133 2.21 -33.56 20.20
C ARG C 133 2.63 -35.01 20.00
N TRP C 134 2.96 -35.69 21.09
CA TRP C 134 3.36 -37.09 21.01
C TRP C 134 2.11 -37.98 20.89
N SER C 135 2.17 -38.98 20.03
CA SER C 135 1.09 -40.01 20.02
C SER C 135 1.17 -40.77 21.34
N PRO C 136 0.04 -41.37 21.80
CA PRO C 136 0.01 -42.08 23.07
C PRO C 136 1.02 -43.20 23.10
N SER C 137 1.24 -43.82 21.96
CA SER C 137 2.26 -44.88 21.87
C SER C 137 3.69 -44.32 21.94
N GLY C 138 3.88 -43.01 21.78
CA GLY C 138 5.21 -42.45 21.80
C GLY C 138 5.97 -42.60 20.50
N THR C 139 5.34 -43.05 19.42
CA THR C 139 6.10 -43.33 18.21
C THR C 139 6.00 -42.26 17.11
N HIS C 140 5.04 -41.34 17.22
CA HIS C 140 4.94 -40.28 16.24
C HIS C 140 4.73 -38.96 16.91
N LEU C 141 5.10 -37.89 16.20
CA LEU C 141 4.76 -36.52 16.55
C LEU C 141 3.75 -35.96 15.57
N ALA C 142 2.81 -35.16 16.06
CA ALA C 142 1.99 -34.29 15.20
C ALA C 142 2.24 -32.86 15.58
N TYR C 143 2.26 -31.97 14.60
CA TYR C 143 2.59 -30.54 14.82
C TYR C 143 2.12 -29.74 13.59
N LEU C 144 2.00 -28.44 13.77
CA LEU C 144 1.73 -27.54 12.69
C LEU C 144 2.97 -27.20 11.92
N ARG C 145 2.80 -27.02 10.63
CA ARG C 145 3.87 -26.61 9.74
C ARG C 145 3.26 -26.00 8.49
N GLN C 146 3.88 -24.93 8.03
CA GLN C 146 3.41 -24.17 6.87
C GLN C 146 4.22 -24.44 5.61
N ASP C 147 3.53 -24.68 4.49
CA ASP C 147 4.18 -24.75 3.16
C ASP C 147 3.19 -24.17 2.12
N GLN C 148 3.72 -23.43 1.16
CA GLN C 148 2.94 -22.64 0.24
C GLN C 148 1.89 -21.78 0.90
N GLY C 149 2.21 -21.16 2.02
CA GLY C 149 1.25 -20.26 2.63
C GLY C 149 0.14 -20.98 3.43
N ARG C 150 0.14 -22.29 3.54
CA ARG C 150 -0.97 -23.01 4.22
C ARG C 150 -0.44 -23.83 5.43
N VAL C 151 -1.04 -23.65 6.61
CA VAL C 151 -0.67 -24.38 7.80
C VAL C 151 -1.40 -25.71 7.84
N ARG C 152 -0.65 -26.78 7.76
CA ARG C 152 -1.12 -28.15 7.79
C ARG C 152 -0.68 -28.82 9.07
N VAL C 153 -1.25 -29.98 9.37
CA VAL C 153 -0.69 -30.84 10.39
C VAL C 153 0.22 -31.88 9.72
N TRP C 154 1.42 -32.02 10.26
CA TRP C 154 2.34 -33.03 9.82
C TRP C 154 2.52 -34.03 10.89
N ARG C 155 2.90 -35.23 10.46
CA ARG C 155 3.15 -36.37 11.32
C ARG C 155 4.54 -36.89 11.03
N ALA C 156 5.35 -37.07 12.05
CA ALA C 156 6.73 -37.51 11.89
C ALA C 156 7.04 -38.73 12.74
N SER C 157 7.85 -39.62 12.20
CA SER C 157 8.34 -40.79 13.00
C SER C 157 9.42 -40.33 13.94
N VAL C 158 9.36 -40.75 15.20
CA VAL C 158 10.29 -40.22 16.14
C VAL C 158 11.67 -40.81 15.96
N LYS C 159 11.76 -41.88 15.19
CA LYS C 159 13.05 -42.54 14.94
C LYS C 159 13.77 -41.92 13.77
N GLY C 160 13.09 -41.01 13.07
CA GLY C 160 13.71 -40.30 11.99
C GLY C 160 13.38 -40.91 10.60
N GLU C 161 12.39 -41.78 10.50
CA GLU C 161 12.20 -42.47 9.21
C GLU C 161 11.39 -41.66 8.24
N GLY C 162 10.85 -40.52 8.65
CA GLY C 162 10.17 -39.62 7.70
C GLY C 162 8.98 -38.85 8.30
N ALA C 163 8.58 -37.80 7.61
CA ALA C 163 7.47 -36.97 8.06
C ALA C 163 6.64 -36.66 6.84
N SER C 164 5.34 -36.52 6.99
CA SER C 164 4.54 -36.04 5.84
C SER C 164 3.30 -35.33 6.33
N PRO C 165 2.70 -34.48 5.49
CA PRO C 165 1.50 -33.80 5.91
C PRO C 165 0.33 -34.76 5.98
N VAL C 166 -0.50 -34.70 7.01
CA VAL C 166 -1.64 -35.57 7.11
C VAL C 166 -2.96 -34.86 7.24
N ILE C 167 -2.97 -33.56 7.49
CA ILE C 167 -4.20 -32.81 7.48
C ILE C 167 -4.03 -31.49 6.84
N GLU C 168 -4.88 -31.22 5.86
CA GLU C 168 -5.00 -29.93 5.23
C GLU C 168 -6.47 -29.59 5.17
N ASP C 169 -6.83 -28.34 5.30
CA ASP C 169 -8.18 -27.91 5.07
C ASP C 169 -8.10 -26.57 4.38
N ALA C 170 -9.25 -26.03 3.98
CA ALA C 170 -9.31 -24.73 3.30
C ALA C 170 -8.80 -23.58 4.18
N TYR C 171 -8.66 -23.85 5.47
CA TYR C 171 -8.22 -22.85 6.43
C TYR C 171 -6.96 -23.35 7.11
N ASP C 172 -6.20 -22.40 7.63
CA ASP C 172 -5.01 -22.77 8.36
C ASP C 172 -5.40 -23.48 9.61
N ILE C 173 -4.74 -24.61 9.88
CA ILE C 173 -5.02 -25.36 11.08
CA ILE C 173 -5.06 -25.33 11.07
C ILE C 173 -4.40 -24.62 12.23
N GLU C 174 -5.10 -24.49 13.34
CA GLU C 174 -4.60 -23.69 14.50
C GLU C 174 -4.13 -24.50 15.71
N ASP C 175 -4.52 -25.78 15.78
CA ASP C 175 -4.06 -26.65 16.85
C ASP C 175 -4.43 -28.10 16.48
N VAL C 176 -3.83 -29.04 17.18
CA VAL C 176 -4.01 -30.45 16.93
C VAL C 176 -3.64 -31.20 18.17
N GLN C 177 -4.34 -32.29 18.44
CA GLN C 177 -3.98 -33.26 19.51
C GLN C 177 -4.32 -34.66 19.00
N TRP C 178 -3.69 -35.67 19.58
CA TRP C 178 -4.05 -37.05 19.33
C TRP C 178 -5.23 -37.43 20.21
N LEU C 179 -6.28 -38.01 19.65
CA LEU C 179 -7.31 -38.61 20.47
C LEU C 179 -6.92 -40.07 20.79
N ASP C 180 -6.24 -40.74 19.85
CA ASP C 180 -5.62 -42.07 20.08
C ASP C 180 -4.56 -42.25 19.01
N ASP C 181 -3.91 -43.37 18.91
CA ASP C 181 -2.80 -43.50 17.97
C ASP C 181 -3.13 -43.30 16.52
N ASN C 182 -4.41 -43.32 16.13
CA ASN C 182 -4.81 -43.21 14.72
C ASN C 182 -5.78 -42.08 14.45
N THR C 183 -5.97 -41.19 15.40
CA THR C 183 -7.01 -40.21 15.27
C THR C 183 -6.51 -38.87 15.80
N LEU C 184 -6.75 -37.83 15.04
CA LEU C 184 -6.35 -36.47 15.37
C LEU C 184 -7.53 -35.55 15.38
N ILE C 185 -7.58 -34.71 16.40
CA ILE C 185 -8.49 -33.62 16.40
C ILE C 185 -7.78 -32.35 16.06
N TYR C 186 -8.43 -31.49 15.28
CA TYR C 186 -7.83 -30.25 14.88
C TYR C 186 -8.82 -29.13 14.85
N SER C 187 -8.32 -27.91 15.01
CA SER C 187 -9.16 -26.73 15.08
C SER C 187 -8.74 -25.69 14.01
N GLY C 188 -9.65 -24.78 13.72
CA GLY C 188 -9.39 -23.63 12.88
C GLY C 188 -10.66 -22.89 12.53
N ARG C 189 -10.57 -21.97 11.57
CA ARG C 189 -11.61 -21.00 11.35
C ARG C 189 -11.99 -20.88 9.89
N PRO C 190 -12.77 -21.85 9.39
CA PRO C 190 -13.33 -21.71 8.07
C PRO C 190 -14.15 -20.44 7.93
N GLY C 191 -14.78 -19.95 9.00
CA GLY C 191 -15.52 -18.68 8.91
C GLY C 191 -14.62 -17.49 8.47
N PHE C 192 -13.31 -17.57 8.75
CA PHE C 192 -12.42 -16.50 8.42
C PHE C 192 -12.23 -16.49 6.88
N VAL C 193 -12.07 -17.66 6.30
CA VAL C 193 -12.02 -17.83 4.87
C VAL C 193 -13.31 -17.41 4.16
N GLU C 194 -14.46 -17.76 4.71
CA GLU C 194 -15.74 -17.33 4.16
C GLU C 194 -15.89 -15.77 4.18
N ALA C 195 -15.43 -15.15 5.27
CA ALA C 195 -15.54 -13.72 5.43
C ALA C 195 -14.63 -13.03 4.42
N GLU C 196 -13.45 -13.60 4.14
CA GLU C 196 -12.58 -13.07 3.12
C GLU C 196 -13.19 -13.19 1.73
N ALA C 197 -13.93 -14.28 1.44
CA ALA C 197 -14.57 -14.36 0.14
C ALA C 197 -15.70 -13.32 0.06
N GLU C 198 -16.36 -13.04 1.18
CA GLU C 198 -17.41 -12.06 1.15
C GLU C 198 -16.80 -10.64 0.91
N ILE C 199 -15.68 -10.33 1.53
CA ILE C 199 -15.01 -9.07 1.29
C ILE C 199 -14.63 -8.91 -0.18
N GLU C 200 -14.15 -9.99 -0.78
CA GLU C 200 -13.78 -10.04 -2.17
C GLU C 200 -14.97 -9.76 -3.07
N ARG C 201 -16.14 -10.31 -2.73
CA ARG C 201 -17.36 -10.04 -3.54
C ARG C 201 -17.80 -8.58 -3.41
N GLU C 202 -17.84 -8.11 -2.19
N GLU C 202 -17.78 -8.05 -2.20
CA GLU C 202 -18.24 -6.76 -1.89
CA GLU C 202 -18.23 -6.69 -1.92
C GLU C 202 -17.38 -5.73 -2.62
C GLU C 202 -17.35 -5.67 -2.60
N GLY C 203 -16.09 -6.02 -2.84
CA GLY C 203 -15.18 -5.11 -3.50
C GLY C 203 -15.63 -4.78 -4.92
N ARG C 204 -16.39 -5.67 -5.55
CA ARG C 204 -17.01 -5.34 -6.83
C ARG C 204 -17.84 -4.09 -6.89
N ARG C 205 -18.33 -3.64 -5.75
CA ARG C 205 -19.18 -2.45 -5.61
C ARG C 205 -18.46 -1.33 -4.88
N GLY C 206 -17.23 -1.61 -4.48
CA GLY C 206 -16.43 -0.70 -3.66
C GLY C 206 -16.68 -0.94 -2.19
N TRP C 207 -15.69 -0.72 -1.36
CA TRP C 207 -15.84 -0.84 0.05
C TRP C 207 -15.94 0.55 0.73
N VAL C 208 -16.86 0.70 1.67
CA VAL C 208 -16.94 1.89 2.50
C VAL C 208 -15.75 1.88 3.47
N TYR C 209 -14.98 2.95 3.49
CA TYR C 209 -13.89 3.09 4.39
C TYR C 209 -14.42 3.37 5.78
N ASP C 210 -14.15 2.43 6.68
CA ASP C 210 -14.78 2.42 7.99
C ASP C 210 -13.86 1.66 8.98
N GLU C 211 -14.47 1.12 10.01
CA GLU C 211 -13.79 0.41 11.05
C GLU C 211 -13.04 -0.86 10.60
N ARG C 212 -13.22 -1.31 9.35
CA ARG C 212 -12.55 -2.49 8.90
C ARG C 212 -11.14 -2.22 8.45
N PHE C 213 -10.76 -0.95 8.30
CA PHE C 213 -9.50 -0.65 7.64
C PHE C 213 -8.38 -0.23 8.56
N HIS C 214 -7.18 -0.64 8.18
CA HIS C 214 -5.96 -0.26 8.89
C HIS C 214 -4.94 0.07 7.77
N PRO C 215 -4.95 1.31 7.32
CA PRO C 215 -4.25 1.71 6.08
C PRO C 215 -2.77 1.52 6.12
N LEU C 216 -2.18 1.66 7.30
CA LEU C 216 -0.73 1.46 7.43
C LEU C 216 -0.31 0.14 6.81
N THR C 217 -1.13 -0.89 7.04
CA THR C 217 -0.79 -2.21 6.61
C THR C 217 -1.45 -2.69 5.36
N GLY C 218 -2.44 -2.00 4.84
CA GLY C 218 -3.01 -2.47 3.60
C GLY C 218 -4.32 -1.79 3.28
N ALA C 219 -4.74 -1.97 2.06
CA ALA C 219 -5.84 -1.24 1.47
C ALA C 219 -7.11 -2.08 1.29
N ARG C 220 -7.27 -3.11 2.11
CA ARG C 220 -8.45 -3.98 2.09
C ARG C 220 -9.10 -4.03 3.47
N PRO C 221 -10.42 -4.15 3.52
CA PRO C 221 -11.08 -4.33 4.80
C PRO C 221 -10.60 -5.65 5.45
N ARG C 222 -10.47 -5.63 6.78
CA ARG C 222 -10.13 -6.81 7.53
C ARG C 222 -11.42 -7.51 8.01
N VAL C 223 -11.29 -8.78 8.33
CA VAL C 223 -12.38 -9.54 8.84
C VAL C 223 -12.56 -9.17 10.29
N LEU C 224 -13.80 -8.89 10.67
CA LEU C 224 -14.16 -8.56 12.05
C LEU C 224 -14.58 -9.76 12.84
N GLU C 225 -14.24 -9.77 14.12
CA GLU C 225 -14.86 -10.71 15.07
C GLU C 225 -16.36 -10.48 15.11
N PRO C 226 -17.19 -11.43 15.52
CA PRO C 226 -16.81 -12.76 15.97
C PRO C 226 -16.65 -13.75 14.84
N ILE C 227 -15.62 -14.56 14.93
CA ILE C 227 -15.45 -15.67 13.96
C ILE C 227 -15.22 -16.87 14.85
N SER C 228 -16.04 -17.90 14.69
CA SER C 228 -15.92 -19.05 15.57
C SER C 228 -14.85 -20.11 15.11
N ILE C 229 -14.35 -20.83 16.09
CA ILE C 229 -13.44 -21.92 15.89
C ILE C 229 -14.27 -23.17 15.73
N VAL C 230 -13.89 -24.03 14.80
CA VAL C 230 -14.51 -25.32 14.63
C VAL C 230 -13.53 -26.45 14.85
N TYR C 231 -14.05 -27.59 15.25
CA TYR C 231 -13.24 -28.72 15.62
C TYR C 231 -13.66 -29.97 14.82
N GLN C 232 -12.70 -30.65 14.22
CA GLN C 232 -12.92 -31.76 13.32
C GLN C 232 -11.93 -32.83 13.66
N VAL C 233 -12.28 -34.04 13.34
CA VAL C 233 -11.50 -35.22 13.66
C VAL C 233 -11.20 -36.01 12.44
N LEU C 234 -9.94 -36.35 12.27
CA LEU C 234 -9.53 -37.13 11.16
C LEU C 234 -9.09 -38.49 11.61
N ASP C 235 -9.60 -39.51 10.97
CA ASP C 235 -9.13 -40.86 11.19
C ASP C 235 -8.02 -41.19 10.19
N LEU C 236 -6.79 -41.34 10.66
CA LEU C 236 -5.68 -41.53 9.80
C LEU C 236 -5.71 -42.85 9.05
N LYS C 237 -6.47 -43.80 9.50
CA LYS C 237 -6.53 -45.08 8.83
C LYS C 237 -7.53 -45.09 7.68
N THR C 238 -8.49 -44.18 7.67
CA THR C 238 -9.45 -44.14 6.57
C THR C 238 -9.47 -42.86 5.76
N GLY C 239 -8.79 -41.81 6.22
CA GLY C 239 -8.79 -40.54 5.54
C GLY C 239 -10.10 -39.79 5.70
N THR C 240 -11.00 -40.26 6.54
CA THR C 240 -12.26 -39.56 6.72
C THR C 240 -12.27 -38.64 7.91
N ARG C 241 -13.20 -37.69 7.85
CA ARG C 241 -13.35 -36.64 8.83
C ARG C 241 -14.74 -36.52 9.34
N ARG C 242 -14.89 -36.09 10.60
CA ARG C 242 -16.19 -35.93 11.25
C ARG C 242 -16.11 -34.81 12.24
N ALA C 243 -17.28 -34.36 12.73
CA ALA C 243 -17.31 -33.32 13.72
C ALA C 243 -16.79 -33.92 15.02
N ALA C 244 -16.15 -33.07 15.81
CA ALA C 244 -15.70 -33.45 17.15
C ALA C 244 -16.88 -33.48 18.12
N THR C 245 -16.90 -34.42 19.05
CA THR C 245 -18.03 -34.45 19.99
C THR C 245 -17.86 -33.34 21.06
N PRO C 246 -18.95 -32.99 21.79
CA PRO C 246 -18.86 -31.87 22.74
C PRO C 246 -17.83 -32.14 23.77
N THR C 247 -17.62 -33.41 24.04
CA THR C 247 -16.64 -33.88 24.96
C THR C 247 -15.31 -33.71 24.40
N GLU C 248 -14.97 -34.24 23.20
CA GLU C 248 -13.62 -34.01 22.56
C GLU C 248 -13.32 -32.44 22.50
N VAL C 249 -14.28 -31.64 22.12
CA VAL C 249 -14.06 -30.17 22.04
C VAL C 249 -13.78 -29.47 23.38
N ALA C 250 -14.64 -29.67 24.40
CA ALA C 250 -14.35 -29.14 25.74
C ALA C 250 -12.95 -29.60 26.22
N ARG C 251 -12.53 -30.83 25.88
CA ARG C 251 -11.19 -31.25 26.16
C ARG C 251 -10.09 -30.47 25.48
N LEU C 252 -10.14 -30.30 24.16
CA LEU C 252 -9.06 -29.57 23.44
C LEU C 252 -8.94 -28.06 23.89
N ARG C 253 -10.07 -27.44 24.22
CA ARG C 253 -10.21 -26.11 24.77
C ARG C 253 -9.72 -25.96 26.25
N GLU C 254 -9.61 -27.07 27.01
CA GLU C 254 -9.15 -27.02 28.40
C GLU C 254 -7.70 -26.53 28.36
N LYS C 255 -7.41 -25.52 29.15
CA LYS C 255 -6.04 -25.04 29.29
C LYS C 255 -5.53 -25.37 30.71
N PRO C 256 -4.60 -26.31 30.87
CA PRO C 256 -4.05 -26.48 32.23
C PRO C 256 -3.38 -25.19 32.81
N ASP C 257 -3.65 -24.88 34.08
CA ASP C 257 -3.27 -23.63 34.70
C ASP C 257 -1.84 -23.84 35.27
N PRO C 258 -0.86 -23.09 34.75
CA PRO C 258 0.47 -23.28 35.30
C PRO C 258 0.59 -22.67 36.73
N LEU C 259 -0.42 -21.94 37.19
CA LEU C 259 -0.45 -21.35 38.53
C LEU C 259 -1.35 -22.11 39.53
N ARG C 260 -1.60 -23.39 39.25
CA ARG C 260 -2.40 -24.30 40.12
C ARG C 260 -1.76 -25.67 40.14
N ALA C 261 -1.74 -26.30 41.28
CA ALA C 261 -1.26 -27.67 41.39
C ALA C 261 -1.94 -28.42 42.53
N MET C 262 -1.91 -29.74 42.43
CA MET C 262 -2.40 -30.59 43.49
C MET C 262 -1.27 -31.46 43.99
N VAL C 263 -1.20 -31.63 45.30
CA VAL C 263 -0.37 -32.64 45.91
C VAL C 263 -1.20 -33.33 46.99
N GLY C 264 -1.60 -34.57 46.72
CA GLY C 264 -2.54 -35.31 47.58
C GLY C 264 -3.86 -34.58 47.60
N ARG C 265 -4.32 -34.28 48.81
CA ARG C 265 -5.58 -33.57 49.07
C ARG C 265 -5.42 -32.03 49.16
N THR C 266 -4.20 -31.56 48.98
CA THR C 266 -3.90 -30.15 48.99
C THR C 266 -3.88 -29.51 47.59
N THR C 267 -4.68 -28.49 47.45
CA THR C 267 -4.72 -27.69 46.26
C THR C 267 -3.95 -26.40 46.49
N PHE C 268 -2.99 -26.15 45.59
CA PHE C 268 -2.22 -24.93 45.64
C PHE C 268 -2.59 -23.99 44.54
N SER C 269 -2.65 -22.72 44.88
CA SER C 269 -2.92 -21.71 43.89
C SER C 269 -2.31 -20.38 44.34
N VAL C 270 -2.61 -19.29 43.66
CA VAL C 270 -2.07 -17.97 44.04
C VAL C 270 -3.21 -16.96 44.03
N SER C 271 -3.20 -15.99 44.91
CA SER C 271 -4.20 -14.93 44.76
C SER C 271 -3.70 -13.66 45.41
N ARG C 272 -4.43 -12.58 45.19
CA ARG C 272 -4.13 -11.27 45.74
C ARG C 272 -5.10 -10.97 46.90
N THR C 273 -4.69 -10.16 47.87
CA THR C 273 -5.64 -9.68 48.90
C THR C 273 -6.75 -8.81 48.27
N ASP C 274 -6.43 -8.20 47.12
CA ASP C 274 -7.38 -7.38 46.36
C ASP C 274 -7.47 -7.90 44.91
N PRO C 275 -8.36 -8.84 44.64
CA PRO C 275 -8.19 -9.52 43.35
C PRO C 275 -8.27 -8.60 42.14
N GLN C 276 -8.96 -7.45 42.26
CA GLN C 276 -9.14 -6.50 41.13
C GLN C 276 -7.89 -5.75 40.74
N ASN C 277 -7.11 -5.38 41.77
CA ASN C 277 -5.89 -4.61 41.58
C ASN C 277 -4.85 -5.43 40.84
N ILE C 278 -4.66 -5.12 39.55
CA ILE C 278 -3.73 -5.89 38.73
C ILE C 278 -2.28 -5.76 39.19
N ASN C 279 -1.97 -4.81 40.05
CA ASN C 279 -0.57 -4.64 40.43
C ASN C 279 -0.26 -5.17 41.81
N ALA C 280 -1.28 -5.63 42.52
CA ALA C 280 -1.04 -6.22 43.83
C ALA C 280 -0.31 -7.54 43.64
N PRO C 281 0.67 -7.81 44.51
CA PRO C 281 1.40 -9.06 44.45
C PRO C 281 0.50 -10.25 44.78
N THR C 282 0.74 -11.37 44.14
CA THR C 282 0.08 -12.58 44.45
C THR C 282 0.87 -13.29 45.49
N THR C 283 0.19 -14.18 46.22
CA THR C 283 0.76 -15.02 47.26
C THR C 283 0.25 -16.44 47.06
N LEU C 284 1.10 -17.42 47.29
CA LEU C 284 0.71 -18.83 47.34
C LEU C 284 -0.32 -19.09 48.41
N VAL C 285 -1.37 -19.83 48.03
CA VAL C 285 -2.41 -20.29 48.90
C VAL C 285 -2.53 -21.86 48.87
N ALA C 286 -2.82 -22.47 50.00
CA ALA C 286 -3.08 -23.90 50.12
C ALA C 286 -4.45 -24.22 50.77
N ARG C 287 -5.20 -25.15 50.16
CA ARG C 287 -6.41 -25.71 50.75
C ARG C 287 -6.13 -27.19 50.92
N ARG C 288 -6.07 -27.62 52.17
CA ARG C 288 -6.08 -29.05 52.53
C ARG C 288 -7.51 -29.52 52.61
N GLY C 289 -7.90 -30.43 51.72
CA GLY C 289 -9.29 -30.89 51.66
C GLY C 289 -10.26 -29.76 51.47
N GLU C 290 -11.33 -29.75 52.25
CA GLU C 290 -12.33 -28.64 52.25
C GLU C 290 -12.10 -27.63 53.36
N GLY C 291 -10.95 -27.70 54.03
CA GLY C 291 -10.55 -26.69 55.01
C GLY C 291 -10.43 -25.26 54.45
N GLU C 292 -10.14 -24.33 55.33
CA GLU C 292 -9.95 -22.95 54.91
C GLU C 292 -8.68 -22.81 54.06
N PRO C 293 -8.74 -21.96 53.04
CA PRO C 293 -7.47 -21.60 52.36
C PRO C 293 -6.43 -20.95 53.32
N VAL C 294 -5.19 -21.44 53.32
CA VAL C 294 -4.13 -20.83 54.09
C VAL C 294 -3.11 -20.10 53.20
N ARG C 295 -2.91 -18.80 53.43
CA ARG C 295 -1.94 -17.97 52.73
C ARG C 295 -0.57 -18.14 53.28
N CYS C 296 0.41 -18.48 52.44
CA CYS C 296 1.82 -18.52 52.82
C CYS C 296 2.31 -17.12 53.11
N ASP C 297 3.09 -17.05 54.18
CA ASP C 297 3.53 -15.78 54.76
C ASP C 297 4.90 -15.33 54.22
N GLU C 298 5.69 -16.28 53.76
CA GLU C 298 7.06 -16.00 53.32
C GLU C 298 7.10 -15.10 52.11
N GLU C 299 8.16 -14.34 52.03
CA GLU C 299 8.40 -13.45 50.89
C GLU C 299 8.62 -14.26 49.59
N ALA C 300 9.27 -15.39 49.72
CA ALA C 300 9.52 -16.28 48.59
C ALA C 300 8.27 -16.74 47.82
N CYS C 301 7.10 -16.67 48.44
CA CYS C 301 5.82 -17.20 47.90
C CYS C 301 5.18 -16.11 47.08
N GLN C 302 5.81 -14.93 46.94
CA GLN C 302 5.19 -13.85 46.17
C GLN C 302 5.50 -13.91 44.69
N ASN C 303 4.48 -13.67 43.90
CA ASN C 303 4.58 -13.49 42.43
C ASN C 303 5.15 -14.69 41.69
N ILE C 304 4.62 -15.85 42.02
CA ILE C 304 5.01 -17.08 41.39
C ILE C 304 4.60 -17.04 39.95
N THR C 305 5.43 -17.58 39.08
CA THR C 305 5.13 -17.60 37.66
C THR C 305 4.88 -18.99 37.12
N ARG C 306 5.19 -20.01 37.90
CA ARG C 306 4.98 -21.37 37.46
C ARG C 306 5.10 -22.28 38.66
N MET C 307 4.20 -23.25 38.81
CA MET C 307 4.33 -24.25 39.85
C MET C 307 4.02 -25.68 39.39
N TRP C 308 4.60 -26.66 40.05
CA TRP C 308 4.43 -28.07 39.73
C TRP C 308 4.29 -28.83 41.02
N GLY C 309 3.25 -29.66 41.08
CA GLY C 309 3.03 -30.59 42.19
C GLY C 309 3.59 -31.97 41.94
N ASP C 310 4.25 -32.54 42.96
CA ASP C 310 4.89 -33.87 42.84
C ASP C 310 4.44 -34.77 44.04
N GLU C 311 3.52 -35.70 43.80
CA GLU C 311 2.99 -36.57 44.91
C GLU C 311 4.03 -37.52 45.49
N THR C 312 4.85 -38.05 44.59
CA THR C 312 5.87 -38.99 44.92
C THR C 312 6.84 -38.41 45.95
N ALA C 313 7.29 -37.20 45.71
CA ALA C 313 8.22 -36.58 46.65
C ALA C 313 7.46 -35.82 47.74
N ASN C 314 6.16 -35.63 47.51
CA ASN C 314 5.29 -34.83 48.37
C ASN C 314 5.83 -33.38 48.48
N VAL C 315 6.03 -32.72 47.33
CA VAL C 315 6.52 -31.32 47.32
C VAL C 315 5.87 -30.53 46.24
N LEU C 316 5.85 -29.23 46.44
CA LEU C 316 5.54 -28.27 45.39
C LEU C 316 6.87 -27.64 44.93
N TYR C 317 7.09 -27.54 43.62
CA TYR C 317 8.18 -26.74 43.07
C TYR C 317 7.58 -25.49 42.45
N PHE C 318 8.28 -24.37 42.57
CA PHE C 318 7.85 -23.20 41.85
C PHE C 318 8.95 -22.29 41.35
N LEU C 319 8.62 -21.53 40.30
CA LEU C 319 9.50 -20.53 39.71
C LEU C 319 9.00 -19.17 40.02
N ARG C 320 9.94 -18.21 40.03
CA ARG C 320 9.59 -16.83 40.09
C ARG C 320 10.74 -15.96 39.70
N ARG C 321 10.46 -14.69 39.54
CA ARG C 321 11.49 -13.66 39.36
C ARG C 321 11.75 -13.02 40.67
N GLU C 322 13.00 -12.64 40.92
CA GLU C 322 13.36 -11.99 42.18
C GLU C 322 14.70 -11.21 42.08
N GLY C 323 15.10 -10.60 43.19
CA GLY C 323 16.30 -9.85 43.30
C GLY C 323 16.02 -8.44 42.83
N TRP C 324 17.08 -7.64 42.82
CA TRP C 324 16.97 -6.20 42.45
C TRP C 324 16.28 -6.10 41.09
N ALA C 325 15.21 -5.31 41.03
CA ALA C 325 14.50 -5.06 39.78
C ALA C 325 14.05 -6.34 39.12
N SER C 326 13.79 -7.37 39.90
CA SER C 326 13.46 -8.64 39.39
C SER C 326 14.45 -9.25 38.43
N ASN C 327 15.75 -8.98 38.60
CA ASN C 327 16.71 -9.37 37.58
C ASN C 327 16.96 -10.85 37.44
N GLU C 328 16.63 -11.66 38.45
CA GLU C 328 16.93 -13.11 38.41
C GLU C 328 15.69 -14.00 38.32
N MET C 329 15.87 -15.23 37.91
CA MET C 329 14.88 -16.27 38.12
C MET C 329 15.33 -17.20 39.23
N ALA C 330 14.38 -17.77 39.95
CA ALA C 330 14.64 -18.68 41.01
C ALA C 330 13.63 -19.81 41.06
N LEU C 331 14.11 -20.99 41.42
CA LEU C 331 13.33 -22.17 41.59
C LEU C 331 13.33 -22.60 43.08
N TYR C 332 12.14 -22.79 43.64
CA TYR C 332 11.90 -23.19 45.02
C TYR C 332 11.31 -24.61 45.11
N ARG C 333 11.71 -25.29 46.19
CA ARG C 333 11.18 -26.59 46.59
C ARG C 333 10.56 -26.49 47.99
N MET C 334 9.29 -26.88 48.10
CA MET C 334 8.51 -26.66 49.30
C MET C 334 7.78 -27.98 49.68
N PRO C 335 8.18 -28.64 50.81
CA PRO C 335 7.51 -29.82 51.34
C PRO C 335 6.06 -29.51 51.49
N ALA C 336 5.21 -30.35 50.94
CA ALA C 336 3.84 -29.98 50.76
C ALA C 336 3.02 -29.99 52.05
N ASP C 337 3.55 -30.61 53.10
CA ASP C 337 2.95 -30.59 54.46
C ASP C 337 2.82 -29.19 55.05
N ALA C 338 3.78 -28.33 54.73
CA ALA C 338 3.88 -27.00 55.34
C ALA C 338 4.01 -25.90 54.28
N LEU C 339 4.37 -24.69 54.74
CA LEU C 339 4.59 -23.52 53.89
C LEU C 339 5.95 -22.88 54.12
N LYS C 340 6.98 -23.68 53.90
CA LYS C 340 8.38 -23.32 54.06
C LYS C 340 9.20 -23.60 52.80
N PRO C 341 9.05 -22.79 51.74
CA PRO C 341 9.85 -22.99 50.55
C PRO C 341 11.33 -22.74 50.75
N VAL C 342 12.17 -23.53 50.08
CA VAL C 342 13.59 -23.38 50.06
C VAL C 342 14.09 -23.21 48.63
N ARG C 343 14.95 -22.22 48.43
CA ARG C 343 15.49 -21.91 47.11
C ARG C 343 16.50 -22.93 46.77
N ILE C 344 16.37 -23.56 45.62
CA ILE C 344 17.40 -24.52 45.24
C ILE C 344 18.20 -24.11 44.01
N TRP C 345 17.72 -23.12 43.28
CA TRP C 345 18.41 -22.61 42.11
C TRP C 345 18.01 -21.16 41.85
N HIS C 346 18.98 -20.36 41.41
CA HIS C 346 18.70 -19.02 40.91
C HIS C 346 19.82 -18.59 39.97
N ALA C 347 19.50 -17.71 39.01
CA ALA C 347 20.49 -17.21 38.09
C ALA C 347 19.89 -16.03 37.39
N THR C 348 20.78 -15.21 36.82
CA THR C 348 20.40 -14.24 35.88
C THR C 348 20.00 -15.19 34.71
N GLY C 349 19.17 -14.79 33.80
CA GLY C 349 18.76 -15.66 32.72
C GLY C 349 17.31 -16.03 32.81
N LEU C 350 16.91 -16.94 31.95
CA LEU C 350 15.55 -17.40 31.87
C LEU C 350 15.49 -18.91 31.78
N LEU C 351 14.46 -19.49 32.38
CA LEU C 351 14.04 -20.83 32.11
C LEU C 351 12.67 -20.78 31.47
N GLN C 352 12.53 -21.46 30.35
CA GLN C 352 11.35 -21.35 29.53
C GLN C 352 10.79 -22.72 29.20
N GLY C 353 9.47 -22.86 29.20
CA GLY C 353 8.85 -24.05 28.67
C GLY C 353 9.08 -25.32 29.50
N CYS C 354 9.48 -25.17 30.76
CA CYS C 354 9.85 -26.29 31.58
C CYS C 354 8.73 -27.30 31.74
N GLU C 355 9.11 -28.58 31.68
CA GLU C 355 8.23 -29.70 32.01
C GLU C 355 8.95 -30.71 32.94
N ARG C 356 8.22 -31.34 33.86
CA ARG C 356 8.81 -32.22 34.85
C ARG C 356 8.79 -33.68 34.39
N GLN C 357 9.94 -34.36 34.48
CA GLN C 357 10.01 -35.85 34.44
C GLN C 357 10.59 -36.29 35.80
N ALA C 358 9.76 -36.85 36.65
CA ALA C 358 10.18 -37.32 37.98
C ALA C 358 10.86 -36.19 38.77
N LYS C 359 12.15 -36.34 39.05
CA LYS C 359 12.88 -35.38 39.82
C LYS C 359 13.87 -34.56 38.97
N ARG C 360 13.51 -34.41 37.71
CA ARG C 360 14.08 -33.37 36.87
C ARG C 360 13.07 -32.45 36.19
N LEU C 361 13.50 -31.23 35.94
CA LEU C 361 12.82 -30.29 35.12
C LEU C 361 13.62 -30.26 33.83
N ILE C 362 12.95 -30.36 32.67
CA ILE C 362 13.57 -30.17 31.38
C ILE C 362 13.11 -28.82 30.84
N CYS C 363 14.04 -27.94 30.54
CA CYS C 363 13.80 -26.52 30.23
C CYS C 363 14.59 -26.01 29.06
N ALA C 364 14.08 -24.98 28.40
CA ALA C 364 14.94 -24.14 27.61
C ALA C 364 15.52 -23.12 28.57
N GLN C 365 16.71 -22.65 28.29
CA GLN C 365 17.40 -21.72 29.15
C GLN C 365 18.30 -20.83 28.32
N GLU C 366 18.49 -19.62 28.79
CA GLU C 366 19.38 -18.66 28.13
C GLU C 366 19.87 -17.63 29.10
N SER C 367 21.04 -17.06 28.78
CA SER C 367 21.59 -15.99 29.60
C SER C 367 22.49 -15.16 28.72
N ALA C 368 23.12 -14.13 29.31
CA ALA C 368 23.66 -13.04 28.50
C ALA C 368 24.51 -13.54 27.37
N LEU C 369 25.36 -14.51 27.65
CA LEU C 369 26.26 -15.07 26.63
C LEU C 369 25.91 -16.47 26.25
N GLN C 370 24.70 -16.94 26.60
CA GLN C 370 24.25 -18.33 26.28
C GLN C 370 22.92 -18.25 25.49
N PRO C 371 22.93 -18.47 24.20
CA PRO C 371 21.71 -18.49 23.44
C PRO C 371 20.86 -19.64 23.88
N ARG C 372 19.61 -19.60 23.47
CA ARG C 372 18.68 -20.57 23.97
C ARG C 372 19.10 -22.02 23.69
N ARG C 373 19.05 -22.82 24.74
CA ARG C 373 19.37 -24.21 24.68
C ARG C 373 18.48 -25.00 25.66
N LEU C 374 18.56 -26.34 25.59
CA LEU C 374 17.90 -27.16 26.54
C LEU C 374 18.84 -27.63 27.63
N VAL C 375 18.27 -27.79 28.80
CA VAL C 375 18.98 -27.98 30.09
C VAL C 375 18.09 -28.87 30.92
N THR C 376 18.70 -29.65 31.80
CA THR C 376 17.95 -30.31 32.89
C THR C 376 18.30 -29.68 34.22
N LEU C 377 17.34 -29.57 35.08
CA LEU C 377 17.55 -29.05 36.39
C LEU C 377 17.19 -30.14 37.42
N ASN C 378 18.13 -30.47 38.28
CA ASN C 378 17.92 -31.46 39.33
C ASN C 378 17.07 -30.86 40.46
N LEU C 379 15.95 -31.48 40.74
CA LEU C 379 14.96 -30.88 41.66
C LEU C 379 15.25 -31.19 43.14
N THR C 380 16.40 -31.81 43.41
CA THR C 380 16.87 -32.07 44.80
C THR C 380 18.00 -31.11 45.10
N SER C 381 19.05 -31.19 44.29
CA SER C 381 20.25 -30.42 44.46
C SER C 381 20.16 -29.05 43.79
N GLY C 382 19.29 -28.89 42.79
CA GLY C 382 19.19 -27.62 42.06
C GLY C 382 20.29 -27.43 41.03
N GLN C 383 20.99 -28.49 40.71
CA GLN C 383 22.04 -28.41 39.70
C GLN C 383 21.45 -28.43 38.27
N MET C 384 22.00 -27.56 37.43
CA MET C 384 21.58 -27.40 36.07
C MET C 384 22.64 -27.99 35.21
N SER C 385 22.25 -28.85 34.26
CA SER C 385 23.17 -29.45 33.29
C SER C 385 22.67 -29.26 31.87
N PRO C 386 23.58 -29.04 30.93
CA PRO C 386 23.29 -29.00 29.52
C PRO C 386 22.61 -30.25 29.10
N LEU C 387 21.58 -30.16 28.27
CA LEU C 387 21.01 -31.35 27.59
C LEU C 387 21.25 -31.26 26.08
N TYR C 388 20.88 -30.13 25.46
CA TYR C 388 21.05 -29.93 24.02
C TYR C 388 21.23 -28.46 23.62
N ASP C 389 22.29 -28.18 22.89
CA ASP C 389 22.61 -26.85 22.48
C ASP C 389 22.71 -26.86 20.97
N PRO C 390 21.75 -26.20 20.32
CA PRO C 390 21.83 -26.15 18.89
C PRO C 390 22.93 -25.22 18.35
N ASN C 391 23.59 -24.43 19.18
CA ASN C 391 24.76 -23.66 18.69
C ASN C 391 26.08 -24.30 19.18
N PRO C 392 27.20 -24.11 18.44
CA PRO C 392 28.43 -24.58 19.14
C PRO C 392 28.56 -23.74 20.35
N ASP C 393 29.50 -24.15 21.20
CA ASP C 393 29.94 -23.37 22.39
C ASP C 393 30.57 -22.00 22.00
N LEU C 394 30.00 -20.92 22.49
CA LEU C 394 30.48 -19.60 22.10
C LEU C 394 31.79 -19.20 22.78
N SER C 395 32.27 -19.94 23.79
CA SER C 395 33.66 -19.72 24.28
C SER C 395 34.72 -20.09 23.22
N ARG C 396 34.36 -20.84 22.17
CA ARG C 396 35.15 -20.84 20.94
C ARG C 396 35.42 -19.40 20.30
N TYR C 397 34.62 -18.38 20.62
CA TYR C 397 34.69 -17.07 20.00
C TYR C 397 35.29 -16.17 21.04
N ARG C 398 35.83 -15.02 20.65
CA ARG C 398 36.29 -14.04 21.61
C ARG C 398 35.12 -13.15 22.01
N LEU C 399 34.56 -13.48 23.16
CA LEU C 399 33.35 -12.88 23.64
C LEU C 399 33.61 -11.59 24.33
N PRO C 400 32.72 -10.64 24.15
CA PRO C 400 32.76 -9.41 24.91
C PRO C 400 32.61 -9.72 26.36
N LYS C 401 33.00 -8.77 27.17
CA LYS C 401 32.74 -8.85 28.58
C LYS C 401 31.39 -8.24 28.96
N VAL C 402 30.66 -8.89 29.86
CA VAL C 402 29.37 -8.44 30.28
C VAL C 402 29.33 -8.21 31.78
N GLU C 403 28.72 -7.14 32.19
CA GLU C 403 28.63 -6.84 33.61
C GLU C 403 27.26 -6.16 33.88
N ARG C 404 26.56 -6.59 34.89
CA ARG C 404 25.25 -6.11 35.18
C ARG C 404 25.33 -4.80 35.97
N LEU C 405 24.59 -3.80 35.56
CA LEU C 405 24.51 -2.53 36.24
C LEU C 405 23.20 -2.43 37.02
N THR C 406 23.26 -1.79 38.18
CA THR C 406 22.10 -1.61 39.02
C THR C 406 22.06 -0.20 39.63
N LEU C 407 20.87 0.35 39.73
CA LEU C 407 20.70 1.61 40.45
C LEU C 407 19.23 1.78 40.80
N ARG C 408 18.95 2.80 41.61
CA ARG C 408 17.57 3.16 41.93
C ARG C 408 17.38 4.50 41.28
N ASN C 409 16.35 4.66 40.47
CA ASN C 409 16.28 5.83 39.72
C ASN C 409 15.64 6.95 40.56
N ARG C 410 15.56 8.17 40.01
CA ARG C 410 15.03 9.33 40.84
C ARG C 410 13.58 9.17 41.25
N ASN C 411 12.84 8.30 40.60
CA ASN C 411 11.49 8.05 41.02
C ASN C 411 11.43 6.93 42.00
N GLY C 412 12.56 6.49 42.56
CA GLY C 412 12.55 5.45 43.61
C GLY C 412 12.46 4.02 43.11
N ILE C 413 12.66 3.80 41.81
CA ILE C 413 12.45 2.46 41.24
C ILE C 413 13.76 1.76 40.94
N GLU C 414 13.80 0.48 41.26
CA GLU C 414 14.99 -0.37 41.00
C GLU C 414 15.16 -0.61 39.50
N VAL C 415 16.37 -0.47 39.03
CA VAL C 415 16.69 -0.64 37.62
C VAL C 415 17.86 -1.61 37.47
N PHE C 416 17.82 -2.49 36.48
CA PHE C 416 19.02 -3.15 36.08
C PHE C 416 19.20 -2.96 34.58
N SER C 417 20.42 -3.16 34.14
CA SER C 417 20.75 -3.23 32.68
C SER C 417 22.09 -3.92 32.54
N ASP C 418 22.47 -4.32 31.33
CA ASP C 418 23.78 -4.93 31.11
C ASP C 418 24.73 -4.01 30.30
N LEU C 419 25.96 -3.94 30.75
CA LEU C 419 27.02 -3.28 30.05
C LEU C 419 27.86 -4.30 29.32
N VAL C 420 28.12 -4.06 28.04
CA VAL C 420 28.87 -5.02 27.26
C VAL C 420 30.10 -4.26 26.74
N LEU C 421 31.29 -4.79 26.92
CA LEU C 421 32.52 -4.10 26.46
C LEU C 421 33.23 -4.90 25.43
N PRO C 422 33.96 -4.25 24.55
CA PRO C 422 34.69 -4.97 23.54
C PRO C 422 35.66 -5.96 24.16
N PRO C 423 35.87 -7.09 23.49
CA PRO C 423 36.84 -8.04 24.00
C PRO C 423 38.16 -7.29 24.22
N ASP C 424 38.90 -7.66 25.21
CA ASP C 424 40.21 -7.02 25.45
C ASP C 424 40.15 -5.53 25.77
N TYR C 425 38.99 -5.03 26.18
CA TYR C 425 38.88 -3.68 26.66
C TYR C 425 39.78 -3.44 27.86
N GLN C 426 40.52 -2.32 27.85
CA GLN C 426 41.26 -1.89 29.03
C GLN C 426 40.55 -0.70 29.69
N LEU C 427 40.24 -0.80 30.97
CA LEU C 427 39.69 0.35 31.71
C LEU C 427 40.62 1.53 31.56
N GLY C 428 40.02 2.70 31.31
CA GLY C 428 40.76 3.91 30.93
C GLY C 428 40.49 4.41 29.54
N THR C 429 40.12 3.51 28.63
CA THR C 429 39.82 3.87 27.24
C THR C 429 38.40 4.39 27.26
N ARG C 430 38.16 5.60 26.82
CA ARG C 430 36.78 6.12 26.86
C ARG C 430 36.11 5.76 25.54
N LEU C 431 35.08 4.93 25.57
CA LEU C 431 34.43 4.45 24.36
C LEU C 431 33.19 5.20 23.94
N PRO C 432 32.87 5.15 22.66
CA PRO C 432 31.54 5.53 22.26
C PRO C 432 30.55 4.47 22.70
N LEU C 433 29.33 4.89 23.04
CA LEU C 433 28.33 4.06 23.61
C LEU C 433 27.13 3.93 22.66
N VAL C 434 26.58 2.72 22.54
CA VAL C 434 25.33 2.50 21.80
C VAL C 434 24.36 1.80 22.75
N ILE C 435 23.15 2.32 22.81
CA ILE C 435 22.14 1.87 23.71
C ILE C 435 21.15 1.04 22.90
N VAL C 436 20.92 -0.20 23.37
CA VAL C 436 19.99 -1.17 22.78
C VAL C 436 18.90 -1.45 23.78
N GLN C 437 17.64 -1.41 23.35
CA GLN C 437 16.53 -1.53 24.28
C GLN C 437 15.57 -2.73 23.90
N TYR C 438 14.62 -3.15 24.75
CA TYR C 438 14.39 -2.65 26.10
C TYR C 438 14.24 -3.77 27.10
N SER C 439 14.72 -4.94 26.73
CA SER C 439 14.78 -6.05 27.61
C SER C 439 16.16 -6.71 27.58
N SER C 440 16.66 -7.11 28.75
CA SER C 440 17.99 -7.68 28.90
C SER C 440 18.05 -8.89 29.83
N ARG C 441 17.04 -9.75 29.84
CA ARG C 441 17.03 -10.88 30.78
C ARG C 441 17.81 -12.07 30.30
N GLY C 442 17.90 -12.20 28.99
CA GLY C 442 18.32 -13.45 28.36
C GLY C 442 19.55 -13.22 27.53
N PHE C 443 19.66 -13.94 26.43
CA PHE C 443 20.82 -13.86 25.57
C PHE C 443 20.88 -12.48 24.92
N LEU C 444 22.06 -11.87 24.95
CA LEU C 444 22.28 -10.57 24.28
C LEU C 444 22.39 -10.79 22.77
N ARG C 445 21.28 -10.58 22.07
CA ARG C 445 21.25 -10.82 20.66
C ARG C 445 21.03 -9.51 19.95
N GLY C 446 19.79 -9.06 19.73
CA GLY C 446 19.49 -7.81 19.01
C GLY C 446 18.59 -6.84 19.73
N GLY C 447 18.44 -7.06 21.03
CA GLY C 447 17.49 -6.30 21.80
C GLY C 447 16.09 -6.59 21.32
N THR C 448 15.13 -5.75 21.67
CA THR C 448 13.73 -6.07 21.37
C THR C 448 13.53 -6.10 19.85
N GLY C 449 12.95 -7.19 19.37
CA GLY C 449 12.78 -7.39 17.92
C GLY C 449 13.98 -7.85 17.14
N ASP C 450 15.09 -8.11 17.83
CA ASP C 450 16.34 -8.55 17.22
C ASP C 450 16.84 -7.67 16.04
N GLU C 451 17.06 -6.40 16.32
CA GLU C 451 17.27 -5.36 15.32
C GLU C 451 18.66 -4.71 15.50
N ASN C 452 19.20 -4.73 16.71
CA ASN C 452 20.43 -3.94 17.00
C ASN C 452 21.47 -4.84 17.66
N PRO C 453 22.52 -5.18 16.90
CA PRO C 453 23.30 -6.36 17.25
C PRO C 453 24.33 -6.11 18.35
N ILE C 454 24.03 -6.64 19.53
CA ILE C 454 24.77 -6.25 20.72
C ILE C 454 26.22 -6.72 20.72
N LEU C 455 26.44 -8.02 20.58
CA LEU C 455 27.79 -8.52 20.61
C LEU C 455 28.60 -7.96 19.44
N PRO C 456 28.00 -7.86 18.24
CA PRO C 456 28.83 -7.33 17.14
C PRO C 456 29.18 -5.87 17.30
N LEU C 457 28.33 -5.12 17.94
CA LEU C 457 28.63 -3.71 18.19
C LEU C 457 29.84 -3.64 19.17
N ALA C 458 29.85 -4.48 20.18
CA ALA C 458 31.00 -4.52 21.06
C ALA C 458 32.26 -4.98 20.33
N THR C 459 32.14 -5.98 19.47
CA THR C 459 33.24 -6.39 18.68
C THR C 459 33.78 -5.25 17.81
N ALA C 460 32.91 -4.37 17.34
CA ALA C 460 33.36 -3.26 16.56
C ALA C 460 33.95 -2.10 17.39
N GLY C 461 34.07 -2.24 18.71
CA GLY C 461 34.69 -1.16 19.50
C GLY C 461 33.75 -0.28 20.27
N PHE C 462 32.47 -0.62 20.35
CA PHE C 462 31.55 0.18 21.13
C PHE C 462 31.37 -0.43 22.51
N ALA C 463 31.15 0.41 23.52
CA ALA C 463 30.44 -0.03 24.71
C ALA C 463 28.97 -0.11 24.32
N VAL C 464 28.28 -1.12 24.81
CA VAL C 464 26.87 -1.27 24.56
C VAL C 464 26.15 -1.37 25.85
N LEU C 465 25.10 -0.56 25.98
CA LEU C 465 24.19 -0.65 27.12
C LEU C 465 22.94 -1.36 26.68
N SER C 466 22.77 -2.58 27.18
CA SER C 466 21.60 -3.39 26.94
C SER C 466 20.65 -3.02 28.06
N PHE C 467 19.77 -2.12 27.72
CA PHE C 467 18.82 -1.50 28.66
C PHE C 467 17.65 -2.39 28.95
N HIS C 468 17.34 -2.55 30.20
CA HIS C 468 16.13 -3.24 30.59
C HIS C 468 15.21 -2.24 31.19
N SER C 469 14.21 -1.87 30.42
CA SER C 469 13.33 -0.80 30.81
C SER C 469 12.74 -1.04 32.23
N PRO C 470 12.75 -0.04 33.06
CA PRO C 470 12.24 -0.30 34.40
C PRO C 470 10.70 -0.26 34.53
N ARG C 471 10.20 -0.77 35.65
CA ARG C 471 8.83 -0.58 36.03
C ARG C 471 8.38 0.90 36.08
N SER C 472 7.11 1.15 35.76
CA SER C 472 6.60 2.54 35.87
C SER C 472 6.14 2.80 37.26
N GLU C 473 6.00 4.06 37.65
CA GLU C 473 5.35 4.38 38.95
C GLU C 473 3.92 3.86 39.03
N ALA C 474 3.20 4.02 37.93
CA ALA C 474 1.80 3.57 37.88
C ALA C 474 1.65 2.09 38.13
N SER C 475 2.64 1.31 37.75
CA SER C 475 2.58 -0.15 38.02
C SER C 475 2.60 -0.47 39.53
N TYR C 476 3.00 0.50 40.36
CA TYR C 476 2.95 0.34 41.80
C TYR C 476 1.65 0.83 42.48
N GLN C 477 0.67 1.28 41.70
CA GLN C 477 -0.54 1.90 42.24
C GLN C 477 -1.73 1.05 41.84
N ARG C 478 -2.88 1.37 42.43
CA ARG C 478 -4.08 0.60 42.20
C ARG C 478 -4.65 0.91 40.83
N PHE C 479 -4.81 -0.12 40.01
CA PHE C 479 -5.53 0.00 38.76
C PHE C 479 -6.32 -1.28 38.52
N THR C 480 -7.51 -1.15 37.95
CA THR C 480 -8.35 -2.34 37.67
C THR C 480 -8.19 -2.78 36.23
N SER C 481 -7.46 -2.01 35.45
CA SER C 481 -7.25 -2.33 34.05
C SER C 481 -5.85 -1.91 33.55
N PRO C 482 -5.20 -2.73 32.70
CA PRO C 482 -3.96 -2.26 32.11
C PRO C 482 -4.14 -1.05 31.19
N ILE C 483 -5.35 -0.86 30.71
CA ILE C 483 -5.66 0.26 29.83
C ILE C 483 -5.68 1.53 30.64
N ALA C 484 -6.35 1.51 31.78
CA ALA C 484 -6.34 2.67 32.62
C ALA C 484 -4.92 3.02 33.13
N GLN C 485 -4.09 1.99 33.32
CA GLN C 485 -2.75 2.22 33.85
C GLN C 485 -1.93 2.98 32.80
N SER C 486 -2.07 2.51 31.57
CA SER C 486 -1.42 3.11 30.44
C SER C 486 -1.81 4.58 30.37
N LYS C 487 -3.07 4.87 30.63
CA LYS C 487 -3.53 6.24 30.53
C LYS C 487 -2.80 7.11 31.52
N ALA C 488 -2.64 6.60 32.73
CA ALA C 488 -1.83 7.35 33.74
C ALA C 488 -0.34 7.51 33.27
N GLU C 489 0.24 6.47 32.68
CA GLU C 489 1.63 6.54 32.25
C GLU C 489 1.86 7.55 31.16
N TYR C 490 0.86 7.75 30.30
CA TYR C 490 1.00 8.70 29.20
C TYR C 490 0.62 10.09 29.61
N SER C 491 -0.04 10.25 30.72
CA SER C 491 -0.42 11.59 31.15
C SER C 491 0.79 12.48 31.27
N ASN C 492 0.88 13.53 30.48
CA ASN C 492 2.04 14.41 30.55
C ASN C 492 3.38 13.66 30.28
N TRP C 493 3.25 12.56 29.56
CA TRP C 493 4.39 11.71 29.24
C TRP C 493 5.19 11.32 30.50
N ARG C 494 4.52 11.13 31.61
CA ARG C 494 5.23 10.89 32.84
C ARG C 494 6.11 9.66 32.75
N ASN C 495 5.60 8.51 32.28
CA ASN C 495 6.46 7.34 32.23
C ASN C 495 7.60 7.46 31.18
N ARG C 496 7.39 8.20 30.09
CA ARG C 496 8.43 8.33 29.10
C ARG C 496 9.58 9.16 29.71
N TRP C 497 9.26 10.17 30.52
CA TRP C 497 10.28 10.89 31.28
C TRP C 497 11.02 9.98 32.28
N ASN C 498 10.32 9.09 32.95
CA ASN C 498 10.96 8.12 33.84
C ASN C 498 11.97 7.25 33.05
N ILE C 499 11.56 6.78 31.89
CA ILE C 499 12.46 5.99 31.04
C ILE C 499 13.69 6.83 30.59
N LEU C 500 13.46 8.04 30.10
CA LEU C 500 14.55 8.89 29.64
C LEU C 500 15.49 9.23 30.79
N HIS C 501 14.92 9.63 31.91
CA HIS C 501 15.75 9.90 33.09
C HIS C 501 16.54 8.68 33.53
N THR C 502 15.99 7.48 33.40
CA THR C 502 16.72 6.29 33.78
C THR C 502 17.88 6.10 32.84
N LEU C 503 17.69 6.33 31.54
CA LEU C 503 18.79 6.20 30.60
C LEU C 503 19.90 7.18 30.91
N GLU C 504 19.51 8.39 31.28
CA GLU C 504 20.47 9.37 31.70
C GLU C 504 21.23 8.95 32.96
N ASP C 505 20.55 8.37 33.94
CA ASP C 505 21.23 7.87 35.12
C ASP C 505 22.26 6.78 34.73
N LEU C 506 21.90 5.93 33.79
CA LEU C 506 22.85 4.86 33.43
C LEU C 506 24.03 5.40 32.67
N ILE C 507 23.77 6.33 31.76
CA ILE C 507 24.84 6.97 31.01
C ILE C 507 25.78 7.70 31.99
N ASP C 508 25.20 8.45 32.95
CA ASP C 508 26.03 9.13 33.97
C ASP C 508 26.88 8.14 34.76
N ASP C 509 26.32 7.01 35.16
CA ASP C 509 27.09 6.00 35.89
C ASP C 509 28.31 5.54 35.12
N LEU C 510 28.11 5.26 33.84
CA LEU C 510 29.20 4.81 33.01
C LEU C 510 30.20 5.95 32.75
N ASP C 511 29.70 7.17 32.66
CA ASP C 511 30.57 8.34 32.52
C ASP C 511 31.49 8.42 33.76
N ARG C 512 30.93 8.24 34.95
CA ARG C 512 31.69 8.31 36.23
C ARG C 512 32.73 7.20 36.32
N ARG C 513 32.45 6.03 35.76
CA ARG C 513 33.41 4.97 35.72
C ARG C 513 34.55 5.21 34.77
N GLY C 514 34.50 6.28 33.98
CA GLY C 514 35.50 6.46 32.92
C GLY C 514 35.36 5.56 31.69
N VAL C 515 34.23 4.92 31.51
CA VAL C 515 34.07 3.92 30.46
C VAL C 515 33.64 4.54 29.10
N ILE C 516 32.88 5.62 29.13
CA ILE C 516 32.31 6.14 27.87
C ILE C 516 32.56 7.62 27.73
N ASP C 517 32.50 8.10 26.47
CA ASP C 517 32.49 9.50 26.16
C ASP C 517 31.05 9.94 25.99
N PRO C 518 30.53 10.73 26.92
CA PRO C 518 29.12 11.13 26.86
C PRO C 518 28.72 12.00 25.66
N ALA C 519 29.68 12.55 24.92
CA ALA C 519 29.42 13.25 23.67
C ALA C 519 29.31 12.28 22.52
N ARG C 520 29.56 11.00 22.73
CA ARG C 520 29.39 10.04 21.64
C ARG C 520 28.45 8.85 21.99
N VAL C 521 27.20 9.18 22.27
CA VAL C 521 26.19 8.21 22.64
C VAL C 521 25.14 8.08 21.57
N GLY C 522 24.99 6.84 21.12
CA GLY C 522 24.00 6.44 20.16
C GLY C 522 22.83 5.75 20.81
N LEU C 523 21.67 5.91 20.22
CA LEU C 523 20.47 5.29 20.75
C LEU C 523 19.70 4.55 19.67
N THR C 524 19.22 3.35 19.98
CA THR C 524 18.42 2.57 19.04
C THR C 524 17.09 2.27 19.67
N GLY C 525 16.10 2.00 18.85
CA GLY C 525 14.87 1.48 19.36
C GLY C 525 13.97 0.86 18.32
N LEU C 526 13.21 -0.10 18.81
CA LEU C 526 12.14 -0.75 18.09
C LEU C 526 10.93 -0.87 19.04
N ALA C 527 9.76 -0.70 18.49
CA ALA C 527 8.50 -0.78 19.26
C ALA C 527 8.48 0.25 20.36
N ASP C 528 8.33 -0.15 21.62
CA ASP C 528 8.23 0.83 22.68
C ASP C 528 9.56 1.60 22.73
N GLY C 529 10.68 0.98 22.32
CA GLY C 529 11.96 1.64 22.27
C GLY C 529 12.02 2.68 21.19
N ALA C 530 11.27 2.50 20.13
CA ALA C 530 11.22 3.56 19.09
C ALA C 530 10.61 4.82 19.66
N THR C 531 9.54 4.65 20.42
CA THR C 531 8.89 5.80 21.06
C THR C 531 9.93 6.58 21.97
N THR C 532 10.73 5.82 22.69
CA THR C 532 11.72 6.41 23.55
C THR C 532 12.72 7.11 22.68
N VAL C 533 13.06 6.56 21.52
CA VAL C 533 13.98 7.32 20.64
C VAL C 533 13.41 8.70 20.22
N HIS C 534 12.14 8.73 19.83
CA HIS C 534 11.59 9.94 19.29
C HIS C 534 11.53 10.96 20.42
N PHE C 535 11.01 10.53 21.55
CA PHE C 535 10.94 11.36 22.77
C PHE C 535 12.34 11.86 23.19
N GLY C 536 13.31 10.98 23.12
CA GLY C 536 14.66 11.32 23.56
C GLY C 536 15.33 12.33 22.66
N LEU C 537 15.09 12.26 21.36
CA LEU C 537 15.76 13.15 20.45
C LEU C 537 15.17 14.55 20.59
N ILE C 538 13.93 14.67 21.00
CA ILE C 538 13.30 15.99 21.10
C ILE C 538 13.49 16.60 22.49
N ASN C 539 13.52 15.80 23.55
CA ASN C 539 13.55 16.32 24.89
C ASN C 539 14.92 16.22 25.60
N SER C 540 15.96 15.96 24.84
CA SER C 540 17.33 15.97 25.39
C SER C 540 18.32 16.20 24.28
N HIS C 541 19.54 16.57 24.65
CA HIS C 541 20.67 16.65 23.72
C HIS C 541 21.72 15.63 24.08
N ARG C 542 21.28 14.55 24.71
CA ARG C 542 22.19 13.49 25.15
C ARG C 542 22.66 12.57 24.01
N PHE C 543 22.02 12.61 22.85
CA PHE C 543 22.31 11.57 21.84
C PHE C 543 22.95 12.14 20.59
N ALA C 544 24.09 11.62 20.19
CA ALA C 544 24.76 12.13 19.01
C ALA C 544 24.35 11.39 17.71
N ALA C 545 23.65 10.27 17.82
CA ALA C 545 23.16 9.56 16.64
C ALA C 545 22.08 8.58 17.09
N ALA C 546 21.16 8.25 16.17
CA ALA C 546 20.10 7.32 16.50
C ALA C 546 19.69 6.46 15.30
N VAL C 547 19.19 5.27 15.62
CA VAL C 547 18.56 4.37 14.70
C VAL C 547 17.23 3.96 15.28
N THR C 548 16.21 3.91 14.44
CA THR C 548 14.87 3.40 14.84
C THR C 548 14.30 2.50 13.75
N SER C 549 13.43 1.55 14.10
CA SER C 549 12.86 0.67 13.11
C SER C 549 11.60 1.25 12.53
N SER C 550 11.04 2.25 13.19
CA SER C 550 9.79 2.84 12.79
C SER C 550 9.70 4.32 13.15
N CYS C 551 8.81 5.00 12.45
CA CYS C 551 8.47 6.37 12.77
C CYS C 551 7.02 6.55 12.25
N CYS C 552 6.21 7.40 12.84
CA CYS C 552 6.61 8.34 13.90
C CYS C 552 5.64 8.28 15.08
N THR C 553 6.00 8.95 16.16
CA THR C 553 5.12 9.06 17.29
C THR C 553 4.44 10.41 17.13
N ASP C 554 3.37 10.40 16.32
CA ASP C 554 2.70 11.63 15.92
C ASP C 554 1.26 11.34 15.59
N SER C 555 0.43 12.38 15.44
N SER C 555 0.49 12.43 15.41
CA SER C 555 -0.99 12.17 15.15
CA SER C 555 -0.92 12.36 15.08
C SER C 555 -1.19 11.52 13.80
C SER C 555 -1.17 11.57 13.83
N PHE C 556 -0.36 11.83 12.82
CA PHE C 556 -0.52 11.15 11.52
C PHE C 556 -0.45 9.63 11.71
N THR C 557 0.59 9.16 12.39
CA THR C 557 0.77 7.73 12.54
C THR C 557 -0.30 7.12 13.41
N ALA C 558 -0.62 7.78 14.49
CA ALA C 558 -1.50 7.20 15.50
C ALA C 558 -3.00 7.36 15.20
N SER C 559 -3.36 8.42 14.49
CA SER C 559 -4.71 8.71 14.16
C SER C 559 -4.99 8.30 12.67
N VAL C 560 -4.36 8.97 11.72
CA VAL C 560 -4.67 8.77 10.32
C VAL C 560 -4.34 7.33 9.83
N MET C 561 -3.12 6.87 10.06
CA MET C 561 -2.68 5.60 9.48
C MET C 561 -3.19 4.35 10.18
N ASN C 562 -3.68 4.51 11.38
CA ASN C 562 -4.34 3.44 12.08
C ASN C 562 -5.74 3.16 11.65
N GLY C 563 -6.41 4.11 11.02
CA GLY C 563 -7.81 3.99 10.72
C GLY C 563 -8.66 4.21 11.94
N PRO C 564 -9.95 4.38 11.74
CA PRO C 564 -10.77 4.92 12.83
C PRO C 564 -10.95 4.00 14.02
N ARG C 565 -10.94 2.70 13.80
CA ARG C 565 -11.13 1.73 14.86
C ARG C 565 -9.99 1.78 15.86
N ILE C 566 -8.78 1.55 15.39
CA ILE C 566 -7.64 1.52 16.29
C ILE C 566 -7.38 2.94 16.84
N SER C 567 -7.53 3.95 16.01
CA SER C 567 -7.33 5.38 16.45
C SER C 567 -8.23 5.72 17.62
N GLY C 568 -9.50 5.38 17.48
CA GLY C 568 -10.45 5.56 18.57
C GLY C 568 -10.13 4.76 19.83
N ALA C 569 -9.72 3.50 19.66
CA ALA C 569 -9.42 2.64 20.83
C ALA C 569 -8.18 3.11 21.58
N LEU C 570 -7.24 3.79 20.93
CA LEU C 570 -6.00 4.13 21.59
C LEU C 570 -6.16 5.24 22.60
N LYS C 571 -7.20 6.05 22.40
CA LYS C 571 -7.50 7.17 23.26
C LYS C 571 -7.63 6.71 24.72
N ALA C 572 -8.22 5.56 24.99
CA ALA C 572 -8.36 5.08 26.35
C ALA C 572 -7.00 4.69 26.97
N TYR C 573 -5.98 4.48 26.13
CA TYR C 573 -4.61 4.16 26.60
C TYR C 573 -3.79 5.38 26.91
N GLY C 574 -4.39 6.54 26.69
CA GLY C 574 -3.74 7.82 26.90
C GLY C 574 -3.01 8.33 25.67
N ILE C 575 -3.23 7.70 24.50
CA ILE C 575 -2.68 8.23 23.26
C ILE C 575 -3.72 9.18 22.61
N GLU C 576 -3.38 10.47 22.49
CA GLU C 576 -4.40 11.50 22.27
C GLU C 576 -4.70 11.68 20.80
N THR C 577 -5.33 10.67 20.23
CA THR C 577 -5.56 10.65 18.76
C THR C 577 -6.64 11.69 18.25
N ASP C 578 -7.39 12.27 19.16
CA ASP C 578 -8.31 13.38 18.85
C ASP C 578 -7.64 14.76 19.01
N GLN C 579 -6.38 14.84 19.49
CA GLN C 579 -5.68 16.12 19.60
C GLN C 579 -4.81 16.38 18.38
N ALA C 580 -4.67 17.67 18.10
CA ALA C 580 -3.82 18.15 17.03
C ALA C 580 -2.32 17.88 17.35
N ASP C 581 -1.56 17.69 16.29
CA ASP C 581 -0.12 17.47 16.33
C ASP C 581 0.62 18.62 16.98
N ASP C 582 0.09 19.86 16.78
CA ASP C 582 0.74 21.07 17.31
C ASP C 582 0.15 21.50 18.66
N GLY C 583 -0.50 20.56 19.34
CA GLY C 583 -0.94 20.69 20.73
C GLY C 583 0.13 20.19 21.71
N PRO C 584 -0.07 20.43 22.99
CA PRO C 584 0.92 20.07 24.00
C PRO C 584 1.28 18.56 24.10
N PHE C 585 0.33 17.64 23.87
CA PHE C 585 0.64 16.21 23.82
C PHE C 585 1.59 15.84 22.71
N TRP C 586 1.27 16.09 21.44
CA TRP C 586 2.10 15.62 20.36
C TRP C 586 3.38 16.44 20.20
N ALA C 587 3.40 17.64 20.75
CA ALA C 587 4.58 18.49 20.67
C ALA C 587 5.80 17.85 21.30
N ALA C 588 5.60 16.93 22.24
CA ALA C 588 6.73 16.26 22.84
C ALA C 588 7.40 15.23 21.97
N THR C 589 6.73 14.79 20.91
CA THR C 589 7.24 13.67 20.10
C THR C 589 7.15 13.79 18.57
N SER C 590 6.33 14.68 18.02
CA SER C 590 6.15 14.76 16.60
C SER C 590 7.33 15.32 15.92
N PHE C 591 7.84 14.61 14.91
CA PHE C 591 8.91 15.14 14.11
C PHE C 591 8.47 16.24 13.15
N VAL C 592 7.21 16.27 12.75
CA VAL C 592 6.72 17.33 11.88
C VAL C 592 6.81 18.67 12.67
N VAL C 593 6.27 18.70 13.88
CA VAL C 593 6.29 19.88 14.75
C VAL C 593 7.72 20.30 15.11
N ASN C 594 8.59 19.35 15.39
CA ASN C 594 9.91 19.69 15.93
C ASN C 594 11.03 19.61 14.92
N ALA C 595 10.69 19.51 13.66
CA ALA C 595 11.71 19.18 12.68
C ALA C 595 12.89 20.12 12.75
N SER C 596 12.62 21.40 12.96
CA SER C 596 13.65 22.40 12.82
C SER C 596 14.62 22.37 13.98
N ARG C 597 14.27 21.73 15.09
CA ARG C 597 15.26 21.58 16.15
C ARG C 597 15.82 20.18 16.34
N LEU C 598 15.73 19.33 15.33
CA LEU C 598 16.12 17.98 15.52
C LEU C 598 17.41 17.80 14.80
N ASP C 599 18.50 18.05 15.51
CA ASP C 599 19.79 17.96 14.85
C ASP C 599 20.49 16.61 14.90
N THR C 600 20.05 15.67 15.74
CA THR C 600 20.67 14.35 15.84
C THR C 600 20.44 13.49 14.56
N PRO C 601 21.50 12.98 13.96
CA PRO C 601 21.40 12.10 12.82
C PRO C 601 20.53 10.89 13.13
N LEU C 602 19.59 10.61 12.25
CA LEU C 602 18.60 9.54 12.49
C LEU C 602 18.45 8.66 11.27
N LEU C 603 18.67 7.39 11.48
CA LEU C 603 18.46 6.38 10.47
C LEU C 603 17.22 5.61 10.81
N ILE C 604 16.31 5.50 9.87
CA ILE C 604 15.08 4.73 10.03
C ILE C 604 15.14 3.48 9.10
N GLN C 605 15.05 2.30 9.68
CA GLN C 605 15.16 1.05 8.89
C GLN C 605 13.81 0.35 9.00
N SER C 606 12.87 0.72 8.10
CA SER C 606 11.48 0.39 8.30
C SER C 606 11.02 -0.78 7.43
N ALA C 607 10.12 -1.60 7.97
CA ALA C 607 9.36 -2.48 7.12
C ALA C 607 8.51 -1.64 6.21
N ASP C 608 8.25 -2.12 5.01
CA ASP C 608 7.21 -1.53 4.14
C ASP C 608 5.84 -1.44 4.76
N GLU C 609 5.53 -2.39 5.60
CA GLU C 609 4.25 -2.40 6.30
C GLU C 609 4.15 -1.23 7.34
N GLU C 610 5.23 -0.50 7.61
CA GLU C 610 5.15 0.63 8.58
C GLU C 610 5.66 1.94 8.07
N TYR C 611 6.22 1.93 6.87
CA TYR C 611 6.91 3.12 6.39
C TYR C 611 6.06 4.31 6.09
N LEU C 612 4.80 4.10 5.76
CA LEU C 612 3.92 5.22 5.41
C LEU C 612 3.85 6.20 6.53
N GLY C 613 3.78 5.67 7.75
CA GLY C 613 3.81 6.46 8.96
C GLY C 613 4.96 7.42 9.06
N ALA C 614 6.07 7.07 8.44
CA ALA C 614 7.26 7.87 8.63
C ALA C 614 7.31 9.08 7.70
N LEU C 615 6.49 9.05 6.66
CA LEU C 615 6.72 9.93 5.53
C LEU C 615 6.49 11.42 5.85
N PRO C 616 5.42 11.81 6.52
CA PRO C 616 5.37 13.25 6.84
C PRO C 616 6.56 13.75 7.68
N GLY C 617 6.85 13.05 8.76
CA GLY C 617 8.05 13.38 9.58
C GLY C 617 9.33 13.46 8.76
N PHE C 618 9.56 12.41 7.95
CA PHE C 618 10.76 12.35 7.14
C PHE C 618 10.82 13.56 6.23
N THR C 619 9.72 13.87 5.60
CA THR C 619 9.71 14.95 4.65
C THR C 619 9.90 16.31 5.33
N ALA C 620 9.32 16.53 6.51
CA ALA C 620 9.58 17.79 7.26
C ALA C 620 11.05 17.93 7.65
N LEU C 621 11.66 16.82 8.05
CA LEU C 621 13.09 16.83 8.42
C LEU C 621 13.97 17.15 7.22
N GLN C 622 13.72 16.55 6.05
CA GLN C 622 14.51 16.85 4.83
C GLN C 622 14.34 18.33 4.42
N GLN C 623 13.10 18.82 4.40
CA GLN C 623 12.80 20.24 4.08
C GLN C 623 13.57 21.17 5.08
N ALA C 624 13.66 20.78 6.36
CA ALA C 624 14.43 21.53 7.32
C ALA C 624 15.94 21.22 7.28
N ARG C 625 16.40 20.44 6.30
CA ARG C 625 17.80 20.12 6.14
C ARG C 625 18.48 19.39 7.33
N LYS C 626 17.79 18.42 7.90
CA LYS C 626 18.31 17.59 8.99
C LYS C 626 18.80 16.27 8.48
N PRO C 627 19.76 15.70 9.16
CA PRO C 627 20.42 14.45 8.71
C PRO C 627 19.57 13.22 9.05
N VAL C 628 18.68 12.86 8.13
CA VAL C 628 17.81 11.72 8.29
C VAL C 628 17.87 10.86 7.05
N GLU C 629 17.77 9.55 7.23
CA GLU C 629 17.72 8.60 6.10
C GLU C 629 16.70 7.54 6.45
N LEU C 630 15.98 7.12 5.43
CA LEU C 630 14.98 6.09 5.58
C LEU C 630 15.31 4.95 4.62
N ILE C 631 15.24 3.73 5.16
CA ILE C 631 15.44 2.53 4.38
C ILE C 631 14.17 1.74 4.46
N ILE C 632 13.77 1.14 3.36
CA ILE C 632 12.55 0.38 3.32
C ILE C 632 12.82 -1.08 2.95
N TYR C 633 12.24 -2.01 3.70
CA TYR C 633 12.38 -3.43 3.43
C TYR C 633 11.07 -4.09 3.00
N PRO C 634 11.09 -4.85 1.89
CA PRO C 634 9.82 -5.38 1.35
C PRO C 634 9.29 -6.61 2.07
N ASN C 635 7.96 -6.69 2.14
CA ASN C 635 7.26 -7.82 2.74
C ASN C 635 7.75 -8.11 4.15
N GLU C 636 7.82 -7.06 4.96
CA GLU C 636 8.31 -7.20 6.31
C GLU C 636 7.29 -6.73 7.29
N HIS C 637 7.57 -6.92 8.57
CA HIS C 637 6.61 -6.66 9.59
C HIS C 637 7.31 -5.85 10.69
N HIS C 638 6.49 -5.45 11.64
CA HIS C 638 6.90 -4.70 12.80
C HIS C 638 8.22 -5.24 13.40
N VAL C 639 8.30 -6.55 13.54
CA VAL C 639 9.54 -7.27 13.80
C VAL C 639 9.92 -7.96 12.49
N LYS C 640 11.18 -7.85 12.06
CA LYS C 640 11.56 -8.38 10.78
C LYS C 640 11.81 -9.86 10.84
N TRP C 641 11.52 -10.55 9.76
CA TRP C 641 11.56 -11.99 9.75
C TRP C 641 12.54 -12.59 8.69
N GLN C 642 12.92 -11.82 7.68
CA GLN C 642 13.76 -12.40 6.63
C GLN C 642 15.22 -12.22 7.02
N PRO C 643 15.97 -13.31 7.04
CA PRO C 643 17.34 -13.26 7.48
C PRO C 643 18.24 -12.30 6.73
N ALA C 644 18.11 -12.20 5.41
CA ALA C 644 18.98 -11.27 4.67
C ALA C 644 18.71 -9.85 5.11
N HIS C 645 17.44 -9.57 5.38
CA HIS C 645 17.08 -8.24 5.87
C HIS C 645 17.70 -7.95 7.22
N ARG C 646 17.60 -8.91 8.13
CA ARG C 646 18.13 -8.72 9.45
C ARG C 646 19.65 -8.48 9.35
N LEU C 647 20.35 -9.26 8.52
CA LEU C 647 21.79 -9.09 8.42
C LEU C 647 22.13 -7.71 7.88
N ALA C 648 21.34 -7.26 6.92
CA ALA C 648 21.55 -5.97 6.34
C ALA C 648 21.26 -4.87 7.34
N VAL C 649 20.25 -5.05 8.19
CA VAL C 649 19.96 -4.08 9.22
C VAL C 649 21.17 -3.99 10.16
N TYR C 650 21.63 -5.13 10.64
CA TYR C 650 22.73 -5.21 11.58
C TYR C 650 23.89 -4.41 10.98
N ASN C 651 24.24 -4.69 9.73
CA ASN C 651 25.44 -4.10 9.15
C ASN C 651 25.31 -2.57 8.93
N ARG C 652 24.15 -2.12 8.52
CA ARG C 652 24.04 -0.75 8.27
C ARG C 652 23.99 0.02 9.61
N THR C 653 23.40 -0.58 10.62
CA THR C 653 23.37 0.07 11.88
C THR C 653 24.80 0.22 12.43
N ILE C 654 25.62 -0.80 12.30
CA ILE C 654 27.02 -0.72 12.74
C ILE C 654 27.76 0.35 11.90
N ASP C 655 27.58 0.35 10.58
CA ASP C 655 28.27 1.36 9.79
C ASP C 655 27.84 2.76 10.22
N TRP C 656 26.55 2.92 10.52
CA TRP C 656 25.99 4.22 10.85
C TRP C 656 26.64 4.75 12.11
N PHE C 657 26.68 3.94 13.14
CA PHE C 657 27.33 4.36 14.36
C PHE C 657 28.84 4.57 14.22
N ARG C 658 29.51 3.76 13.43
CA ARG C 658 30.93 3.97 13.25
C ARG C 658 31.16 5.33 12.55
N PHE C 659 30.29 5.67 11.61
CA PHE C 659 30.41 6.90 10.86
C PHE C 659 30.19 8.11 11.77
N TRP C 660 29.12 8.12 12.57
CA TRP C 660 28.82 9.32 13.32
C TRP C 660 29.52 9.36 14.67
N LEU C 661 29.80 8.21 15.26
CA LEU C 661 30.39 8.18 16.62
C LEU C 661 31.87 7.91 16.62
N MET C 662 32.42 7.34 15.57
CA MET C 662 33.87 7.11 15.50
C MET C 662 34.47 7.88 14.35
N ASP C 663 33.67 8.54 13.50
CA ASP C 663 34.19 9.22 12.27
C ASP C 663 34.95 8.29 11.37
N GLN C 664 34.48 7.05 11.29
CA GLN C 664 35.11 6.01 10.47
C GLN C 664 34.17 5.47 9.43
N SER C 665 34.74 5.15 8.29
CA SER C 665 34.01 4.48 7.22
C SER C 665 34.80 3.30 6.75
N ASP C 666 34.10 2.26 6.34
CA ASP C 666 34.69 1.07 5.73
C ASP C 666 34.83 1.39 4.24
N PRO C 667 36.06 1.29 3.66
CA PRO C 667 36.28 1.64 2.24
C PRO C 667 35.83 0.62 1.16
N ALA C 668 35.23 -0.50 1.55
CA ALA C 668 34.66 -1.45 0.59
C ALA C 668 33.84 -0.77 -0.53
N PRO C 669 34.09 -1.14 -1.82
CA PRO C 669 33.51 -0.29 -2.86
C PRO C 669 32.01 -0.40 -2.93
N ASP C 670 31.45 -1.53 -2.50
CA ASP C 670 29.99 -1.61 -2.51
C ASP C 670 29.34 -0.72 -1.43
N LYS C 671 30.14 -0.02 -0.59
CA LYS C 671 29.61 0.91 0.40
C LYS C 671 29.82 2.35 0.04
N ALA C 672 30.46 2.57 -1.11
CA ALA C 672 30.86 3.92 -1.49
C ALA C 672 29.66 4.84 -1.63
N ALA C 673 28.59 4.34 -2.22
CA ALA C 673 27.41 5.20 -2.41
C ALA C 673 26.75 5.54 -1.05
N GLN C 674 26.77 4.60 -0.13
CA GLN C 674 26.21 4.84 1.18
C GLN C 674 26.97 5.98 1.85
N TYR C 675 28.29 5.94 1.82
CA TYR C 675 29.07 7.00 2.44
C TYR C 675 29.01 8.31 1.71
N ASP C 676 28.81 8.29 0.38
CA ASP C 676 28.45 9.54 -0.30
C ASP C 676 27.19 10.17 0.31
N ARG C 677 26.13 9.38 0.47
CA ARG C 677 24.89 9.93 1.04
C ARG C 677 25.15 10.44 2.42
N TRP C 678 25.89 9.71 3.23
CA TRP C 678 26.05 10.11 4.63
C TRP C 678 26.98 11.31 4.79
N ARG C 679 27.97 11.42 3.92
CA ARG C 679 28.81 12.65 3.90
C ARG C 679 27.95 13.82 3.53
N ALA C 680 27.01 13.63 2.61
CA ALA C 680 26.09 14.74 2.27
C ALA C 680 25.18 15.09 3.42
N LEU C 681 24.74 14.09 4.19
CA LEU C 681 23.94 14.42 5.40
C LEU C 681 24.78 15.23 6.40
N ARG C 682 26.02 14.81 6.57
CA ARG C 682 26.92 15.45 7.54
C ARG C 682 27.23 16.91 7.13
N ALA C 683 27.31 17.17 5.83
CA ALA C 683 27.60 18.49 5.33
C ALA C 683 26.44 19.44 5.53
N LEU C 684 25.21 18.92 5.70
CA LEU C 684 24.05 19.77 5.94
C LEU C 684 24.23 20.51 7.21
N ARG C 685 24.91 19.90 8.16
CA ARG C 685 25.01 20.42 9.52
C ARG C 685 25.82 21.71 9.64
N GLN C 686 26.31 22.24 8.53
CA GLN C 686 26.58 23.69 8.45
C GLN C 686 25.27 24.50 8.49
N GLY D 1 5.91 -4.92 20.16
CA GLY D 1 6.95 -5.92 20.41
C GLY D 1 6.58 -7.22 19.72
N PRO D 2 7.44 -8.25 19.85
CA PRO D 2 7.23 -9.55 19.17
C PRO D 2 6.09 -10.36 19.77
N THR D 3 5.91 -10.26 21.07
CA THR D 3 4.97 -11.10 21.80
C THR D 3 3.62 -10.34 22.04
N PRO D 4 2.52 -10.83 21.40
CA PRO D 4 1.27 -10.06 21.44
C PRO D 4 0.40 -10.28 22.71
N MET D 5 0.72 -9.60 23.82
CA MET D 5 -0.04 -9.74 25.06
C MET D 5 -0.55 -8.39 25.67
N VAL D 6 0.12 -7.88 26.72
CA VAL D 6 -0.34 -6.71 27.51
C VAL D 6 0.49 -5.43 27.22
N GLY D 7 -0.23 -4.30 27.06
CA GLY D 7 0.40 -3.01 26.76
C GLY D 7 0.53 -2.74 25.25
N LEU D 8 0.97 -1.52 24.94
CA LEU D 8 1.27 -1.08 23.58
C LEU D 8 2.74 -1.25 23.18
N ASP D 9 2.95 -1.91 22.04
CA ASP D 9 4.20 -1.89 21.28
C ASP D 9 4.13 -0.76 20.26
N SER D 10 4.54 0.43 20.65
CA SER D 10 4.39 1.63 19.78
C SER D 10 2.91 2.01 19.60
N VAL D 11 2.62 2.85 18.60
CA VAL D 11 1.30 3.45 18.46
C VAL D 11 0.54 3.00 17.17
N SER D 12 0.89 1.85 16.62
CA SER D 12 0.40 1.40 15.30
C SER D 12 -0.42 0.09 15.34
N GLY D 13 -0.81 -0.32 16.56
CA GLY D 13 -1.73 -1.42 16.73
C GLY D 13 -1.16 -2.72 17.21
N GLN D 14 0.15 -2.74 17.49
CA GLN D 14 0.76 -3.98 18.08
C GLN D 14 0.75 -3.89 19.61
N TYR D 15 0.74 -5.06 20.25
CA TYR D 15 0.69 -5.19 21.72
C TYR D 15 2.06 -5.61 22.25
N TRP D 16 2.32 -5.40 23.54
CA TRP D 16 3.60 -5.81 24.22
C TRP D 16 3.40 -6.96 25.27
N ASP D 17 4.11 -6.95 26.41
CA ASP D 17 4.20 -8.15 27.32
C ASP D 17 4.64 -7.74 28.72
N GLN D 18 3.91 -6.83 29.37
CA GLN D 18 4.41 -6.17 30.57
C GLN D 18 4.32 -7.01 31.85
#